data_4G0U
#
_entry.id   4G0U
#
_cell.length_a   80.923
_cell.length_b   175.800
_cell.length_c   93.130
_cell.angle_alpha   90.00
_cell.angle_beta   113.61
_cell.angle_gamma   90.00
#
_symmetry.space_group_name_H-M   'P 1 21 1'
#
loop_
_entity.id
_entity.type
_entity.pdbx_description
1 polymer 'DNA topoisomerase 2-beta'
2 polymer "DNA (5'-D(P*AP*GP*CP*CP*GP*AP*GP*C)-3')"
3 polymer "DNA (5'-D(P*TP*GP*CP*AP*GP*CP*TP*CP*GP*GP*CP*T)-3')"
4 non-polymer 'MAGNESIUM ION'
5 non-polymer N-[4-(acridin-9-ylamino)-3-methoxyphenyl]methanesulfonamide
6 water water
#
loop_
_entity_poly.entity_id
_entity_poly.type
_entity_poly.pdbx_seq_one_letter_code
_entity_poly.pdbx_strand_id
1 'polypeptide(L)'
;MASWSHPQFEKGADDDDKVPDPTSVDSVKYSKIKGIPKLDDANDAGGKHSLECTLILTEGDSAKSLAVSGLGVIGRDRYG
VFPLRGKILNVREASHKQIMENAEINNIIKIVGLQYKKSYDDAESLKTLRYGKIMIMTDQDQDGSHIKGLLINFIHHNWP
SLLKHGFLEEFITPIVKASKNKQELSFYSIPEFDEWKKHIENQKAWKIKYYKGLGTSTAKEAKEYFADMERHRILFRYAG
PEDDAAITLAFSKKKIDDRKEWLTNFMEDRRQRRLHGLPEQFLYGTATKHLTYNDFINKELILFSNSDNERSIPSLVDGF
KPGQRKVLFTCFKRNDKREVKVAQLAGSVAEMSAYHHGEQALMMTIVNLAQNFVGSNNINLLQPIGQFGTRLHGGKDAAS
PRYIFTMLSTLARLLFPAVDDNLLKFLYDDNQRVEPEWYIPIIPMVLINGAEGIGTGWACKLPNYDAREIVNNVRRMLDG
LDPHPMLPNYKNFKGTIQELGQNQYAVSGEIFVVDRNTVEITELPVRTWTQVYKEQVLEPMLNGTDKTPALISDYKEYHT
DTTVKFVVKMTEEKLAQAEAAGLHKVFKLQTTLTCNSMVLFDHMGCLKKYETVQDILKEFFDLRLSYYGLRKEWLVGMLG
AESTKLNNQARFILEKIQGKITIENRSKKDLIQMLVQRGYESDPVKAWKEAQEKAAEEDETQNQHDDSSSDSGTPSGPDF
NYILNMSLWSLTKEKVEELIKQRDAKGREVNDLKRKSPSDLWKEDLAAFVEELDKVESQEREDGAPGFSSISAHHHHHHH
HHH
;
A,B
2 'polydeoxyribonucleotide' (DA)(DG)(DC)(DC)(DG)(DA)(DG)(DC) C,E
3 'polydeoxyribonucleotide' (DT)(DG)(DC)(DA)(DG)(DC)(DT)(DC)(DG)(DG)(DC)(DT) D,F
#
# COMPACT_ATOMS: atom_id res chain seq x y z
N PRO A 37 -9.00 9.49 21.43
CA PRO A 37 -10.22 8.66 21.36
C PRO A 37 -11.43 9.37 21.97
N LYS A 38 -12.48 9.57 21.18
CA LYS A 38 -13.63 10.33 21.63
C LYS A 38 -14.74 9.43 22.13
N LEU A 39 -15.25 9.75 23.33
CA LEU A 39 -16.48 9.16 23.83
C LEU A 39 -17.69 9.84 23.21
N ASP A 40 -18.76 9.08 23.01
CA ASP A 40 -20.08 9.64 22.69
C ASP A 40 -21.01 9.24 23.82
N ASP A 41 -21.04 10.03 24.88
CA ASP A 41 -21.80 9.67 26.07
C ASP A 41 -23.29 9.60 25.77
N ALA A 42 -23.95 8.62 26.37
CA ALA A 42 -25.41 8.51 26.32
C ALA A 42 -26.04 9.72 27.01
N ASN A 43 -27.14 10.20 26.45
CA ASN A 43 -27.80 11.41 26.98
C ASN A 43 -28.24 11.24 28.43
N ASP A 44 -28.66 10.04 28.80
CA ASP A 44 -29.12 9.79 30.17
C ASP A 44 -28.02 9.24 31.04
N ALA A 45 -26.78 9.25 30.56
CA ALA A 45 -25.70 8.64 31.34
C ALA A 45 -25.34 9.51 32.52
N GLY A 46 -25.14 8.89 33.69
CA GLY A 46 -24.66 9.60 34.85
C GLY A 46 -25.76 10.11 35.75
N GLY A 47 -26.97 10.15 35.20
CA GLY A 47 -28.13 10.65 35.91
C GLY A 47 -28.87 9.56 36.68
N LYS A 48 -30.18 9.46 36.45
CA LYS A 48 -31.03 8.60 37.27
C LYS A 48 -31.39 7.32 36.53
N HIS A 49 -31.26 7.34 35.21
CA HIS A 49 -31.42 6.14 34.41
C HIS A 49 -30.06 5.50 34.05
N SER A 50 -29.06 5.79 34.88
CA SER A 50 -27.72 5.24 34.72
C SER A 50 -27.68 3.75 34.44
N LEU A 51 -28.44 2.97 35.22
CA LEU A 51 -28.45 1.53 35.07
C LEU A 51 -29.21 1.05 33.86
N GLU A 52 -29.99 1.95 33.26
CA GLU A 52 -30.75 1.59 32.06
C GLU A 52 -29.84 1.71 30.85
N CYS A 53 -28.70 2.38 31.04
CA CYS A 53 -27.79 2.72 29.97
C CYS A 53 -26.71 1.68 29.68
N THR A 54 -26.17 1.74 28.47
CA THR A 54 -25.27 0.72 27.97
C THR A 54 -24.12 1.37 27.23
N LEU A 55 -22.89 1.14 27.69
CA LEU A 55 -21.70 1.63 27.00
C LEU A 55 -21.20 0.62 25.98
N ILE A 56 -21.30 0.96 24.69
CA ILE A 56 -20.79 0.11 23.63
C ILE A 56 -19.30 0.37 23.38
N LEU A 57 -18.48 -0.62 23.70
CA LEU A 57 -17.05 -0.56 23.43
C LEU A 57 -16.79 -1.22 22.09
N THR A 58 -16.14 -0.49 21.18
CA THR A 58 -15.88 -1.05 19.85
C THR A 58 -14.40 -1.25 19.57
N GLU A 59 -14.14 -2.10 18.59
CA GLU A 59 -12.79 -2.31 18.10
C GLU A 59 -12.55 -1.35 16.93
N GLY A 60 -12.06 -0.16 17.24
CA GLY A 60 -11.71 0.78 16.19
C GLY A 60 -12.75 1.84 15.91
N ASP A 61 -12.30 2.99 15.41
CA ASP A 61 -13.16 4.16 15.19
C ASP A 61 -14.24 3.95 14.14
N SER A 62 -13.88 3.41 12.98
CA SER A 62 -14.86 3.16 11.92
C SER A 62 -16.05 2.40 12.50
N ALA A 63 -15.76 1.47 13.41
CA ALA A 63 -16.79 0.69 14.07
C ALA A 63 -17.68 1.54 14.97
N LYS A 64 -17.06 2.44 15.73
CA LYS A 64 -17.83 3.39 16.57
C LYS A 64 -18.68 4.28 15.68
N SER A 65 -18.08 4.79 14.61
CA SER A 65 -18.77 5.55 13.57
C SER A 65 -20.02 4.81 13.09
N LEU A 66 -19.85 3.59 12.61
CA LEU A 66 -20.98 2.76 12.16
C LEU A 66 -21.99 2.48 13.29
N ALA A 67 -21.50 2.39 14.52
CA ALA A 67 -22.37 2.11 15.66
C ALA A 67 -23.16 3.35 16.06
N VAL A 68 -22.48 4.49 16.14
CA VAL A 68 -23.14 5.78 16.40
C VAL A 68 -24.18 6.05 15.32
N SER A 69 -23.82 5.72 14.08
CA SER A 69 -24.74 5.78 12.95
C SER A 69 -25.97 4.90 13.21
N GLY A 70 -25.76 3.59 13.23
CA GLY A 70 -26.84 2.63 13.40
C GLY A 70 -27.63 2.70 14.69
N LEU A 71 -27.19 3.54 15.62
CA LEU A 71 -27.94 3.74 16.86
C LEU A 71 -29.24 4.46 16.55
N GLY A 72 -29.26 5.16 15.42
CA GLY A 72 -30.40 5.97 15.07
C GLY A 72 -30.45 7.19 15.98
N VAL A 73 -31.54 7.94 15.86
CA VAL A 73 -31.72 9.19 16.58
C VAL A 73 -32.02 8.94 18.06
N ILE A 74 -32.90 7.97 18.32
CA ILE A 74 -33.36 7.64 19.67
C ILE A 74 -32.29 6.90 20.48
N GLY A 75 -31.41 6.18 19.78
CA GLY A 75 -30.33 5.45 20.41
C GLY A 75 -29.38 6.30 21.24
N ARG A 76 -29.37 7.61 21.00
CA ARG A 76 -28.45 8.50 21.68
C ARG A 76 -28.76 8.68 23.18
N ASP A 77 -29.95 8.25 23.60
CA ASP A 77 -30.37 8.45 24.97
C ASP A 77 -29.78 7.37 25.86
N ARG A 78 -29.81 6.14 25.36
CA ARG A 78 -29.54 4.97 26.18
C ARG A 78 -28.19 4.29 25.92
N TYR A 79 -27.52 4.68 24.84
CA TYR A 79 -26.28 4.01 24.45
C TYR A 79 -25.11 4.96 24.24
N GLY A 80 -23.99 4.65 24.87
CA GLY A 80 -22.74 5.32 24.59
C GLY A 80 -21.85 4.48 23.66
N VAL A 81 -20.93 5.15 22.97
CA VAL A 81 -19.98 4.45 22.12
C VAL A 81 -18.56 4.98 22.34
N PHE A 82 -17.63 4.08 22.60
CA PHE A 82 -16.22 4.44 22.82
C PHE A 82 -15.33 3.40 22.15
N PRO A 83 -14.37 3.86 21.34
CA PRO A 83 -13.55 2.89 20.61
C PRO A 83 -12.26 2.52 21.34
N LEU A 84 -11.91 1.24 21.31
CA LEU A 84 -10.59 0.78 21.70
C LEU A 84 -9.81 0.56 20.40
N ARG A 85 -8.58 1.05 20.35
CA ARG A 85 -7.81 0.98 19.10
C ARG A 85 -6.87 -0.22 19.02
N GLY A 86 -7.12 -1.25 19.83
CA GLY A 86 -6.29 -2.44 19.82
C GLY A 86 -6.17 -3.16 21.14
N LYS A 87 -5.19 -4.03 21.24
CA LYS A 87 -5.01 -4.84 22.44
C LYS A 87 -4.78 -3.98 23.67
N ILE A 88 -5.50 -4.27 24.74
CA ILE A 88 -5.35 -3.49 25.96
C ILE A 88 -4.48 -4.23 26.97
N LEU A 89 -4.21 -3.55 28.08
CA LEU A 89 -3.37 -4.08 29.15
C LEU A 89 -4.01 -5.31 29.82
N ASN A 90 -3.20 -6.35 30.07
CA ASN A 90 -3.65 -7.45 30.92
C ASN A 90 -3.43 -7.05 32.37
N VAL A 91 -4.48 -6.54 33.02
CA VAL A 91 -4.34 -5.92 34.34
C VAL A 91 -4.12 -6.90 35.50
N ARG A 92 -4.39 -8.18 35.27
CA ARG A 92 -4.31 -9.19 36.34
C ARG A 92 -2.95 -9.32 37.08
N GLU A 93 -1.84 -9.11 36.39
CA GLU A 93 -0.54 -9.09 37.07
C GLU A 93 0.34 -7.94 36.59
N ALA A 94 -0.29 -6.91 36.04
CA ALA A 94 0.42 -5.70 35.65
C ALA A 94 0.98 -5.01 36.89
N SER A 95 2.07 -4.27 36.71
CA SER A 95 2.60 -3.43 37.78
C SER A 95 1.57 -2.37 38.12
N HIS A 96 1.74 -1.77 39.30
CA HIS A 96 0.88 -0.70 39.73
C HIS A 96 0.92 0.49 38.79
N LYS A 97 2.14 0.83 38.35
CA LYS A 97 2.40 1.95 37.46
C LYS A 97 1.71 1.77 36.10
N GLN A 98 1.77 0.56 35.57
CA GLN A 98 1.08 0.23 34.33
C GLN A 98 -0.41 0.49 34.41
N ILE A 99 -1.05 -0.06 35.44
CA ILE A 99 -2.49 0.08 35.64
C ILE A 99 -2.81 1.56 35.79
N MET A 100 -1.96 2.26 36.54
CA MET A 100 -2.20 3.66 36.84
C MET A 100 -2.07 4.61 35.65
N GLU A 101 -1.20 4.30 34.70
CA GLU A 101 -0.98 5.19 33.55
C GLU A 101 -1.71 4.79 32.25
N ASN A 102 -2.37 3.63 32.26
CA ASN A 102 -3.00 3.12 31.04
C ASN A 102 -4.20 3.93 30.55
N ALA A 103 -4.12 4.42 29.32
CA ALA A 103 -5.19 5.24 28.74
C ALA A 103 -6.52 4.51 28.63
N GLU A 104 -6.50 3.26 28.18
CA GLU A 104 -7.77 2.55 27.98
C GLU A 104 -8.47 2.20 29.28
N ILE A 105 -7.74 1.57 30.20
CA ILE A 105 -8.28 1.25 31.52
C ILE A 105 -8.93 2.46 32.17
N ASN A 106 -8.14 3.51 32.37
CA ASN A 106 -8.61 4.68 33.08
C ASN A 106 -9.75 5.42 32.37
N ASN A 107 -9.79 5.35 31.04
CA ASN A 107 -10.90 5.96 30.32
C ASN A 107 -12.19 5.21 30.59
N ILE A 108 -12.10 3.88 30.57
CA ILE A 108 -13.26 3.06 30.85
C ILE A 108 -13.73 3.25 32.30
N ILE A 109 -12.77 3.37 33.22
CA ILE A 109 -13.13 3.61 34.61
C ILE A 109 -13.90 4.92 34.81
N LYS A 110 -13.37 6.01 34.26
CA LYS A 110 -14.05 7.30 34.30
C LYS A 110 -15.45 7.26 33.66
N ILE A 111 -15.54 6.73 32.44
CA ILE A 111 -16.82 6.70 31.72
C ILE A 111 -17.91 5.95 32.50
N VAL A 112 -17.56 4.87 33.16
CA VAL A 112 -18.57 4.08 33.85
C VAL A 112 -18.67 4.50 35.30
N GLY A 113 -17.66 5.23 35.77
CA GLY A 113 -17.64 5.69 37.15
C GLY A 113 -17.36 4.53 38.07
N LEU A 114 -16.47 3.66 37.63
CA LEU A 114 -16.06 2.52 38.43
C LEU A 114 -15.07 2.98 39.49
N GLN A 115 -15.00 2.27 40.60
CA GLN A 115 -14.07 2.63 41.66
C GLN A 115 -13.36 1.39 42.16
N TYR A 116 -12.03 1.44 42.20
CA TYR A 116 -11.27 0.29 42.66
C TYR A 116 -11.66 -0.12 44.09
N LYS A 117 -11.45 -1.40 44.40
CA LYS A 117 -11.71 -1.99 45.73
C LYS A 117 -13.20 -2.01 46.16
N LYS A 118 -13.98 -1.02 45.73
CA LYS A 118 -15.42 -0.97 45.96
C LYS A 118 -16.19 -2.22 45.50
N SER A 119 -16.84 -2.88 46.44
CA SER A 119 -17.61 -4.07 46.13
C SER A 119 -19.00 -3.67 45.65
N TYR A 120 -19.49 -4.36 44.62
CA TYR A 120 -20.83 -4.09 44.12
C TYR A 120 -21.72 -5.32 44.37
N ASP A 121 -22.04 -5.56 45.63
CA ASP A 121 -22.82 -6.73 46.05
C ASP A 121 -24.31 -6.41 46.00
N ASP A 122 -24.69 -5.25 46.49
CA ASP A 122 -26.10 -4.95 46.70
C ASP A 122 -26.66 -3.92 45.72
N ALA A 123 -27.90 -3.50 45.96
CA ALA A 123 -28.56 -2.51 45.12
C ALA A 123 -27.91 -1.15 45.27
N GLU A 124 -27.74 -0.73 46.53
CA GLU A 124 -27.17 0.57 46.85
C GLU A 124 -25.88 0.86 46.10
N SER A 125 -24.95 -0.08 46.17
CA SER A 125 -23.63 0.06 45.56
C SER A 125 -23.66 0.44 44.08
N LEU A 126 -24.67 -0.05 43.37
CA LEU A 126 -24.77 0.15 41.91
C LEU A 126 -25.22 1.55 41.49
N LYS A 127 -25.53 2.40 42.46
CA LYS A 127 -26.09 3.73 42.13
C LYS A 127 -25.03 4.67 41.55
N THR A 128 -23.78 4.49 42.00
CA THR A 128 -22.68 5.34 41.54
C THR A 128 -22.28 5.16 40.07
N LEU A 129 -22.50 3.98 39.51
CA LEU A 129 -22.19 3.73 38.11
C LEU A 129 -23.01 4.60 37.16
N ARG A 130 -22.34 5.11 36.11
CA ARG A 130 -22.98 5.98 35.12
C ARG A 130 -23.59 5.14 34.02
N TYR A 131 -23.17 3.87 33.94
CA TYR A 131 -23.75 2.92 33.01
C TYR A 131 -24.08 1.65 33.76
N GLY A 132 -25.07 0.91 33.27
CA GLY A 132 -25.47 -0.32 33.92
C GLY A 132 -24.89 -1.55 33.27
N LYS A 133 -24.59 -1.45 31.98
CA LYS A 133 -24.14 -2.58 31.17
C LYS A 133 -23.00 -2.15 30.27
N ILE A 134 -22.01 -3.00 30.05
CA ILE A 134 -21.05 -2.78 28.98
C ILE A 134 -21.25 -3.79 27.87
N MET A 135 -21.47 -3.30 26.66
CA MET A 135 -21.63 -4.16 25.50
C MET A 135 -20.36 -4.12 24.68
N ILE A 136 -19.71 -5.27 24.55
CA ILE A 136 -18.48 -5.35 23.79
C ILE A 136 -18.79 -5.65 22.33
N MET A 137 -18.21 -4.86 21.43
CA MET A 137 -18.50 -5.03 20.01
C MET A 137 -17.21 -5.06 19.18
N THR A 138 -16.64 -6.25 19.03
CA THR A 138 -15.35 -6.39 18.38
C THR A 138 -15.56 -7.04 17.03
N ASP A 139 -14.52 -7.03 16.20
CA ASP A 139 -14.52 -7.82 14.96
C ASP A 139 -14.89 -9.27 15.31
N GLN A 140 -15.62 -9.93 14.42
CA GLN A 140 -15.88 -11.36 14.57
C GLN A 140 -14.72 -12.17 13.99
N ASP A 141 -13.56 -12.08 14.63
CA ASP A 141 -12.39 -12.84 14.25
C ASP A 141 -11.60 -13.10 15.53
N GLN A 142 -10.50 -13.84 15.42
CA GLN A 142 -9.82 -14.32 16.62
C GLN A 142 -9.30 -13.19 17.50
N ASP A 143 -8.71 -12.19 16.87
CA ASP A 143 -8.17 -11.05 17.63
C ASP A 143 -9.27 -10.32 18.35
N GLY A 144 -10.41 -10.20 17.68
CA GLY A 144 -11.62 -9.68 18.29
C GLY A 144 -11.87 -10.39 19.59
N SER A 145 -11.95 -11.72 19.56
CA SER A 145 -12.25 -12.47 20.76
C SER A 145 -11.25 -12.20 21.88
N HIS A 146 -10.00 -11.95 21.48
CA HIS A 146 -8.94 -11.73 22.45
C HIS A 146 -9.21 -10.42 23.20
N ILE A 147 -9.61 -9.40 22.47
CA ILE A 147 -9.96 -8.15 23.10
C ILE A 147 -11.14 -8.34 24.06
N LYS A 148 -12.14 -9.15 23.68
CA LYS A 148 -13.26 -9.47 24.59
C LYS A 148 -12.73 -10.04 25.89
N GLY A 149 -11.82 -11.00 25.76
CA GLY A 149 -11.23 -11.64 26.91
C GLY A 149 -10.45 -10.68 27.80
N LEU A 150 -9.70 -9.77 27.19
CA LEU A 150 -8.96 -8.79 27.97
C LEU A 150 -9.91 -7.90 28.74
N LEU A 151 -11.05 -7.58 28.14
CA LEU A 151 -12.06 -6.78 28.82
C LEU A 151 -12.70 -7.55 29.96
N ILE A 152 -13.03 -8.81 29.69
CA ILE A 152 -13.55 -9.67 30.74
C ILE A 152 -12.56 -9.77 31.87
N ASN A 153 -11.32 -10.10 31.52
CA ASN A 153 -10.22 -10.20 32.46
C ASN A 153 -10.16 -9.00 33.39
N PHE A 154 -10.38 -7.82 32.82
CA PHE A 154 -10.24 -6.57 33.51
C PHE A 154 -11.34 -6.39 34.57
N ILE A 155 -12.59 -6.56 34.14
CA ILE A 155 -13.72 -6.50 35.05
C ILE A 155 -13.66 -7.63 36.08
N HIS A 156 -13.35 -8.85 35.65
CA HIS A 156 -13.31 -9.99 36.56
C HIS A 156 -12.27 -9.83 37.68
N HIS A 157 -11.12 -9.23 37.35
CA HIS A 157 -10.04 -9.08 38.31
C HIS A 157 -10.38 -8.04 39.38
N ASN A 158 -10.89 -6.88 38.97
CA ASN A 158 -11.16 -5.79 39.90
C ASN A 158 -12.54 -5.82 40.54
N TRP A 159 -13.52 -6.34 39.81
CA TRP A 159 -14.90 -6.31 40.27
C TRP A 159 -15.69 -7.57 39.95
N PRO A 160 -15.29 -8.71 40.54
CA PRO A 160 -15.98 -9.99 40.29
C PRO A 160 -17.48 -9.94 40.62
N SER A 161 -17.86 -9.20 41.65
CA SER A 161 -19.26 -9.05 42.04
CA SER A 161 -19.27 -9.10 42.03
C SER A 161 -20.11 -8.52 40.89
N LEU A 162 -19.58 -7.53 40.18
CA LEU A 162 -20.26 -6.94 39.04
C LEU A 162 -20.70 -7.97 38.00
N LEU A 163 -19.93 -9.03 37.84
CA LEU A 163 -20.25 -10.06 36.86
C LEU A 163 -21.34 -11.00 37.36
N LYS A 164 -21.56 -11.01 38.67
CA LYS A 164 -22.58 -11.84 39.26
C LYS A 164 -23.96 -11.22 39.03
N HIS A 165 -23.99 -9.92 38.73
CA HIS A 165 -25.22 -9.25 38.36
C HIS A 165 -25.44 -9.22 36.85
N GLY A 166 -24.50 -9.80 36.11
CA GLY A 166 -24.53 -9.77 34.66
C GLY A 166 -24.28 -8.35 34.19
N PHE A 167 -23.02 -7.98 34.12
CA PHE A 167 -22.67 -6.61 33.79
C PHE A 167 -22.36 -6.52 32.30
N LEU A 168 -21.75 -7.60 31.79
CA LEU A 168 -21.16 -7.61 30.46
C LEU A 168 -21.99 -8.37 29.44
N GLU A 169 -21.99 -7.87 28.22
CA GLU A 169 -22.65 -8.56 27.11
C GLU A 169 -21.88 -8.31 25.81
N GLU A 170 -22.36 -8.86 24.70
CA GLU A 170 -21.68 -8.67 23.43
C GLU A 170 -22.65 -8.57 22.24
N PHE A 171 -22.16 -7.99 21.15
CA PHE A 171 -22.94 -7.86 19.92
C PHE A 171 -22.23 -8.62 18.81
N ILE A 172 -22.76 -9.77 18.41
CA ILE A 172 -22.11 -10.60 17.40
C ILE A 172 -22.47 -10.16 15.97
N THR A 173 -21.54 -10.38 15.04
CA THR A 173 -21.75 -9.96 13.65
C THR A 173 -21.60 -11.13 12.69
N GLU A 230 -31.33 -6.77 17.65
CA GLU A 230 -31.61 -7.29 18.99
C GLU A 230 -31.34 -8.78 19.12
N ARG A 231 -31.45 -9.50 18.02
CA ARG A 231 -31.07 -10.92 18.01
C ARG A 231 -29.55 -11.10 17.86
N HIS A 232 -28.79 -10.03 18.10
CA HIS A 232 -27.34 -10.06 18.04
C HIS A 232 -26.77 -9.79 19.44
N ARG A 233 -27.66 -9.69 20.42
CA ARG A 233 -27.25 -9.41 21.77
C ARG A 233 -27.09 -10.70 22.56
N ILE A 234 -25.86 -10.99 22.99
CA ILE A 234 -25.59 -12.17 23.80
C ILE A 234 -25.16 -11.70 25.17
N LEU A 235 -25.66 -12.35 26.22
CA LEU A 235 -25.32 -11.96 27.57
C LEU A 235 -24.37 -12.91 28.22
N PHE A 236 -23.30 -12.37 28.79
CA PHE A 236 -22.36 -13.19 29.54
C PHE A 236 -22.98 -13.52 30.89
N ARG A 237 -22.82 -14.77 31.30
CA ARG A 237 -23.42 -15.23 32.55
C ARG A 237 -22.34 -15.88 33.39
N TYR A 238 -22.23 -15.45 34.65
CA TYR A 238 -21.38 -16.13 35.60
C TYR A 238 -22.16 -17.30 36.21
N ALA A 239 -21.60 -18.51 36.09
CA ALA A 239 -22.31 -19.72 36.49
C ALA A 239 -21.56 -20.56 37.54
N GLY A 240 -20.59 -19.97 38.22
CA GLY A 240 -19.88 -20.69 39.25
C GLY A 240 -18.36 -20.53 39.23
N PRO A 241 -17.68 -21.26 40.13
CA PRO A 241 -16.22 -21.17 40.28
C PRO A 241 -15.47 -21.67 39.04
N GLU A 242 -16.09 -22.52 38.23
CA GLU A 242 -15.47 -22.97 36.99
C GLU A 242 -15.29 -21.81 35.99
N ASP A 243 -15.99 -20.70 36.22
CA ASP A 243 -15.79 -19.52 35.40
C ASP A 243 -14.58 -18.71 35.87
N ASP A 244 -14.30 -18.72 37.16
CA ASP A 244 -13.10 -18.07 37.66
C ASP A 244 -11.86 -18.81 37.16
N ALA A 245 -11.95 -20.14 37.12
CA ALA A 245 -10.82 -20.95 36.68
C ALA A 245 -10.53 -20.73 35.20
N ALA A 246 -11.59 -20.66 34.39
CA ALA A 246 -11.45 -20.49 32.94
C ALA A 246 -10.81 -19.17 32.54
N ILE A 247 -11.16 -18.10 33.26
CA ILE A 247 -10.61 -16.77 33.00
C ILE A 247 -9.18 -16.68 33.47
N THR A 248 -8.91 -17.32 34.61
CA THR A 248 -7.58 -17.34 35.20
C THR A 248 -6.64 -18.17 34.32
N LEU A 249 -7.16 -19.26 33.78
CA LEU A 249 -6.40 -20.13 32.90
C LEU A 249 -5.92 -19.37 31.65
N ALA A 250 -6.80 -18.53 31.11
CA ALA A 250 -6.47 -17.77 29.92
C ALA A 250 -5.54 -16.59 30.22
N PHE A 251 -5.69 -15.98 31.38
CA PHE A 251 -4.99 -14.72 31.58
C PHE A 251 -3.97 -14.62 32.73
N SER A 252 -3.84 -15.64 33.56
CA SER A 252 -2.87 -15.51 34.65
C SER A 252 -1.47 -15.85 34.21
N LYS A 253 -0.50 -15.04 34.63
CA LYS A 253 0.91 -15.30 34.34
C LYS A 253 1.38 -16.56 35.03
N LYS A 254 0.66 -16.95 36.09
CA LYS A 254 1.02 -18.10 36.89
C LYS A 254 0.57 -19.43 36.27
N LYS A 255 -0.12 -19.36 35.14
CA LYS A 255 -0.80 -20.52 34.56
C LYS A 255 -0.33 -20.94 33.15
N ILE A 256 0.94 -20.71 32.86
CA ILE A 256 1.51 -21.10 31.58
C ILE A 256 1.46 -22.63 31.35
N ASP A 257 1.76 -23.42 32.37
CA ASP A 257 1.72 -24.86 32.21
C ASP A 257 0.31 -25.37 31.93
N ASP A 258 -0.70 -24.73 32.54
CA ASP A 258 -2.10 -25.08 32.33
C ASP A 258 -2.56 -24.74 30.92
N ARG A 259 -2.11 -23.61 30.39
CA ARG A 259 -2.39 -23.28 29.00
C ARG A 259 -1.75 -24.26 28.04
N LYS A 260 -0.54 -24.71 28.37
CA LYS A 260 0.09 -25.77 27.59
C LYS A 260 -0.80 -27.01 27.51
N GLU A 261 -1.27 -27.51 28.63
CA GLU A 261 -2.18 -28.67 28.63
C GLU A 261 -3.48 -28.38 27.88
N TRP A 262 -4.05 -27.22 28.17
CA TRP A 262 -5.26 -26.70 27.54
C TRP A 262 -5.18 -26.77 26.02
N LEU A 263 -4.14 -26.15 25.47
CA LEU A 263 -3.98 -26.08 24.03
C LEU A 263 -3.61 -27.42 23.42
N THR A 264 -2.80 -28.20 24.13
CA THR A 264 -2.44 -29.54 23.71
C THR A 264 -3.71 -30.35 23.44
N ASN A 265 -4.60 -30.37 24.43
CA ASN A 265 -5.86 -31.07 24.29
C ASN A 265 -6.68 -30.60 23.09
N PHE A 266 -6.75 -29.29 22.90
CA PHE A 266 -7.47 -28.72 21.77
C PHE A 266 -6.92 -29.22 20.44
N MET A 267 -5.59 -29.25 20.35
CA MET A 267 -4.92 -29.62 19.11
C MET A 267 -5.12 -31.08 18.77
N GLU A 268 -5.10 -31.94 19.79
CA GLU A 268 -5.38 -33.37 19.59
C GLU A 268 -6.83 -33.64 19.19
N ASP A 269 -7.78 -32.97 19.87
CA ASP A 269 -9.20 -33.13 19.57
C ASP A 269 -9.57 -32.62 18.19
N ARG A 270 -8.75 -31.73 17.65
CA ARG A 270 -9.01 -31.19 16.31
C ARG A 270 -8.36 -32.09 15.29
N ARG A 271 -7.23 -32.70 15.65
CA ARG A 271 -6.49 -33.60 14.78
C ARG A 271 -7.29 -34.86 14.54
N GLN A 272 -7.88 -35.39 15.61
CA GLN A 272 -8.70 -36.59 15.52
C GLN A 272 -10.00 -36.30 14.77
N ARG A 273 -10.58 -35.13 15.06
CA ARG A 273 -11.78 -34.66 14.36
C ARG A 273 -11.55 -34.54 12.86
N ARG A 274 -10.29 -34.33 12.46
CA ARG A 274 -9.94 -34.22 11.05
C ARG A 274 -9.80 -35.60 10.37
N LEU A 275 -10.87 -36.38 10.43
CA LEU A 275 -11.04 -37.58 9.63
C LEU A 275 -12.40 -37.50 8.93
N LYS A 289 -30.16 -15.53 24.18
CA LYS A 289 -29.10 -16.52 24.38
C LYS A 289 -28.05 -16.00 25.36
N HIS A 290 -27.61 -16.90 26.24
CA HIS A 290 -26.62 -16.60 27.26
C HIS A 290 -25.35 -17.39 26.98
N LEU A 291 -24.24 -16.94 27.55
CA LEU A 291 -22.96 -17.56 27.29
C LEU A 291 -22.08 -17.46 28.52
N THR A 292 -21.84 -18.59 29.18
CA THR A 292 -20.99 -18.60 30.36
C THR A 292 -19.58 -18.23 29.99
N TYR A 293 -18.85 -17.63 30.93
CA TYR A 293 -17.46 -17.28 30.71
C TYR A 293 -16.65 -18.53 30.39
N ASN A 294 -16.91 -19.59 31.14
CA ASN A 294 -16.32 -20.89 30.87
C ASN A 294 -16.44 -21.31 29.40
N ASP A 295 -17.62 -21.16 28.82
CA ASP A 295 -17.82 -21.52 27.43
C ASP A 295 -17.15 -20.53 26.47
N PHE A 296 -17.05 -19.27 26.90
CA PHE A 296 -16.39 -18.28 26.09
C PHE A 296 -14.92 -18.64 25.93
N ILE A 297 -14.25 -18.80 27.07
CA ILE A 297 -12.84 -19.18 27.10
C ILE A 297 -12.54 -20.47 26.34
N ASN A 298 -13.31 -21.53 26.58
CA ASN A 298 -13.02 -22.85 26.03
C ASN A 298 -13.57 -23.13 24.64
N LYS A 299 -14.41 -22.25 24.13
CA LYS A 299 -14.92 -22.46 22.78
C LYS A 299 -14.62 -21.31 21.84
N GLU A 300 -14.33 -20.14 22.38
CA GLU A 300 -14.05 -19.00 21.51
C GLU A 300 -12.63 -18.47 21.66
N LEU A 301 -12.20 -18.24 22.89
CA LEU A 301 -10.91 -17.63 23.11
C LEU A 301 -9.79 -18.55 22.70
N ILE A 302 -9.96 -19.83 23.00
CA ILE A 302 -8.98 -20.86 22.63
C ILE A 302 -8.71 -20.86 21.12
N LEU A 303 -9.67 -20.41 20.32
CA LEU A 303 -9.43 -20.32 18.89
C LEU A 303 -8.39 -19.25 18.59
N PHE A 304 -8.42 -18.14 19.34
CA PHE A 304 -7.38 -17.12 19.19
C PHE A 304 -6.03 -17.64 19.67
N SER A 305 -6.03 -18.33 20.80
CA SER A 305 -4.80 -18.79 21.41
C SER A 305 -4.09 -19.71 20.44
N ASN A 306 -4.87 -20.57 19.80
CA ASN A 306 -4.30 -21.51 18.89
C ASN A 306 -3.75 -20.81 17.65
N SER A 307 -4.53 -19.93 17.04
CA SER A 307 -4.04 -19.35 15.79
C SER A 307 -3.00 -18.25 16.05
N ASP A 308 -2.90 -17.84 17.30
CA ASP A 308 -1.80 -17.02 17.77
C ASP A 308 -0.51 -17.82 17.65
N ASN A 309 -0.56 -19.10 18.03
CA ASN A 309 0.57 -20.01 17.85
C ASN A 309 0.90 -20.21 16.37
N GLU A 310 -0.13 -20.52 15.59
CA GLU A 310 0.01 -20.74 14.17
C GLU A 310 0.66 -19.56 13.43
N ARG A 311 0.48 -18.34 13.93
CA ARG A 311 1.04 -17.20 13.22
C ARG A 311 2.38 -16.75 13.79
N SER A 312 2.67 -17.18 15.03
CA SER A 312 3.86 -16.70 15.73
C SER A 312 5.00 -17.72 15.79
N ILE A 313 4.67 -18.98 15.76
CA ILE A 313 5.67 -20.01 15.86
C ILE A 313 5.94 -20.61 14.49
N PRO A 314 7.20 -20.60 14.06
CA PRO A 314 7.56 -20.99 12.69
C PRO A 314 7.56 -22.48 12.48
N SER A 315 7.47 -22.87 11.21
CA SER A 315 7.55 -24.26 10.81
C SER A 315 8.99 -24.74 10.80
N LEU A 316 9.21 -26.00 11.14
CA LEU A 316 10.54 -26.59 11.04
C LEU A 316 11.03 -26.67 9.60
N VAL A 317 10.11 -26.87 8.68
CA VAL A 317 10.48 -27.22 7.31
C VAL A 317 11.21 -26.09 6.57
N ASP A 318 10.68 -24.87 6.65
CA ASP A 318 11.28 -23.75 5.95
C ASP A 318 11.66 -22.60 6.86
N GLY A 319 11.39 -22.74 8.15
CA GLY A 319 11.71 -21.70 9.11
C GLY A 319 10.91 -20.42 9.01
N PHE A 320 9.76 -20.50 8.34
CA PHE A 320 8.88 -19.35 8.14
C PHE A 320 7.64 -19.42 9.02
N LYS A 321 7.09 -18.26 9.38
CA LYS A 321 5.72 -18.14 9.86
C LYS A 321 4.82 -17.76 8.66
N PRO A 322 3.50 -17.96 8.77
CA PRO A 322 2.65 -17.77 7.59
C PRO A 322 2.75 -16.39 6.93
N GLY A 323 2.92 -15.33 7.70
CA GLY A 323 3.10 -14.02 7.10
C GLY A 323 4.37 -13.90 6.27
N GLN A 324 5.49 -14.38 6.84
CA GLN A 324 6.76 -14.40 6.12
C GLN A 324 6.58 -15.22 4.85
N ARG A 325 5.88 -16.34 4.97
CA ARG A 325 5.76 -17.26 3.84
C ARG A 325 4.96 -16.61 2.73
N LYS A 326 3.97 -15.80 3.10
CA LYS A 326 3.18 -15.09 2.10
C LYS A 326 4.02 -14.06 1.35
N VAL A 327 4.98 -13.47 2.06
CA VAL A 327 5.84 -12.45 1.45
C VAL A 327 6.68 -13.12 0.40
N LEU A 328 7.16 -14.31 0.71
CA LEU A 328 8.07 -15.00 -0.17
C LEU A 328 7.34 -15.45 -1.39
N PHE A 329 6.15 -15.99 -1.15
CA PHE A 329 5.30 -16.44 -2.21
C PHE A 329 5.03 -15.30 -3.21
N THR A 330 4.69 -14.13 -2.68
CA THR A 330 4.42 -12.96 -3.52
C THR A 330 5.68 -12.58 -4.31
N CYS A 331 6.82 -12.56 -3.64
CA CYS A 331 8.05 -12.17 -4.30
C CYS A 331 8.44 -13.10 -5.42
N PHE A 332 8.21 -14.41 -5.24
CA PHE A 332 8.55 -15.32 -6.31
C PHE A 332 7.64 -15.12 -7.53
N LYS A 333 6.37 -14.88 -7.28
CA LYS A 333 5.39 -14.72 -8.35
C LYS A 333 5.64 -13.44 -9.11
N ARG A 334 5.85 -12.35 -8.37
CA ARG A 334 6.14 -11.07 -8.98
C ARG A 334 7.40 -11.12 -9.82
N ASN A 335 8.45 -11.71 -9.25
CA ASN A 335 9.73 -11.88 -9.93
C ASN A 335 10.36 -10.56 -10.37
N ASP A 336 10.57 -9.65 -9.43
CA ASP A 336 11.10 -8.31 -9.72
C ASP A 336 12.58 -8.25 -10.12
N LYS A 337 12.88 -7.38 -11.07
CA LYS A 337 14.24 -7.19 -11.55
C LYS A 337 14.72 -5.81 -11.14
N ARG A 338 13.79 -5.01 -10.64
CA ARG A 338 14.08 -3.67 -10.15
C ARG A 338 13.60 -3.62 -8.70
N GLU A 339 14.12 -2.70 -7.89
CA GLU A 339 13.65 -2.58 -6.50
C GLU A 339 12.19 -2.13 -6.42
N VAL A 340 11.51 -2.54 -5.36
CA VAL A 340 10.12 -2.20 -5.12
C VAL A 340 10.02 -1.51 -3.78
N LYS A 341 9.22 -0.46 -3.68
CA LYS A 341 9.00 0.20 -2.41
C LYS A 341 8.33 -0.78 -1.43
N VAL A 342 8.84 -0.86 -0.20
CA VAL A 342 8.33 -1.84 0.76
C VAL A 342 6.83 -1.71 0.97
N ALA A 343 6.37 -0.47 1.20
CA ALA A 343 4.96 -0.22 1.46
C ALA A 343 4.11 -0.77 0.32
N GLN A 344 4.55 -0.57 -0.92
CA GLN A 344 3.84 -1.11 -2.08
C GLN A 344 3.95 -2.63 -2.12
N LEU A 345 5.11 -3.15 -1.72
CA LEU A 345 5.29 -4.60 -1.71
C LEU A 345 4.34 -5.23 -0.71
N ALA A 346 4.18 -4.60 0.45
CA ALA A 346 3.21 -5.07 1.43
C ALA A 346 1.79 -5.21 0.86
N GLY A 347 1.33 -4.19 0.14
CA GLY A 347 -0.03 -4.21 -0.36
C GLY A 347 -0.16 -5.29 -1.41
N SER A 348 0.86 -5.35 -2.25
CA SER A 348 0.96 -6.38 -3.27
C SER A 348 0.89 -7.77 -2.65
N VAL A 349 1.66 -8.01 -1.59
CA VAL A 349 1.59 -9.26 -0.82
C VAL A 349 0.19 -9.52 -0.30
N ALA A 350 -0.35 -8.57 0.47
CA ALA A 350 -1.72 -8.63 0.97
C ALA A 350 -2.73 -9.10 -0.07
N GLU A 351 -2.71 -8.47 -1.24
CA GLU A 351 -3.62 -8.80 -2.32
C GLU A 351 -3.44 -10.19 -2.93
N MET A 352 -2.19 -10.53 -3.29
CA MET A 352 -1.88 -11.80 -3.97
C MET A 352 -1.95 -13.07 -3.11
N SER A 353 -1.89 -12.90 -1.79
CA SER A 353 -1.85 -14.03 -0.87
C SER A 353 -2.98 -14.00 0.17
N ALA A 354 -3.97 -13.13 -0.03
CA ALA A 354 -5.15 -13.04 0.83
C ALA A 354 -4.79 -12.91 2.31
N TYR A 355 -4.09 -11.85 2.65
CA TYR A 355 -3.63 -11.60 4.01
C TYR A 355 -4.67 -10.74 4.70
N HIS A 356 -5.14 -11.17 5.85
CA HIS A 356 -6.31 -10.57 6.47
C HIS A 356 -6.01 -9.66 7.64
N HIS A 357 -4.78 -9.19 7.74
CA HIS A 357 -4.39 -8.33 8.84
C HIS A 357 -3.88 -6.99 8.37
N GLY A 358 -3.56 -6.11 9.32
CA GLY A 358 -3.02 -4.81 9.02
C GLY A 358 -1.77 -4.89 8.19
N GLU A 359 -1.73 -4.18 7.07
CA GLU A 359 -0.57 -4.19 6.18
C GLU A 359 0.71 -3.62 6.81
N GLN A 360 0.58 -2.84 7.87
CA GLN A 360 1.78 -2.35 8.53
C GLN A 360 2.59 -3.49 9.15
N ALA A 361 1.91 -4.56 9.54
CA ALA A 361 2.62 -5.71 10.09
C ALA A 361 3.44 -6.40 8.98
N LEU A 362 2.85 -6.55 7.80
CA LEU A 362 3.61 -7.05 6.67
C LEU A 362 4.87 -6.20 6.47
N MET A 363 4.71 -4.89 6.62
CA MET A 363 5.81 -4.00 6.30
C MET A 363 6.98 -4.27 7.23
N MET A 364 6.69 -4.51 8.50
CA MET A 364 7.75 -4.74 9.46
C MET A 364 8.39 -6.11 9.25
N THR A 365 7.57 -7.09 8.92
CA THR A 365 8.01 -8.42 8.55
C THR A 365 8.93 -8.37 7.35
N ILE A 366 8.55 -7.60 6.34
CA ILE A 366 9.41 -7.46 5.18
C ILE A 366 10.77 -6.89 5.57
N VAL A 367 10.73 -5.87 6.42
CA VAL A 367 11.95 -5.23 6.90
C VAL A 367 12.82 -6.21 7.70
N ASN A 368 12.17 -6.97 8.57
CA ASN A 368 12.83 -8.01 9.35
C ASN A 368 13.52 -9.07 8.47
N LEU A 369 12.99 -9.33 7.27
CA LEU A 369 13.56 -10.36 6.39
C LEU A 369 14.70 -9.82 5.58
N ALA A 370 14.79 -8.50 5.43
CA ALA A 370 15.84 -7.90 4.60
C ALA A 370 17.10 -7.48 5.41
N GLN A 371 16.98 -7.51 6.72
CA GLN A 371 18.04 -7.00 7.56
C GLN A 371 19.25 -7.90 7.49
N ASN A 372 20.42 -7.27 7.42
CA ASN A 372 21.68 -8.00 7.33
C ASN A 372 22.79 -7.48 8.23
N PHE A 373 22.45 -6.72 9.27
CA PHE A 373 23.46 -6.31 10.25
C PHE A 373 23.79 -7.45 11.23
N VAL A 374 24.96 -7.37 11.86
CA VAL A 374 25.37 -8.39 12.82
C VAL A 374 24.33 -8.64 13.92
N GLY A 375 23.83 -9.87 13.97
CA GLY A 375 22.76 -10.22 14.91
C GLY A 375 21.43 -10.49 14.23
N SER A 376 21.22 -9.98 13.01
CA SER A 376 19.99 -10.26 12.30
C SER A 376 20.05 -11.56 11.52
N ASN A 377 19.93 -11.49 10.20
CA ASN A 377 19.89 -12.71 9.38
C ASN A 377 21.28 -13.12 8.89
N ASN A 378 21.58 -14.42 8.97
CA ASN A 378 22.83 -14.96 8.45
C ASN A 378 22.75 -14.97 6.93
N ILE A 379 21.54 -15.18 6.43
CA ILE A 379 21.25 -15.03 5.01
C ILE A 379 19.92 -14.30 4.83
N ASN A 380 20.00 -13.04 4.42
CA ASN A 380 18.77 -12.27 4.22
C ASN A 380 18.22 -12.60 2.85
N LEU A 381 16.97 -13.04 2.82
CA LEU A 381 16.31 -13.40 1.57
C LEU A 381 15.83 -12.20 0.74
N LEU A 382 15.55 -11.08 1.40
CA LEU A 382 15.27 -9.83 0.69
C LEU A 382 16.47 -8.89 0.82
N GLN A 383 16.63 -8.00 -0.15
CA GLN A 383 17.75 -7.04 -0.11
C GLN A 383 17.37 -5.72 0.57
N PRO A 384 18.23 -5.25 1.48
CA PRO A 384 17.93 -3.98 2.15
C PRO A 384 18.44 -2.76 1.36
N ILE A 385 17.61 -2.28 0.43
CA ILE A 385 17.97 -1.12 -0.38
C ILE A 385 17.38 0.15 0.23
N GLY A 386 18.18 0.79 1.07
CA GLY A 386 17.76 1.95 1.85
C GLY A 386 18.14 1.74 3.30
N GLN A 387 17.66 2.61 4.18
CA GLN A 387 18.01 2.48 5.57
C GLN A 387 17.07 1.49 6.23
N PHE A 388 17.54 0.27 6.45
CA PHE A 388 16.73 -0.79 7.02
C PHE A 388 17.11 -1.08 8.46
N GLY A 389 18.06 -0.31 8.99
CA GLY A 389 18.50 -0.55 10.35
C GLY A 389 19.97 -0.86 10.44
N THR A 390 20.56 -0.63 11.61
CA THR A 390 21.99 -0.89 11.81
C THR A 390 22.20 -1.56 13.14
N ARG A 391 23.43 -2.02 13.38
CA ARG A 391 23.78 -2.60 14.68
C ARG A 391 23.88 -1.50 15.71
N LEU A 392 23.93 -0.26 15.24
CA LEU A 392 23.97 0.89 16.12
C LEU A 392 22.73 0.96 17.01
N HIS A 393 21.58 0.58 16.47
CA HIS A 393 20.32 0.64 17.18
C HIS A 393 19.48 -0.63 17.09
N GLY A 394 20.09 -1.73 16.64
CA GLY A 394 19.36 -2.98 16.48
C GLY A 394 18.17 -2.88 15.53
N GLY A 395 18.28 -2.01 14.54
CA GLY A 395 17.25 -1.91 13.52
C GLY A 395 16.16 -0.90 13.79
N LYS A 396 16.07 -0.41 15.04
CA LYS A 396 15.08 0.60 15.39
C LYS A 396 15.34 1.91 14.64
N ASP A 397 16.45 2.01 13.92
CA ASP A 397 16.74 3.18 13.11
C ASP A 397 16.38 2.99 11.63
N ALA A 398 15.58 1.97 11.33
CA ALA A 398 15.06 1.79 9.98
C ALA A 398 14.19 2.97 9.59
N ALA A 399 14.34 3.45 8.36
CA ALA A 399 13.46 4.48 7.86
C ALA A 399 12.06 3.93 7.62
N SER A 400 11.18 4.80 7.15
CA SER A 400 9.79 4.45 6.91
C SER A 400 9.65 3.59 5.66
N PRO A 401 8.74 2.59 5.72
CA PRO A 401 8.40 1.65 4.64
C PRO A 401 8.04 2.33 3.32
N ARG A 402 7.71 3.61 3.37
CA ARG A 402 7.37 4.35 2.17
C ARG A 402 8.62 4.87 1.45
N TYR A 403 9.76 4.82 2.13
CA TYR A 403 10.98 5.40 1.58
C TYR A 403 12.14 4.40 1.50
N ILE A 404 11.84 3.12 1.73
CA ILE A 404 12.83 2.08 1.53
C ILE A 404 12.37 1.00 0.53
N PHE A 405 13.33 0.31 -0.07
CA PHE A 405 13.05 -0.59 -1.20
C PHE A 405 13.64 -1.98 -1.00
N THR A 406 13.08 -2.96 -1.70
CA THR A 406 13.64 -4.29 -1.67
C THR A 406 13.42 -5.08 -2.95
N MET A 407 14.04 -6.25 -3.00
CA MET A 407 13.82 -7.24 -4.06
C MET A 407 14.53 -8.51 -3.60
N LEU A 408 14.29 -9.62 -4.29
CA LEU A 408 14.85 -10.89 -3.87
C LEU A 408 16.37 -10.87 -3.91
N SER A 409 16.98 -11.54 -2.95
CA SER A 409 18.39 -11.85 -3.03
C SER A 409 18.61 -12.93 -4.08
N THR A 410 19.76 -12.88 -4.75
CA THR A 410 20.12 -13.90 -5.74
C THR A 410 20.12 -15.32 -5.15
N LEU A 411 20.28 -15.40 -3.83
CA LEU A 411 20.35 -16.68 -3.14
C LEU A 411 19.00 -17.31 -2.86
N ALA A 412 17.92 -16.56 -3.13
CA ALA A 412 16.58 -17.02 -2.70
C ALA A 412 16.07 -18.23 -3.50
N ARG A 413 16.09 -18.14 -4.83
CA ARG A 413 15.67 -19.25 -5.65
C ARG A 413 16.67 -20.40 -5.64
N LEU A 414 17.88 -20.13 -5.17
CA LEU A 414 18.88 -21.17 -5.05
C LEU A 414 18.63 -22.02 -3.82
N LEU A 415 18.11 -21.38 -2.77
CA LEU A 415 17.70 -22.05 -1.55
C LEU A 415 16.31 -22.67 -1.68
N PHE A 416 15.49 -22.13 -2.57
CA PHE A 416 14.14 -22.63 -2.77
C PHE A 416 13.91 -22.84 -4.25
N PRO A 417 14.45 -23.92 -4.80
CA PRO A 417 14.48 -24.14 -6.25
C PRO A 417 13.07 -24.14 -6.83
N ALA A 418 12.91 -23.49 -7.98
CA ALA A 418 11.58 -23.31 -8.56
C ALA A 418 10.89 -24.63 -8.90
N VAL A 419 11.61 -25.55 -9.52
CA VAL A 419 11.07 -26.87 -9.86
C VAL A 419 10.40 -27.54 -8.68
N ASP A 420 10.94 -27.36 -7.48
CA ASP A 420 10.32 -27.90 -6.27
C ASP A 420 8.91 -27.37 -5.94
N ASP A 421 8.54 -26.24 -6.52
CA ASP A 421 7.18 -25.73 -6.31
C ASP A 421 6.12 -26.78 -6.74
N ASN A 422 6.44 -27.55 -7.76
CA ASN A 422 5.55 -28.61 -8.22
C ASN A 422 5.21 -29.67 -7.16
N LEU A 423 5.96 -29.73 -6.08
CA LEU A 423 5.74 -30.75 -5.07
C LEU A 423 4.98 -30.22 -3.85
N LEU A 424 4.77 -28.90 -3.81
CA LEU A 424 4.19 -28.23 -2.65
C LEU A 424 2.66 -28.27 -2.61
N LYS A 425 2.10 -28.17 -1.41
CA LYS A 425 0.66 -28.11 -1.22
C LYS A 425 0.22 -26.65 -1.02
N PHE A 426 -0.20 -26.01 -2.10
CA PHE A 426 -0.61 -24.61 -2.05
C PHE A 426 -2.00 -24.49 -1.45
N LEU A 427 -2.16 -23.60 -0.47
CA LEU A 427 -3.43 -23.39 0.21
C LEU A 427 -4.42 -22.53 -0.58
N TYR A 428 -5.67 -22.50 -0.13
CA TYR A 428 -6.70 -21.67 -0.77
C TYR A 428 -7.42 -20.81 0.23
N ASP A 429 -7.56 -19.54 -0.10
CA ASP A 429 -8.36 -18.62 0.68
C ASP A 429 -9.37 -17.92 -0.24
N ASP A 430 -10.65 -18.27 -0.09
CA ASP A 430 -11.73 -17.67 -0.88
C ASP A 430 -11.51 -17.85 -2.38
N ASN A 431 -11.56 -19.10 -2.82
CA ASN A 431 -11.44 -19.44 -4.25
C ASN A 431 -10.06 -19.12 -4.86
N GLN A 432 -9.29 -18.27 -4.17
CA GLN A 432 -7.98 -17.80 -4.63
C GLN A 432 -6.85 -18.70 -4.12
N ARG A 433 -5.99 -19.17 -5.03
CA ARG A 433 -4.86 -19.97 -4.61
C ARG A 433 -3.73 -19.09 -4.07
N VAL A 434 -3.22 -19.43 -2.89
CA VAL A 434 -2.27 -18.58 -2.18
C VAL A 434 -0.91 -19.27 -1.91
N GLU A 435 -0.27 -19.01 -0.79
CA GLU A 435 1.04 -19.60 -0.51
C GLU A 435 0.92 -21.07 -0.07
N PRO A 436 2.03 -21.83 -0.13
CA PRO A 436 1.97 -23.24 0.27
C PRO A 436 1.97 -23.39 1.77
N GLU A 437 1.66 -24.58 2.26
CA GLU A 437 1.66 -24.79 3.70
C GLU A 437 3.08 -24.70 4.19
N TRP A 438 4.03 -25.09 3.33
CA TRP A 438 5.44 -24.72 3.50
C TRP A 438 6.26 -24.87 2.23
N TYR A 439 7.38 -24.16 2.17
CA TYR A 439 8.38 -24.41 1.15
C TYR A 439 9.34 -25.48 1.65
N ILE A 440 10.09 -26.07 0.74
CA ILE A 440 11.05 -27.08 1.13
C ILE A 440 12.45 -26.68 0.66
N PRO A 441 13.17 -25.90 1.49
CA PRO A 441 14.48 -25.36 1.11
C PRO A 441 15.56 -26.44 1.09
N ILE A 442 16.71 -26.18 0.47
CA ILE A 442 17.73 -27.21 0.34
C ILE A 442 18.60 -27.42 1.59
N ILE A 443 18.48 -26.51 2.54
CA ILE A 443 19.14 -26.61 3.84
C ILE A 443 18.15 -26.05 4.86
N PRO A 444 18.24 -26.49 6.13
CA PRO A 444 17.21 -26.07 7.09
C PRO A 444 17.34 -24.60 7.50
N MET A 445 16.54 -23.75 6.85
CA MET A 445 16.52 -22.30 7.10
C MET A 445 16.07 -21.91 8.51
N VAL A 446 15.31 -22.76 9.18
CA VAL A 446 14.96 -22.50 10.57
C VAL A 446 16.20 -22.36 11.46
N LEU A 447 17.33 -22.94 11.03
CA LEU A 447 18.59 -22.80 11.78
C LEU A 447 19.52 -21.69 11.31
N ILE A 448 19.45 -21.33 10.04
CA ILE A 448 20.35 -20.32 9.52
C ILE A 448 20.03 -18.96 10.09
N ASN A 449 18.75 -18.62 10.05
CA ASN A 449 18.34 -17.27 10.41
C ASN A 449 17.76 -17.18 11.79
N GLY A 450 17.77 -18.31 12.51
CA GLY A 450 17.34 -18.32 13.89
C GLY A 450 15.92 -17.85 14.06
N ALA A 451 15.00 -18.74 13.78
CA ALA A 451 13.59 -18.45 13.97
C ALA A 451 13.28 -18.10 15.41
N GLU A 452 12.33 -17.19 15.62
CA GLU A 452 11.88 -16.83 16.97
C GLU A 452 10.49 -16.16 16.96
N GLY A 453 9.68 -16.49 17.97
CA GLY A 453 8.28 -16.05 18.05
C GLY A 453 7.64 -16.31 19.40
N ILE A 454 6.62 -15.52 19.75
CA ILE A 454 5.93 -15.66 21.03
C ILE A 454 4.44 -15.99 20.87
N GLY A 455 4.03 -17.17 21.35
CA GLY A 455 2.65 -17.57 21.21
C GLY A 455 1.87 -17.44 22.51
N THR A 456 0.84 -18.28 22.63
CA THR A 456 0.14 -18.51 23.89
C THR A 456 0.52 -19.91 24.34
N GLY A 457 0.96 -20.04 25.58
CA GLY A 457 1.42 -21.33 26.05
C GLY A 457 2.88 -21.59 25.71
N TRP A 458 3.24 -21.48 24.43
CA TRP A 458 4.62 -21.68 24.02
C TRP A 458 5.23 -20.46 23.34
N ALA A 459 6.56 -20.40 23.42
CA ALA A 459 7.36 -19.46 22.64
C ALA A 459 8.43 -20.23 21.90
N CYS A 460 9.16 -19.54 21.04
CA CYS A 460 10.22 -20.17 20.28
C CYS A 460 11.44 -19.26 20.21
N LYS A 461 12.60 -19.81 20.56
CA LYS A 461 13.85 -19.12 20.30
C LYS A 461 14.91 -20.05 19.75
N LEU A 462 15.47 -19.69 18.61
CA LEU A 462 16.59 -20.40 18.05
C LEU A 462 17.63 -19.37 17.65
N PRO A 463 18.91 -19.67 17.94
CA PRO A 463 19.99 -18.80 17.49
C PRO A 463 20.36 -19.12 16.07
N ASN A 464 21.18 -18.30 15.44
CA ASN A 464 21.63 -18.56 14.08
C ASN A 464 22.72 -19.62 14.05
N TYR A 465 22.80 -20.36 12.95
CA TYR A 465 23.89 -21.30 12.73
C TYR A 465 24.56 -21.00 11.39
N ASP A 466 25.83 -21.34 11.29
CA ASP A 466 26.58 -21.08 10.07
C ASP A 466 26.05 -21.90 8.89
N ALA A 467 25.91 -21.27 7.73
CA ALA A 467 25.35 -21.94 6.54
C ALA A 467 26.26 -23.02 5.97
N ARG A 468 27.54 -22.70 5.87
CA ARG A 468 28.48 -23.65 5.28
C ARG A 468 28.64 -24.88 6.17
N GLU A 469 28.58 -24.67 7.47
CA GLU A 469 28.71 -25.78 8.41
C GLU A 469 27.49 -26.69 8.28
N ILE A 470 26.34 -26.08 8.04
CA ILE A 470 25.12 -26.83 7.81
C ILE A 470 25.16 -27.57 6.48
N VAL A 471 25.77 -26.95 5.47
CA VAL A 471 25.88 -27.63 4.18
C VAL A 471 26.80 -28.85 4.33
N ASN A 472 27.91 -28.67 5.05
CA ASN A 472 28.82 -29.78 5.31
CA ASN A 472 28.81 -29.78 5.27
C ASN A 472 28.15 -30.90 6.08
N ASN A 473 27.33 -30.54 7.06
CA ASN A 473 26.62 -31.55 7.81
C ASN A 473 25.60 -32.30 6.96
N VAL A 474 24.87 -31.58 6.11
CA VAL A 474 23.99 -32.23 5.14
C VAL A 474 24.79 -33.17 4.21
N ARG A 475 25.95 -32.73 3.76
CA ARG A 475 26.83 -33.59 2.96
C ARG A 475 27.23 -34.88 3.71
N ARG A 476 27.67 -34.75 4.96
CA ARG A 476 28.01 -35.92 5.76
CA ARG A 476 28.02 -35.94 5.74
C ARG A 476 26.84 -36.91 5.83
N MET A 477 25.63 -36.38 6.03
CA MET A 477 24.47 -37.26 6.14
C MET A 477 24.14 -37.99 4.84
N LEU A 478 24.32 -37.32 3.71
CA LEU A 478 24.14 -37.96 2.41
C LEU A 478 25.12 -39.13 2.23
N ASP A 479 26.26 -39.06 2.92
CA ASP A 479 27.24 -40.15 2.95
C ASP A 479 26.97 -41.22 4.03
N GLY A 480 25.89 -41.07 4.79
CA GLY A 480 25.60 -42.00 5.87
C GLY A 480 26.43 -41.82 7.14
N LEU A 481 27.17 -40.71 7.23
CA LEU A 481 27.91 -40.34 8.44
C LEU A 481 27.01 -39.61 9.43
N ASP A 482 27.43 -39.55 10.69
CA ASP A 482 26.70 -38.75 11.67
C ASP A 482 27.12 -37.27 11.57
N PRO A 483 26.16 -36.35 11.74
CA PRO A 483 26.49 -34.93 11.69
C PRO A 483 27.36 -34.48 12.87
N HIS A 484 28.34 -33.63 12.60
CA HIS A 484 29.09 -32.98 13.67
C HIS A 484 28.14 -32.11 14.50
N PRO A 485 28.44 -31.97 15.80
CA PRO A 485 27.67 -31.05 16.66
C PRO A 485 27.86 -29.61 16.21
N MET A 486 26.83 -28.78 16.36
CA MET A 486 26.97 -27.40 15.92
C MET A 486 26.85 -26.40 17.05
N LEU A 487 27.55 -25.28 16.93
CA LEU A 487 27.37 -24.18 17.87
C LEU A 487 26.74 -23.01 17.15
N PRO A 488 25.99 -22.20 17.87
CA PRO A 488 25.49 -20.94 17.34
C PRO A 488 26.58 -20.17 16.58
N ASN A 489 26.20 -19.48 15.51
CA ASN A 489 27.17 -18.76 14.71
C ASN A 489 26.51 -17.62 13.94
N TYR A 490 27.09 -16.44 14.08
CA TYR A 490 26.50 -15.25 13.48
C TYR A 490 27.47 -14.67 12.48
N LYS A 491 26.96 -14.46 11.27
CA LYS A 491 27.74 -13.87 10.18
C LYS A 491 28.39 -12.58 10.66
N ASN A 492 29.68 -12.46 10.38
CA ASN A 492 30.47 -11.27 10.72
C ASN A 492 30.64 -10.97 12.21
N PHE A 493 30.18 -11.88 13.07
CA PHE A 493 30.41 -11.76 14.51
C PHE A 493 31.88 -12.10 14.74
N LYS A 494 32.56 -11.29 15.54
CA LYS A 494 34.01 -11.40 15.71
C LYS A 494 34.40 -11.96 17.06
N GLY A 495 33.38 -12.29 17.85
CA GLY A 495 33.56 -12.75 19.21
C GLY A 495 33.54 -14.25 19.27
N THR A 496 33.17 -14.77 20.42
CA THR A 496 33.31 -16.16 20.73
C THR A 496 32.00 -16.66 21.29
N ILE A 497 31.58 -17.84 20.85
CA ILE A 497 30.42 -18.49 21.43
C ILE A 497 30.83 -19.85 21.92
N GLN A 498 30.70 -20.10 23.21
CA GLN A 498 31.14 -21.39 23.73
C GLN A 498 30.14 -22.09 24.65
N GLU A 499 30.11 -23.42 24.55
CA GLU A 499 29.14 -24.23 25.27
C GLU A 499 29.37 -24.23 26.77
N LEU A 500 28.33 -23.98 27.54
CA LEU A 500 28.40 -24.04 29.00
C LEU A 500 27.68 -25.28 29.51
N GLY A 501 26.83 -25.84 28.67
CA GLY A 501 26.00 -26.95 29.08
C GLY A 501 24.92 -27.20 28.07
N GLN A 502 23.90 -27.95 28.48
CA GLN A 502 22.82 -28.32 27.59
C GLN A 502 22.03 -27.07 27.18
N ASN A 503 22.22 -26.68 25.92
CA ASN A 503 21.52 -25.53 25.34
C ASN A 503 21.84 -24.20 26.01
N GLN A 504 23.02 -24.11 26.60
CA GLN A 504 23.44 -22.88 27.25
C GLN A 504 24.81 -22.48 26.73
N TYR A 505 25.00 -21.20 26.44
CA TYR A 505 26.25 -20.73 25.84
C TYR A 505 26.68 -19.40 26.41
N ALA A 506 27.98 -19.17 26.41
CA ALA A 506 28.54 -17.87 26.74
C ALA A 506 28.90 -17.16 25.43
N VAL A 507 28.42 -15.94 25.27
CA VAL A 507 28.71 -15.14 24.08
C VAL A 507 29.58 -13.97 24.52
N SER A 508 30.76 -13.83 23.93
CA SER A 508 31.71 -12.84 24.39
C SER A 508 32.13 -11.90 23.29
N GLY A 509 32.27 -10.62 23.62
CA GLY A 509 32.82 -9.64 22.71
C GLY A 509 34.34 -9.63 22.77
N GLU A 510 34.97 -8.61 22.19
CA GLU A 510 36.42 -8.51 22.19
C GLU A 510 36.91 -7.28 22.91
N ILE A 511 37.83 -7.48 23.84
CA ILE A 511 38.52 -6.40 24.52
C ILE A 511 39.99 -6.78 24.72
N PHE A 512 40.91 -5.84 24.55
CA PHE A 512 42.30 -6.14 24.85
C PHE A 512 43.08 -4.92 25.30
N VAL A 513 44.04 -5.17 26.19
CA VAL A 513 44.90 -4.12 26.70
C VAL A 513 45.92 -3.71 25.64
N VAL A 514 45.88 -2.44 25.25
CA VAL A 514 46.84 -1.91 24.29
C VAL A 514 48.09 -1.54 25.07
N ASP A 515 47.98 -0.57 25.96
CA ASP A 515 49.05 -0.27 26.91
C ASP A 515 48.46 -0.12 28.33
N ARG A 516 49.20 0.47 29.26
CA ARG A 516 48.75 0.47 30.66
C ARG A 516 47.68 1.53 30.98
N ASN A 517 47.26 2.28 29.96
CA ASN A 517 46.20 3.25 30.10
C ASN A 517 45.06 3.00 29.12
N THR A 518 45.21 2.00 28.25
CA THR A 518 44.33 1.91 27.09
C THR A 518 43.82 0.50 26.81
N VAL A 519 42.51 0.38 26.68
CA VAL A 519 41.93 -0.83 26.13
C VAL A 519 41.12 -0.49 24.89
N GLU A 520 41.05 -1.46 23.98
CA GLU A 520 40.22 -1.37 22.79
C GLU A 520 39.10 -2.39 22.89
N ILE A 521 37.90 -1.99 22.50
CA ILE A 521 36.79 -2.92 22.39
C ILE A 521 36.43 -2.97 20.93
N THR A 522 36.54 -4.15 20.32
CA THR A 522 36.37 -4.25 18.88
C THR A 522 35.22 -5.15 18.48
N GLU A 523 34.54 -5.72 19.48
CA GLU A 523 33.33 -6.51 19.22
C GLU A 523 32.44 -6.58 20.47
N LEU A 524 31.14 -6.43 20.27
CA LEU A 524 30.20 -6.51 21.40
C LEU A 524 29.43 -7.80 21.27
N PRO A 525 28.97 -8.36 22.39
CA PRO A 525 28.23 -9.64 22.30
C PRO A 525 27.07 -9.50 21.33
N VAL A 526 26.72 -10.60 20.69
CA VAL A 526 25.66 -10.59 19.71
C VAL A 526 24.38 -10.08 20.35
N ARG A 527 23.74 -9.15 19.64
CA ARG A 527 22.51 -8.52 20.06
C ARG A 527 22.74 -7.40 21.09
N THR A 528 24.00 -7.08 21.38
CA THR A 528 24.29 -5.86 22.13
C THR A 528 24.54 -4.72 21.15
N TRP A 529 23.57 -3.82 21.04
CA TRP A 529 23.64 -2.74 20.06
C TRP A 529 24.59 -1.65 20.52
N THR A 530 25.27 -1.05 19.56
CA THR A 530 26.35 -0.13 19.88
C THR A 530 25.90 1.05 20.73
N GLN A 531 24.87 1.76 20.27
CA GLN A 531 24.37 2.91 21.02
C GLN A 531 23.96 2.52 22.44
N VAL A 532 23.32 1.37 22.59
CA VAL A 532 22.85 0.96 23.90
C VAL A 532 24.04 0.73 24.82
N TYR A 533 25.04 0.01 24.31
CA TYR A 533 26.25 -0.22 25.07
C TYR A 533 26.90 1.10 25.49
N LYS A 534 26.90 2.07 24.59
CA LYS A 534 27.50 3.35 24.88
C LYS A 534 26.76 4.07 26.03
N GLU A 535 25.45 4.19 25.90
CA GLU A 535 24.64 4.86 26.92
C GLU A 535 24.59 4.12 28.24
N GLN A 536 24.48 2.80 28.18
CA GLN A 536 24.28 1.99 29.38
C GLN A 536 25.54 1.43 30.04
N VAL A 537 26.69 1.56 29.40
CA VAL A 537 27.93 1.07 30.00
C VAL A 537 29.06 2.12 30.02
N LEU A 538 29.49 2.59 28.85
CA LEU A 538 30.64 3.46 28.81
C LEU A 538 30.37 4.81 29.45
N GLU A 539 29.20 5.38 29.17
CA GLU A 539 28.80 6.66 29.80
C GLU A 539 28.75 6.56 31.34
N PRO A 540 28.00 5.60 31.88
CA PRO A 540 28.11 5.43 33.33
C PRO A 540 29.56 5.25 33.77
N MET A 541 30.35 4.47 33.05
CA MET A 541 31.73 4.23 33.47
C MET A 541 32.55 5.51 33.46
N LEU A 542 32.11 6.48 32.66
CA LEU A 542 32.86 7.71 32.49
C LEU A 542 32.44 8.79 33.48
N ASN A 543 31.13 8.92 33.69
CA ASN A 543 30.58 10.00 34.50
C ASN A 543 30.26 9.55 35.91
N GLY A 544 30.19 8.23 36.12
CA GLY A 544 29.67 7.70 37.36
C GLY A 544 28.16 7.77 37.37
N THR A 545 27.53 7.21 38.40
CA THR A 545 26.10 7.43 38.59
C THR A 545 25.80 7.85 40.03
N ASP A 546 24.53 7.94 40.37
CA ASP A 546 24.16 8.23 41.75
C ASP A 546 24.63 7.07 42.66
N LYS A 547 24.81 5.89 42.07
CA LYS A 547 25.23 4.71 42.82
C LYS A 547 26.72 4.33 42.62
N THR A 548 27.06 3.93 41.41
CA THR A 548 28.42 3.52 41.05
C THR A 548 29.35 4.72 40.75
N PRO A 549 30.67 4.54 40.98
CA PRO A 549 31.68 5.55 40.66
C PRO A 549 32.22 5.45 39.24
N ALA A 550 32.92 6.49 38.82
CA ALA A 550 33.59 6.49 37.52
C ALA A 550 34.68 5.43 37.49
N LEU A 551 34.76 4.71 36.38
CA LEU A 551 35.81 3.70 36.24
C LEU A 551 36.87 4.14 35.23
N ILE A 552 36.45 4.85 34.19
CA ILE A 552 37.37 5.20 33.10
C ILE A 552 37.50 6.71 33.00
N SER A 553 38.53 7.17 32.30
CA SER A 553 38.83 8.59 32.18
C SER A 553 38.37 9.21 30.88
N ASP A 554 38.23 8.37 29.86
CA ASP A 554 37.82 8.86 28.56
C ASP A 554 37.55 7.67 27.67
N TYR A 555 36.74 7.88 26.65
CA TYR A 555 36.66 6.91 25.58
C TYR A 555 36.42 7.61 24.26
N LYS A 556 36.83 6.98 23.17
CA LYS A 556 36.59 7.52 21.84
C LYS A 556 36.09 6.43 20.91
N GLU A 557 35.29 6.83 19.93
CA GLU A 557 34.62 5.91 19.01
C GLU A 557 35.20 5.94 17.60
N TYR A 558 35.31 4.77 17.00
CA TYR A 558 35.83 4.67 15.63
C TYR A 558 35.03 3.62 14.87
N HIS A 559 33.72 3.64 15.11
CA HIS A 559 32.83 2.69 14.45
C HIS A 559 32.76 2.94 12.97
N THR A 560 32.66 1.88 12.19
CA THR A 560 32.16 2.01 10.82
C THR A 560 30.65 1.73 10.92
N ASP A 561 30.00 1.53 9.79
CA ASP A 561 28.56 1.30 9.84
C ASP A 561 28.23 -0.12 10.29
N THR A 562 29.19 -1.03 10.13
CA THR A 562 28.94 -2.43 10.44
C THR A 562 29.92 -3.01 11.47
N THR A 563 30.82 -2.19 11.98
CA THR A 563 31.75 -2.69 12.99
C THR A 563 31.73 -1.80 14.22
N VAL A 564 32.42 -2.25 15.25
CA VAL A 564 32.45 -1.57 16.54
C VAL A 564 33.89 -1.31 16.95
N LYS A 565 34.20 -0.08 17.33
CA LYS A 565 35.51 0.20 17.88
C LYS A 565 35.54 1.32 18.92
N PHE A 566 35.69 0.94 20.18
CA PHE A 566 35.87 1.88 21.28
C PHE A 566 37.31 1.86 21.73
N VAL A 567 37.89 3.05 21.90
CA VAL A 567 39.18 3.15 22.58
C VAL A 567 38.93 3.81 23.93
N VAL A 568 39.29 3.12 25.02
CA VAL A 568 38.99 3.58 26.38
C VAL A 568 40.26 3.94 27.14
N LYS A 569 40.27 5.09 27.82
CA LYS A 569 41.39 5.46 28.70
C LYS A 569 41.09 5.28 30.19
N MET A 570 42.06 4.78 30.93
CA MET A 570 41.96 4.54 32.37
C MET A 570 43.31 4.77 33.03
N THR A 571 43.32 5.15 34.30
CA THR A 571 44.56 5.18 35.07
C THR A 571 45.07 3.76 35.22
N GLU A 572 46.36 3.61 35.50
CA GLU A 572 46.97 2.28 35.65
C GLU A 572 46.31 1.47 36.75
N GLU A 573 45.98 2.17 37.83
CA GLU A 573 45.39 1.55 39.01
C GLU A 573 44.06 0.90 38.64
N LYS A 574 43.24 1.61 37.88
CA LYS A 574 41.90 1.14 37.56
C LYS A 574 41.96 -0.02 36.57
N LEU A 575 42.88 0.08 35.61
CA LEU A 575 43.07 -0.98 34.64
C LEU A 575 43.43 -2.29 35.32
N ALA A 576 44.41 -2.22 36.22
CA ALA A 576 44.85 -3.38 37.00
C ALA A 576 43.67 -4.00 37.78
N GLN A 577 42.89 -3.14 38.44
CA GLN A 577 41.69 -3.60 39.12
C GLN A 577 40.71 -4.26 38.14
N ALA A 578 40.55 -3.67 36.96
CA ALA A 578 39.67 -4.25 35.94
C ALA A 578 40.17 -5.62 35.47
N GLU A 579 41.46 -5.74 35.16
CA GLU A 579 42.04 -7.04 34.81
C GLU A 579 41.84 -8.06 35.92
N ALA A 580 41.96 -7.61 37.16
CA ALA A 580 41.80 -8.51 38.29
C ALA A 580 40.40 -9.09 38.32
N ALA A 581 39.42 -8.23 38.10
CA ALA A 581 38.02 -8.65 38.16
C ALA A 581 37.63 -9.47 36.94
N GLY A 582 38.36 -9.28 35.83
CA GLY A 582 38.07 -9.91 34.55
C GLY A 582 37.48 -8.92 33.55
N LEU A 583 38.28 -8.53 32.56
CA LEU A 583 37.91 -7.44 31.65
C LEU A 583 36.52 -7.58 31.01
N HIS A 584 36.22 -8.78 30.54
CA HIS A 584 34.95 -9.04 29.90
C HIS A 584 33.79 -8.85 30.86
N LYS A 585 34.03 -9.18 32.13
CA LYS A 585 33.00 -9.08 33.16
C LYS A 585 32.80 -7.61 33.50
N VAL A 586 33.91 -6.89 33.65
CA VAL A 586 33.83 -5.50 34.06
C VAL A 586 33.14 -4.65 33.01
N PHE A 587 33.49 -4.87 31.74
CA PHE A 587 32.92 -4.09 30.64
C PHE A 587 31.63 -4.69 30.03
N LYS A 588 31.01 -5.61 30.76
CA LYS A 588 29.78 -6.27 30.34
C LYS A 588 29.86 -6.82 28.91
N LEU A 589 30.90 -7.58 28.59
CA LEU A 589 31.07 -8.05 27.22
C LEU A 589 30.79 -9.52 27.10
N GLN A 590 30.04 -10.05 28.06
CA GLN A 590 29.65 -11.44 28.05
C GLN A 590 28.15 -11.53 28.31
N THR A 591 27.50 -12.35 27.51
CA THR A 591 26.08 -12.56 27.60
C THR A 591 25.93 -14.07 27.63
N THR A 592 24.91 -14.58 28.28
CA THR A 592 24.63 -15.98 28.11
C THR A 592 23.46 -16.11 27.15
N LEU A 593 23.41 -17.24 26.46
CA LEU A 593 22.32 -17.55 25.55
C LEU A 593 21.75 -18.91 25.97
N THR A 594 20.46 -18.98 26.22
CA THR A 594 19.85 -20.23 26.65
C THR A 594 18.75 -20.66 25.68
N CYS A 595 18.73 -21.94 25.34
CA CYS A 595 17.86 -22.43 24.29
C CYS A 595 17.04 -23.65 24.69
N ASN A 596 16.21 -23.50 25.71
CA ASN A 596 15.36 -24.59 26.16
C ASN A 596 13.90 -24.44 25.75
N SER A 597 13.70 -23.70 24.65
CA SER A 597 12.38 -23.47 24.13
C SER A 597 12.39 -23.47 22.61
N MET A 598 12.92 -24.55 22.06
CA MET A 598 12.93 -24.73 20.62
C MET A 598 11.66 -25.47 20.28
N VAL A 599 10.57 -24.71 20.22
CA VAL A 599 9.28 -25.25 19.83
C VAL A 599 9.03 -24.89 18.38
N LEU A 600 8.58 -25.86 17.59
CA LEU A 600 8.33 -25.65 16.17
C LEU A 600 7.12 -26.44 15.69
N PHE A 601 6.50 -26.01 14.59
CA PHE A 601 5.55 -26.88 13.90
C PHE A 601 6.31 -27.84 13.01
N ASP A 602 6.09 -29.14 13.20
CA ASP A 602 6.73 -30.14 12.35
C ASP A 602 6.06 -30.18 10.97
N HIS A 603 6.52 -31.04 10.09
CA HIS A 603 6.01 -31.06 8.73
C HIS A 603 4.51 -31.41 8.63
N MET A 604 4.00 -32.09 9.66
CA MET A 604 2.64 -32.59 9.65
C MET A 604 1.69 -31.62 10.31
N GLY A 605 2.19 -30.46 10.71
CA GLY A 605 1.37 -29.46 11.35
C GLY A 605 1.37 -29.51 12.87
N CYS A 606 2.06 -30.48 13.46
CA CYS A 606 2.01 -30.65 14.91
C CYS A 606 3.08 -29.86 15.65
N LEU A 607 2.64 -29.16 16.69
CA LEU A 607 3.57 -28.40 17.51
C LEU A 607 4.47 -29.36 18.28
N LYS A 608 5.77 -29.11 18.27
CA LYS A 608 6.74 -30.02 18.89
C LYS A 608 7.87 -29.27 19.61
N LYS A 609 8.35 -29.81 20.74
CA LYS A 609 9.54 -29.28 21.40
C LYS A 609 10.75 -30.08 20.93
N TYR A 610 11.83 -29.41 20.55
CA TYR A 610 13.06 -30.09 20.15
C TYR A 610 14.15 -29.83 21.18
N GLU A 611 14.76 -30.90 21.68
CA GLU A 611 15.78 -30.76 22.72
C GLU A 611 17.11 -30.31 22.14
N THR A 612 17.44 -30.80 20.95
CA THR A 612 18.71 -30.42 20.33
C THR A 612 18.53 -30.00 18.87
N VAL A 613 19.41 -29.11 18.45
CA VAL A 613 19.49 -28.69 17.07
C VAL A 613 19.76 -29.89 16.11
N GLN A 614 20.48 -30.90 16.58
CA GLN A 614 20.73 -32.11 15.81
CA GLN A 614 20.73 -32.10 15.80
C GLN A 614 19.42 -32.83 15.48
N ASP A 615 18.49 -32.81 16.43
CA ASP A 615 17.18 -33.40 16.19
C ASP A 615 16.41 -32.66 15.11
N ILE A 616 16.49 -31.33 15.13
CA ILE A 616 15.86 -30.52 14.09
C ILE A 616 16.47 -30.84 12.73
N LEU A 617 17.79 -30.84 12.69
CA LEU A 617 18.53 -31.22 11.50
C LEU A 617 18.14 -32.60 10.95
N LYS A 618 18.07 -33.60 11.82
CA LYS A 618 17.76 -34.95 11.35
C LYS A 618 16.36 -35.02 10.76
N GLU A 619 15.42 -34.38 11.42
CA GLU A 619 14.04 -34.40 10.95
C GLU A 619 13.93 -33.73 9.60
N PHE A 620 14.47 -32.52 9.50
CA PHE A 620 14.51 -31.80 8.23
C PHE A 620 15.19 -32.60 7.12
N PHE A 621 16.30 -33.24 7.45
CA PHE A 621 17.01 -34.06 6.48
C PHE A 621 16.14 -35.18 5.88
N ASP A 622 15.52 -35.99 6.73
CA ASP A 622 14.71 -37.09 6.23
C ASP A 622 13.67 -36.59 5.27
N LEU A 623 13.04 -35.47 5.62
CA LEU A 623 11.99 -34.90 4.80
C LEU A 623 12.51 -34.36 3.46
N ARG A 624 13.60 -33.58 3.49
CA ARG A 624 14.16 -33.01 2.27
C ARG A 624 14.69 -34.08 1.30
N LEU A 625 15.20 -35.17 1.87
CA LEU A 625 15.69 -36.25 1.04
C LEU A 625 14.57 -36.90 0.27
N SER A 626 13.44 -37.15 0.92
CA SER A 626 12.37 -37.79 0.21
C SER A 626 11.74 -36.83 -0.80
N TYR A 627 11.76 -35.52 -0.53
CA TYR A 627 11.28 -34.58 -1.53
C TYR A 627 12.20 -34.50 -2.75
N TYR A 628 13.47 -34.85 -2.58
CA TYR A 628 14.33 -35.07 -3.77
C TYR A 628 13.91 -36.35 -4.48
N GLY A 629 13.41 -37.32 -3.72
CA GLY A 629 12.89 -38.53 -4.33
C GLY A 629 11.72 -38.12 -5.20
N LEU A 630 10.80 -37.38 -4.57
CA LEU A 630 9.62 -36.88 -5.25
C LEU A 630 10.00 -35.99 -6.43
N ARG A 631 11.02 -35.12 -6.29
CA ARG A 631 11.42 -34.29 -7.42
C ARG A 631 11.91 -35.13 -8.60
N LYS A 632 12.69 -36.17 -8.29
CA LYS A 632 13.16 -37.06 -9.34
C LYS A 632 12.01 -37.77 -10.04
N GLU A 633 11.09 -38.32 -9.28
CA GLU A 633 9.96 -39.01 -9.86
C GLU A 633 9.21 -38.10 -10.83
N TRP A 634 8.89 -36.90 -10.35
CA TRP A 634 8.17 -35.89 -11.12
C TRP A 634 8.92 -35.50 -12.38
N LEU A 635 10.22 -35.22 -12.25
CA LEU A 635 11.05 -34.93 -13.42
C LEU A 635 11.10 -36.06 -14.45
N VAL A 636 11.21 -37.30 -13.99
CA VAL A 636 11.30 -38.44 -14.91
C VAL A 636 10.00 -38.61 -15.65
N GLY A 637 8.88 -38.42 -14.94
CA GLY A 637 7.57 -38.58 -15.55
C GLY A 637 7.27 -37.50 -16.57
N MET A 638 7.68 -36.28 -16.24
CA MET A 638 7.40 -35.12 -17.04
C MET A 638 8.31 -35.08 -18.26
N LEU A 639 9.61 -35.27 -18.05
CA LEU A 639 10.54 -35.32 -19.18
C LEU A 639 10.21 -36.52 -20.05
N GLY A 640 9.77 -37.59 -19.41
CA GLY A 640 9.36 -38.79 -20.12
C GLY A 640 8.26 -38.52 -21.12
N ALA A 641 7.15 -37.96 -20.63
CA ALA A 641 6.01 -37.60 -21.46
C ALA A 641 6.41 -36.63 -22.57
N GLU A 642 7.27 -35.68 -22.27
CA GLU A 642 7.78 -34.77 -23.30
C GLU A 642 8.48 -35.51 -24.41
N SER A 643 9.18 -36.58 -24.05
CA SER A 643 9.92 -37.35 -25.02
C SER A 643 9.00 -38.14 -25.93
N THR A 644 7.93 -38.70 -25.36
CA THR A 644 6.90 -39.36 -26.12
C THR A 644 6.25 -38.37 -27.09
N LYS A 645 5.83 -37.24 -26.54
CA LYS A 645 5.30 -36.12 -27.32
C LYS A 645 6.20 -35.80 -28.51
N LEU A 646 7.46 -35.46 -28.25
CA LEU A 646 8.38 -35.16 -29.33
C LEU A 646 8.52 -36.30 -30.35
N ASN A 647 8.51 -37.55 -29.88
CA ASN A 647 8.62 -38.67 -30.80
C ASN A 647 7.47 -38.69 -31.77
N ASN A 648 6.24 -38.65 -31.24
CA ASN A 648 5.03 -38.60 -32.04
C ASN A 648 5.03 -37.43 -33.03
N GLN A 649 5.44 -36.26 -32.56
CA GLN A 649 5.44 -35.10 -33.46
C GLN A 649 6.44 -35.33 -34.58
N ALA A 650 7.64 -35.75 -34.22
CA ALA A 650 8.64 -36.12 -35.21
C ALA A 650 8.10 -37.18 -36.18
N ARG A 651 7.33 -38.13 -35.68
CA ARG A 651 6.81 -39.21 -36.53
C ARG A 651 5.76 -38.69 -37.51
N PHE A 652 4.85 -37.85 -37.03
CA PHE A 652 3.85 -37.25 -37.90
C PHE A 652 4.48 -36.40 -39.00
N ILE A 653 5.39 -35.52 -38.60
CA ILE A 653 6.01 -34.59 -39.53
C ILE A 653 6.71 -35.38 -40.61
N LEU A 654 7.34 -36.49 -40.23
CA LEU A 654 8.06 -37.34 -41.18
C LEU A 654 7.11 -38.10 -42.13
N GLU A 655 6.07 -38.71 -41.58
CA GLU A 655 5.10 -39.40 -42.40
C GLU A 655 4.43 -38.44 -43.39
N LYS A 656 4.08 -37.25 -42.91
CA LYS A 656 3.48 -36.22 -43.75
C LYS A 656 4.38 -35.91 -44.95
N ILE A 657 5.65 -35.67 -44.68
CA ILE A 657 6.63 -35.33 -45.71
C ILE A 657 6.87 -36.43 -46.75
N GLN A 658 6.86 -37.68 -46.29
CA GLN A 658 6.97 -38.83 -47.17
C GLN A 658 5.60 -39.24 -47.71
N GLY A 659 4.68 -38.28 -47.76
CA GLY A 659 3.35 -38.54 -48.28
C GLY A 659 2.64 -39.78 -47.80
N LYS A 660 3.01 -40.30 -46.65
CA LYS A 660 2.35 -41.48 -46.12
C LYS A 660 1.07 -41.10 -45.41
N ILE A 661 0.89 -39.81 -45.16
CA ILE A 661 -0.38 -39.30 -44.66
C ILE A 661 -0.68 -37.92 -45.22
N THR A 662 -1.96 -37.61 -45.27
CA THR A 662 -2.41 -36.31 -45.72
C THR A 662 -3.51 -35.87 -44.77
N ILE A 663 -3.52 -34.59 -44.45
CA ILE A 663 -4.61 -34.03 -43.67
C ILE A 663 -5.47 -33.12 -44.54
N GLU A 664 -4.89 -32.69 -45.67
CA GLU A 664 -5.51 -31.71 -46.55
C GLU A 664 -6.96 -32.04 -46.93
N ASN A 665 -7.86 -31.17 -46.50
CA ASN A 665 -9.31 -31.27 -46.74
C ASN A 665 -10.06 -32.43 -46.07
N ARG A 666 -9.36 -33.25 -45.28
CA ARG A 666 -10.03 -34.35 -44.61
C ARG A 666 -10.74 -33.85 -43.39
N SER A 667 -11.87 -34.46 -43.01
CA SER A 667 -12.65 -33.97 -41.88
C SER A 667 -11.99 -34.32 -40.54
N LYS A 668 -12.40 -33.64 -39.48
CA LYS A 668 -11.79 -33.83 -38.16
C LYS A 668 -12.04 -35.23 -37.63
N LYS A 669 -13.25 -35.75 -37.82
CA LYS A 669 -13.54 -37.13 -37.46
C LYS A 669 -12.58 -38.09 -38.19
N ASP A 670 -12.46 -37.95 -39.51
CA ASP A 670 -11.55 -38.80 -40.28
C ASP A 670 -10.09 -38.74 -39.82
N LEU A 671 -9.66 -37.56 -39.40
CA LEU A 671 -8.27 -37.35 -39.04
C LEU A 671 -7.92 -38.03 -37.75
N ILE A 672 -8.77 -37.85 -36.76
CA ILE A 672 -8.56 -38.42 -35.44
C ILE A 672 -8.50 -39.94 -35.55
N GLN A 673 -9.48 -40.51 -36.25
CA GLN A 673 -9.53 -41.96 -36.49
C GLN A 673 -8.27 -42.44 -37.19
N MET A 674 -7.84 -41.69 -38.21
CA MET A 674 -6.63 -42.04 -38.93
C MET A 674 -5.43 -42.07 -38.00
N LEU A 675 -5.37 -41.14 -37.06
CA LEU A 675 -4.24 -41.07 -36.17
C LEU A 675 -4.26 -42.27 -35.20
N VAL A 676 -5.44 -42.56 -34.66
CA VAL A 676 -5.63 -43.74 -33.83
C VAL A 676 -5.19 -45.02 -34.57
N GLN A 677 -5.76 -45.27 -35.75
CA GLN A 677 -5.39 -46.42 -36.58
C GLN A 677 -3.89 -46.57 -36.75
N ARG A 678 -3.19 -45.47 -36.99
CA ARG A 678 -1.75 -45.56 -37.23
C ARG A 678 -0.96 -45.56 -35.91
N GLY A 679 -1.66 -45.78 -34.81
CA GLY A 679 -1.04 -45.93 -33.51
C GLY A 679 -0.37 -44.70 -32.96
N TYR A 680 -1.01 -43.55 -33.09
CA TYR A 680 -0.48 -42.34 -32.51
C TYR A 680 -1.03 -42.21 -31.10
N GLU A 681 -0.27 -41.54 -30.24
CA GLU A 681 -0.65 -41.41 -28.83
C GLU A 681 -1.46 -40.16 -28.51
N SER A 682 -2.52 -40.33 -27.74
CA SER A 682 -3.23 -39.20 -27.15
C SER A 682 -2.23 -38.40 -26.33
N ASP A 683 -2.39 -37.08 -26.26
CA ASP A 683 -1.43 -36.19 -25.57
C ASP A 683 -0.79 -36.81 -24.32
N PRO A 684 0.50 -37.12 -24.40
CA PRO A 684 1.27 -37.75 -23.33
C PRO A 684 1.42 -36.83 -22.13
N VAL A 685 1.71 -35.56 -22.37
CA VAL A 685 1.86 -34.64 -21.27
C VAL A 685 0.52 -34.39 -20.56
N LYS A 686 -0.56 -34.31 -21.32
CA LYS A 686 -1.87 -34.13 -20.71
C LYS A 686 -2.28 -35.39 -19.94
N ALA A 687 -1.86 -36.55 -20.44
CA ALA A 687 -2.22 -37.85 -19.84
C ALA A 687 -1.48 -38.07 -18.53
N TRP A 688 -0.24 -37.58 -18.47
CA TRP A 688 0.57 -37.70 -17.28
C TRP A 688 0.11 -36.73 -16.20
N LYS A 689 -0.22 -35.50 -16.59
CA LYS A 689 -0.80 -34.54 -15.65
C LYS A 689 -2.15 -35.03 -15.13
N GLU A 690 -2.88 -35.76 -15.97
CA GLU A 690 -4.14 -36.38 -15.56
C GLU A 690 -3.90 -37.43 -14.48
N ALA A 691 -2.95 -38.34 -14.72
CA ALA A 691 -2.66 -39.41 -13.76
C ALA A 691 -2.00 -38.92 -12.45
N GLN A 692 -1.83 -37.60 -12.33
CA GLN A 692 -1.33 -37.00 -11.11
C GLN A 692 -2.44 -36.78 -10.06
N GLU A 693 -3.54 -37.51 -10.19
CA GLU A 693 -4.65 -37.41 -9.23
C GLU A 693 -5.20 -38.79 -8.85
N GLY A 717 -12.01 -38.45 -25.37
CA GLY A 717 -11.43 -39.23 -26.45
C GLY A 717 -9.96 -38.90 -26.67
N PRO A 718 -9.38 -39.41 -27.76
CA PRO A 718 -7.98 -39.10 -28.10
C PRO A 718 -7.78 -37.60 -28.27
N ASP A 719 -6.79 -37.05 -27.59
CA ASP A 719 -6.41 -35.63 -27.75
C ASP A 719 -5.16 -35.58 -28.61
N PHE A 720 -5.29 -35.04 -29.82
CA PHE A 720 -4.17 -34.99 -30.76
C PHE A 720 -3.74 -33.57 -31.10
N ASN A 721 -4.30 -32.60 -30.38
CA ASN A 721 -3.98 -31.20 -30.60
C ASN A 721 -2.49 -30.90 -30.58
N TYR A 722 -1.72 -31.65 -29.80
CA TYR A 722 -0.31 -31.32 -29.64
C TYR A 722 0.41 -31.53 -30.96
N ILE A 723 -0.18 -32.37 -31.80
CA ILE A 723 0.32 -32.56 -33.16
C ILE A 723 -0.21 -31.53 -34.15
N LEU A 724 -1.52 -31.44 -34.27
CA LEU A 724 -2.13 -30.58 -35.28
C LEU A 724 -2.03 -29.10 -34.96
N ASN A 725 -1.60 -28.77 -33.74
CA ASN A 725 -1.40 -27.38 -33.39
C ASN A 725 -0.05 -26.88 -33.84
N MET A 726 0.82 -27.80 -34.25
CA MET A 726 2.11 -27.41 -34.78
C MET A 726 1.88 -26.48 -35.97
N SER A 727 2.83 -25.61 -36.23
CA SER A 727 2.68 -24.66 -37.32
C SER A 727 3.05 -25.27 -38.67
N LEU A 728 2.75 -24.58 -39.77
CA LEU A 728 3.13 -25.07 -41.09
C LEU A 728 4.63 -24.97 -41.26
N TRP A 729 5.26 -24.08 -40.51
CA TRP A 729 6.72 -23.99 -40.51
C TRP A 729 7.33 -25.35 -40.20
N SER A 730 6.57 -26.18 -39.49
CA SER A 730 7.05 -27.47 -39.00
C SER A 730 7.37 -28.46 -40.11
N LEU A 731 6.87 -28.16 -41.30
CA LEU A 731 7.03 -29.04 -42.43
C LEU A 731 8.23 -28.64 -43.28
N THR A 732 8.85 -27.51 -42.97
CA THR A 732 9.99 -27.05 -43.76
C THR A 732 11.27 -27.74 -43.33
N LYS A 733 12.26 -27.72 -44.22
CA LYS A 733 13.50 -28.47 -44.05
C LYS A 733 14.20 -28.21 -42.72
N GLU A 734 14.56 -26.96 -42.48
CA GLU A 734 15.29 -26.60 -41.27
C GLU A 734 14.48 -26.93 -40.02
N LYS A 735 13.16 -26.87 -40.13
CA LYS A 735 12.32 -27.17 -38.99
C LYS A 735 12.20 -28.67 -38.81
N VAL A 736 12.30 -29.41 -39.90
CA VAL A 736 12.29 -30.85 -39.79
C VAL A 736 13.55 -31.30 -39.06
N GLU A 737 14.69 -30.83 -39.56
CA GLU A 737 15.96 -31.07 -38.89
C GLU A 737 15.93 -30.63 -37.42
N GLU A 738 15.38 -29.44 -37.16
CA GLU A 738 15.35 -28.93 -35.79
C GLU A 738 14.50 -29.78 -34.86
N LEU A 739 13.35 -30.24 -35.34
CA LEU A 739 12.53 -31.11 -34.51
C LEU A 739 13.21 -32.45 -34.24
N ILE A 740 13.95 -32.96 -35.23
CA ILE A 740 14.68 -34.21 -35.05
C ILE A 740 15.71 -34.06 -33.92
N LYS A 741 16.48 -32.98 -33.97
CA LYS A 741 17.47 -32.68 -32.95
C LYS A 741 16.86 -32.57 -31.56
N GLN A 742 15.71 -31.91 -31.44
CA GLN A 742 15.07 -31.73 -30.13
C GLN A 742 14.57 -33.05 -29.55
N ARG A 743 14.05 -33.90 -30.41
CA ARG A 743 13.58 -35.22 -30.00
C ARG A 743 14.70 -36.05 -29.38
N ASP A 744 15.88 -36.00 -30.01
CA ASP A 744 17.02 -36.78 -29.54
C ASP A 744 17.59 -36.18 -28.28
N ALA A 745 17.53 -34.86 -28.18
CA ALA A 745 18.06 -34.18 -27.01
C ALA A 745 17.20 -34.52 -25.80
N LYS A 746 15.90 -34.68 -26.03
CA LYS A 746 14.98 -34.96 -24.93
C LYS A 746 15.19 -36.39 -24.44
N GLY A 747 15.45 -37.31 -25.36
CA GLY A 747 15.74 -38.69 -25.02
C GLY A 747 17.00 -38.79 -24.16
N ARG A 748 18.00 -38.02 -24.52
CA ARG A 748 19.23 -37.99 -23.74
C ARG A 748 19.02 -37.32 -22.39
N GLU A 749 18.21 -36.26 -22.38
CA GLU A 749 17.89 -35.55 -21.14
C GLU A 749 17.17 -36.45 -20.13
N VAL A 750 16.30 -37.32 -20.63
CA VAL A 750 15.61 -38.27 -19.77
C VAL A 750 16.63 -39.22 -19.17
N ASN A 751 17.54 -39.71 -20.01
CA ASN A 751 18.57 -40.64 -19.55
C ASN A 751 19.57 -40.02 -18.58
N ASP A 752 20.04 -38.79 -18.84
CA ASP A 752 20.97 -38.12 -17.94
C ASP A 752 20.36 -37.97 -16.54
N LEU A 753 19.06 -37.75 -16.50
CA LEU A 753 18.36 -37.52 -15.27
C LEU A 753 18.10 -38.84 -14.54
N LYS A 754 17.73 -39.89 -15.26
CA LYS A 754 17.49 -41.19 -14.60
C LYS A 754 18.77 -41.70 -13.92
N ARG A 755 19.92 -41.28 -14.46
CA ARG A 755 21.22 -41.67 -13.93
C ARG A 755 21.58 -40.98 -12.61
N LYS A 756 20.90 -39.88 -12.30
CA LYS A 756 21.18 -39.15 -11.06
C LYS A 756 20.31 -39.63 -9.91
N SER A 757 20.88 -39.72 -8.72
CA SER A 757 20.13 -40.13 -7.55
C SER A 757 19.51 -38.89 -6.91
N PRO A 758 18.46 -39.07 -6.10
CA PRO A 758 17.98 -37.93 -5.31
C PRO A 758 19.15 -37.24 -4.64
N SER A 759 20.05 -38.04 -4.09
CA SER A 759 21.26 -37.54 -3.44
C SER A 759 22.15 -36.68 -4.37
N ASP A 760 22.36 -37.12 -5.60
CA ASP A 760 23.13 -36.35 -6.58
C ASP A 760 22.48 -34.99 -6.89
N LEU A 761 21.16 -34.99 -7.02
CA LEU A 761 20.41 -33.77 -7.29
C LEU A 761 20.59 -32.75 -6.16
N TRP A 762 20.60 -33.26 -4.94
CA TRP A 762 20.76 -32.42 -3.79
C TRP A 762 22.14 -31.78 -3.81
N LYS A 763 23.14 -32.60 -4.09
CA LYS A 763 24.52 -32.14 -4.11
C LYS A 763 24.73 -31.09 -5.18
N GLU A 764 24.05 -31.24 -6.33
CA GLU A 764 24.16 -30.21 -7.39
C GLU A 764 23.68 -28.88 -6.83
N ASP A 765 22.47 -28.89 -6.26
CA ASP A 765 21.90 -27.72 -5.62
C ASP A 765 22.83 -27.05 -4.61
N LEU A 766 23.46 -27.85 -3.75
CA LEU A 766 24.29 -27.32 -2.70
C LEU A 766 25.51 -26.66 -3.29
N ALA A 767 26.09 -27.30 -4.31
CA ALA A 767 27.24 -26.75 -5.00
C ALA A 767 26.90 -25.39 -5.61
N ALA A 768 25.74 -25.31 -6.27
CA ALA A 768 25.32 -24.09 -6.93
C ALA A 768 25.07 -22.96 -5.92
N PHE A 769 24.33 -23.28 -4.85
CA PHE A 769 24.08 -22.35 -3.75
C PHE A 769 25.38 -21.82 -3.12
N VAL A 770 26.32 -22.72 -2.85
CA VAL A 770 27.60 -22.35 -2.25
C VAL A 770 28.44 -21.46 -3.18
N GLU A 771 28.41 -21.76 -4.47
CA GLU A 771 29.10 -20.88 -5.41
C GLU A 771 28.54 -19.46 -5.32
N GLU A 772 27.21 -19.35 -5.29
CA GLU A 772 26.60 -18.04 -5.23
C GLU A 772 26.77 -17.39 -3.87
N LEU A 773 26.69 -18.19 -2.80
CA LEU A 773 26.96 -17.68 -1.47
C LEU A 773 28.34 -17.01 -1.35
N ASP A 774 29.37 -17.67 -1.90
CA ASP A 774 30.73 -17.11 -1.87
C ASP A 774 30.80 -15.80 -2.66
N LYS A 775 30.18 -15.79 -3.82
CA LYS A 775 30.17 -14.59 -4.65
C LYS A 775 29.45 -13.45 -3.91
N VAL A 776 28.22 -13.69 -3.46
CA VAL A 776 27.47 -12.69 -2.71
C VAL A 776 28.22 -12.21 -1.48
N GLU A 777 28.64 -13.12 -0.61
CA GLU A 777 29.30 -12.71 0.62
C GLU A 777 30.63 -11.98 0.39
N SER A 778 31.30 -12.30 -0.71
CA SER A 778 32.54 -11.60 -1.05
C SER A 778 32.29 -10.17 -1.52
N GLN A 779 31.26 -9.99 -2.33
CA GLN A 779 30.87 -8.66 -2.77
C GLN A 779 30.44 -7.76 -1.60
N GLU A 780 29.84 -8.33 -0.55
CA GLU A 780 29.43 -7.54 0.61
C GLU A 780 30.65 -7.04 1.38
N ARG A 781 31.63 -7.90 1.57
CA ARG A 781 32.88 -7.51 2.24
C ARG A 781 33.62 -6.43 1.46
N GLU A 782 33.42 -6.38 0.15
CA GLU A 782 34.06 -5.38 -0.70
C GLU A 782 33.26 -4.06 -0.76
N ASP A 783 31.93 -4.15 -0.74
CA ASP A 783 31.06 -2.97 -0.74
C ASP A 783 31.07 -2.31 0.64
N GLY B 35 3.57 12.55 20.38
CA GLY B 35 4.57 12.25 19.37
C GLY B 35 4.85 13.40 18.41
N ILE B 36 5.02 14.60 18.96
CA ILE B 36 5.31 15.79 18.16
C ILE B 36 6.75 15.73 17.64
N PRO B 37 7.08 16.59 16.64
CA PRO B 37 8.47 16.72 16.17
C PRO B 37 9.44 17.04 17.31
N LYS B 38 10.62 16.40 17.30
CA LYS B 38 11.58 16.60 18.37
C LYS B 38 12.90 17.16 17.85
N LEU B 39 13.35 18.23 18.49
CA LEU B 39 14.64 18.83 18.17
C LEU B 39 15.77 17.95 18.68
N ASP B 40 16.86 17.85 17.91
CA ASP B 40 18.14 17.38 18.45
C ASP B 40 19.04 18.60 18.44
N ASP B 41 19.12 19.25 19.59
CA ASP B 41 19.78 20.54 19.75
C ASP B 41 21.30 20.37 19.69
N ALA B 42 21.96 21.25 18.96
CA ALA B 42 23.42 21.31 18.92
C ALA B 42 23.96 21.50 20.34
N ASN B 43 25.06 20.82 20.66
CA ASN B 43 25.66 20.91 22.01
C ASN B 43 26.02 22.35 22.40
N ASP B 44 26.56 23.10 21.44
CA ASP B 44 27.01 24.47 21.70
C ASP B 44 25.91 25.52 21.55
N ALA B 45 24.69 25.09 21.23
CA ALA B 45 23.60 26.04 21.05
C ALA B 45 23.29 26.79 22.34
N GLY B 46 23.11 28.09 22.22
CA GLY B 46 22.67 28.91 23.35
C GLY B 46 23.80 29.31 24.29
N GLY B 47 25.02 28.99 23.89
CA GLY B 47 26.20 29.29 24.68
C GLY B 47 27.20 30.15 23.92
N LYS B 48 28.46 30.08 24.33
CA LYS B 48 29.48 30.98 23.81
C LYS B 48 29.57 30.94 22.28
N HIS B 49 29.38 29.75 21.71
CA HIS B 49 29.53 29.53 20.27
C HIS B 49 28.21 29.43 19.49
N SER B 50 27.18 30.15 19.92
CA SER B 50 25.88 30.10 19.26
C SER B 50 25.90 30.47 17.77
N LEU B 51 26.48 31.62 17.43
CA LEU B 51 26.54 32.09 16.06
C LEU B 51 27.40 31.20 15.15
N GLU B 52 27.95 30.14 15.71
CA GLU B 52 28.71 29.18 14.93
C GLU B 52 27.91 27.90 14.69
N CYS B 53 26.73 27.83 15.30
CA CYS B 53 25.83 26.69 15.15
C CYS B 53 24.82 26.85 14.02
N THR B 54 24.61 25.77 13.30
CA THR B 54 23.62 25.69 12.25
C THR B 54 22.45 24.80 12.68
N LEU B 55 21.23 25.29 12.45
CA LEU B 55 20.04 24.47 12.65
C LEU B 55 19.57 23.92 11.31
N ILE B 56 19.60 22.61 11.17
CA ILE B 56 19.15 21.97 9.95
C ILE B 56 17.64 21.70 10.03
N LEU B 57 16.86 22.23 9.10
CA LEU B 57 15.45 21.92 9.06
C LEU B 57 15.23 20.91 7.97
N THR B 58 14.72 19.74 8.28
CA THR B 58 14.59 18.71 7.26
C THR B 58 13.15 18.42 6.91
N GLU B 59 12.95 17.72 5.81
CA GLU B 59 11.62 17.41 5.35
C GLU B 59 11.25 16.00 5.83
N GLY B 60 10.63 15.93 7.00
CA GLY B 60 10.23 14.65 7.57
C GLY B 60 11.28 14.02 8.47
N ASP B 61 10.88 13.01 9.23
CA ASP B 61 11.75 12.43 10.26
C ASP B 61 12.80 11.42 9.75
N SER B 62 12.54 10.76 8.62
CA SER B 62 13.53 9.88 8.04
C SER B 62 14.78 10.70 7.75
N ALA B 63 14.61 11.76 6.98
CA ALA B 63 15.71 12.66 6.64
C ALA B 63 16.37 13.26 7.88
N LYS B 64 15.59 13.49 8.94
CA LYS B 64 16.17 13.91 10.21
C LYS B 64 17.12 12.83 10.77
N SER B 65 16.68 11.58 10.76
CA SER B 65 17.49 10.46 11.25
C SER B 65 18.79 10.34 10.46
N LEU B 66 18.68 10.46 9.15
CA LEU B 66 19.83 10.34 8.27
C LEU B 66 20.78 11.53 8.44
N ALA B 67 20.22 12.73 8.60
CA ALA B 67 21.06 13.89 8.88
C ALA B 67 21.83 13.68 10.18
N VAL B 68 21.14 13.19 11.21
CA VAL B 68 21.77 13.04 12.51
C VAL B 68 22.89 12.00 12.47
N SER B 69 22.65 10.88 11.81
CA SER B 69 23.69 9.85 11.70
C SER B 69 24.89 10.27 10.82
N GLY B 70 24.64 11.09 9.80
CA GLY B 70 25.71 11.59 8.96
C GLY B 70 26.62 12.59 9.67
N LEU B 71 26.09 13.26 10.69
CA LEU B 71 26.88 14.21 11.48
C LEU B 71 27.77 13.46 12.47
N GLY B 72 27.26 12.36 13.00
CA GLY B 72 27.96 11.60 14.01
C GLY B 72 28.14 12.42 15.27
N VAL B 73 28.99 11.93 16.18
CA VAL B 73 29.23 12.57 17.47
C VAL B 73 29.90 13.94 17.34
N ILE B 74 30.87 14.05 16.44
CA ILE B 74 31.55 15.31 16.24
C ILE B 74 30.62 16.36 15.63
N GLY B 75 29.74 15.93 14.74
CA GLY B 75 28.76 16.81 14.15
C GLY B 75 27.72 17.36 15.12
N ARG B 76 27.38 16.59 16.17
CA ARG B 76 26.33 17.01 17.08
CA ARG B 76 26.34 16.98 17.12
C ARG B 76 26.69 18.27 17.87
N ASP B 77 27.94 18.70 17.76
CA ASP B 77 28.36 19.87 18.53
C ASP B 77 27.81 21.20 17.99
N ARG B 78 27.92 21.41 16.69
CA ARG B 78 27.53 22.67 16.09
C ARG B 78 26.35 22.56 15.12
N TYR B 79 25.66 21.43 15.13
CA TYR B 79 24.52 21.23 14.22
C TYR B 79 23.32 20.63 14.92
N GLY B 80 22.21 21.35 14.89
CA GLY B 80 20.95 20.83 15.38
C GLY B 80 20.12 20.34 14.21
N VAL B 81 19.12 19.51 14.51
CA VAL B 81 18.23 18.99 13.48
C VAL B 81 16.79 18.95 13.99
N PHE B 82 15.87 19.49 13.20
CA PHE B 82 14.45 19.52 13.54
C PHE B 82 13.67 19.23 12.26
N PRO B 83 12.66 18.35 12.33
CA PRO B 83 11.99 17.99 11.08
C PRO B 83 10.69 18.77 10.86
N LEU B 84 10.49 19.20 9.63
CA LEU B 84 9.22 19.79 9.26
C LEU B 84 8.42 18.69 8.60
N ARG B 85 7.18 18.50 9.02
CA ARG B 85 6.42 17.35 8.57
C ARG B 85 5.51 17.61 7.38
N GLY B 86 5.60 18.81 6.81
CA GLY B 86 4.85 19.13 5.62
C GLY B 86 4.81 20.62 5.39
N LYS B 87 3.89 21.08 4.54
CA LYS B 87 3.76 22.50 4.24
C LYS B 87 3.45 23.26 5.52
N ILE B 88 3.99 24.47 5.63
CA ILE B 88 3.85 25.23 6.85
C ILE B 88 3.09 26.52 6.56
N LEU B 89 2.78 27.26 7.63
CA LEU B 89 2.00 28.49 7.54
C LEU B 89 2.65 29.58 6.68
N ASN B 90 1.87 30.15 5.77
CA ASN B 90 2.25 31.41 5.15
C ASN B 90 1.90 32.56 6.11
N VAL B 91 2.91 33.05 6.81
CA VAL B 91 2.74 34.07 7.85
C VAL B 91 2.53 35.51 7.36
N ARG B 92 2.73 35.76 6.08
CA ARG B 92 2.71 37.12 5.55
C ARG B 92 1.37 37.86 5.82
N GLU B 93 0.26 37.16 5.62
CA GLU B 93 -1.05 37.72 5.93
C GLU B 93 -1.93 36.72 6.69
N ALA B 94 -1.33 35.89 7.51
CA ALA B 94 -2.10 34.97 8.36
C ALA B 94 -2.72 35.80 9.47
N SER B 95 -3.69 35.23 10.18
CA SER B 95 -4.27 35.94 11.34
C SER B 95 -3.33 35.84 12.53
N HIS B 96 -3.50 36.77 13.47
CA HIS B 96 -2.69 36.79 14.66
C HIS B 96 -2.85 35.47 15.42
N LYS B 97 -4.08 34.93 15.41
CA LYS B 97 -4.36 33.65 16.04
C LYS B 97 -3.53 32.53 15.41
N GLN B 98 -3.60 32.39 14.09
CA GLN B 98 -2.81 31.38 13.40
C GLN B 98 -1.33 31.48 13.73
N ILE B 99 -0.80 32.70 13.74
CA ILE B 99 0.62 32.87 14.03
C ILE B 99 0.93 32.45 15.46
N MET B 100 0.12 32.89 16.41
CA MET B 100 0.29 32.48 17.81
C MET B 100 0.18 30.97 18.00
N GLU B 101 -0.80 30.35 17.35
CA GLU B 101 -1.09 28.93 17.59
C GLU B 101 -0.32 27.94 16.70
N ASN B 102 0.54 28.41 15.82
CA ASN B 102 1.18 27.50 14.90
C ASN B 102 2.40 26.75 15.47
N ALA B 103 2.35 25.42 15.43
CA ALA B 103 3.42 24.59 15.99
C ALA B 103 4.80 24.84 15.39
N GLU B 104 4.90 24.79 14.06
CA GLU B 104 6.19 24.83 13.40
C GLU B 104 6.85 26.17 13.58
N ILE B 105 6.11 27.21 13.21
CA ILE B 105 6.55 28.59 13.32
C ILE B 105 7.07 28.86 14.75
N ASN B 106 6.31 28.42 15.75
CA ASN B 106 6.71 28.70 17.12
C ASN B 106 7.87 27.87 17.63
N ASN B 107 7.96 26.62 17.22
CA ASN B 107 9.14 25.84 17.57
C ASN B 107 10.42 26.43 16.97
N ILE B 108 10.35 26.89 15.72
CA ILE B 108 11.51 27.51 15.10
C ILE B 108 11.97 28.71 15.91
N ILE B 109 11.03 29.57 16.30
CA ILE B 109 11.36 30.71 17.14
C ILE B 109 12.03 30.35 18.49
N LYS B 110 11.50 29.36 19.21
CA LYS B 110 12.09 28.99 20.51
C LYS B 110 13.50 28.46 20.33
N ILE B 111 13.65 27.57 19.36
CA ILE B 111 14.92 26.92 19.08
C ILE B 111 15.98 27.94 18.68
N VAL B 112 15.64 28.82 17.76
CA VAL B 112 16.59 29.81 17.29
C VAL B 112 16.73 30.96 18.31
N GLY B 113 15.66 31.24 19.04
CA GLY B 113 15.71 32.31 20.00
C GLY B 113 15.39 33.64 19.33
N LEU B 114 14.50 33.60 18.35
CA LEU B 114 14.07 34.81 17.65
C LEU B 114 13.08 35.60 18.51
N GLN B 115 12.97 36.89 18.22
CA GLN B 115 12.06 37.78 18.93
C GLN B 115 11.32 38.62 17.90
N TYR B 116 9.99 38.63 17.94
CA TYR B 116 9.25 39.46 16.99
C TYR B 116 9.58 40.91 17.25
N LYS B 117 9.69 41.67 16.17
CA LYS B 117 9.86 43.12 16.20
C LYS B 117 11.29 43.55 16.44
N LYS B 118 12.12 42.66 16.98
CA LYS B 118 13.55 42.94 17.05
C LYS B 118 14.15 43.05 15.63
N SER B 119 15.01 44.03 15.41
CA SER B 119 15.77 44.07 14.17
C SER B 119 17.21 43.68 14.48
N TYR B 120 17.77 42.85 13.60
CA TYR B 120 19.12 42.36 13.78
C TYR B 120 20.06 43.04 12.79
N ASP B 121 20.39 44.28 13.10
CA ASP B 121 21.24 45.09 12.23
CA ASP B 121 21.24 45.07 12.22
C ASP B 121 22.71 45.04 12.65
N ASP B 122 22.98 45.14 13.96
CA ASP B 122 24.35 45.13 14.49
C ASP B 122 24.89 43.72 14.66
N ALA B 123 26.16 43.65 15.06
CA ALA B 123 26.70 42.43 15.62
C ALA B 123 26.07 42.25 17.00
N GLU B 124 25.97 43.35 17.75
CA GLU B 124 25.34 43.35 19.07
C GLU B 124 23.99 42.62 19.10
N SER B 125 23.16 42.89 18.10
CA SER B 125 21.80 42.37 18.08
C SER B 125 21.76 40.85 17.99
N LEU B 126 22.80 40.26 17.41
CA LEU B 126 22.80 38.82 17.15
C LEU B 126 23.16 37.98 18.36
N LYS B 127 23.59 38.63 19.44
CA LYS B 127 24.05 37.91 20.62
C LYS B 127 22.94 37.17 21.37
N THR B 128 21.69 37.44 21.01
CA THR B 128 20.56 36.79 21.66
C THR B 128 20.04 35.53 20.97
N LEU B 129 20.70 35.12 19.88
CA LEU B 129 20.30 33.93 19.14
C LEU B 129 21.03 32.67 19.61
N ARG B 130 20.34 31.53 19.56
CA ARG B 130 20.91 30.25 19.98
C ARG B 130 21.59 29.53 18.83
N TYR B 131 21.34 30.03 17.62
CA TYR B 131 21.93 29.48 16.40
C TYR B 131 22.21 30.68 15.50
N GLY B 132 23.24 30.57 14.66
CA GLY B 132 23.63 31.66 13.78
C GLY B 132 23.08 31.56 12.36
N LYS B 133 22.63 30.38 11.98
CA LYS B 133 22.11 30.18 10.63
C LYS B 133 21.19 28.97 10.61
N ILE B 134 20.22 28.99 9.68
CA ILE B 134 19.37 27.84 9.46
C ILE B 134 19.74 27.27 8.13
N MET B 135 19.94 25.97 8.07
CA MET B 135 20.22 25.30 6.81
C MET B 135 19.00 24.47 6.44
N ILE B 136 18.34 24.84 5.35
CA ILE B 136 17.16 24.14 4.86
C ILE B 136 17.56 22.92 4.07
N MET B 137 17.09 21.75 4.49
CA MET B 137 17.41 20.52 3.81
C MET B 137 16.13 19.74 3.47
N THR B 138 15.57 19.99 2.28
CA THR B 138 14.32 19.34 1.88
C THR B 138 14.54 18.45 0.67
N ASP B 139 13.51 17.70 0.29
CA ASP B 139 13.51 16.92 -0.94
C ASP B 139 13.93 17.82 -2.08
N GLN B 140 14.72 17.27 -2.99
CA GLN B 140 15.11 18.00 -4.18
C GLN B 140 13.99 17.89 -5.24
N ASP B 141 12.75 18.14 -4.83
CA ASP B 141 11.63 18.20 -5.75
C ASP B 141 10.87 19.51 -5.57
N GLN B 142 9.79 19.68 -6.33
CA GLN B 142 9.04 20.93 -6.30
C GLN B 142 8.41 21.23 -4.94
N ASP B 143 7.75 20.27 -4.33
CA ASP B 143 7.17 20.51 -3.02
C ASP B 143 8.27 20.83 -2.01
N GLY B 144 9.45 20.26 -2.20
CA GLY B 144 10.59 20.64 -1.40
C GLY B 144 10.86 22.12 -1.55
N SER B 145 10.85 22.61 -2.79
CA SER B 145 11.11 24.02 -3.06
C SER B 145 10.09 24.92 -2.39
N HIS B 146 8.83 24.47 -2.38
CA HIS B 146 7.75 25.24 -1.81
C HIS B 146 8.02 25.45 -0.33
N ILE B 147 8.53 24.41 0.31
CA ILE B 147 8.84 24.48 1.73
C ILE B 147 10.02 25.43 1.99
N LYS B 148 11.06 25.41 1.15
CA LYS B 148 12.12 26.42 1.28
C LYS B 148 11.52 27.82 1.18
N GLY B 149 10.59 28.00 0.23
CA GLY B 149 9.95 29.27 0.00
C GLY B 149 9.23 29.79 1.22
N LEU B 150 8.42 28.91 1.82
CA LEU B 150 7.62 29.29 2.96
C LEU B 150 8.50 29.67 4.13
N LEU B 151 9.61 28.95 4.28
CA LEU B 151 10.62 29.26 5.29
C LEU B 151 11.27 30.61 5.03
N ILE B 152 11.64 30.86 3.78
CA ILE B 152 12.19 32.16 3.39
C ILE B 152 11.14 33.26 3.64
N ASN B 153 9.91 33.01 3.20
CA ASN B 153 8.83 33.96 3.40
C ASN B 153 8.69 34.32 4.88
N PHE B 154 8.81 33.31 5.73
CA PHE B 154 8.70 33.48 7.17
C PHE B 154 9.73 34.49 7.69
N ILE B 155 11.00 34.20 7.46
CA ILE B 155 12.07 35.09 7.93
C ILE B 155 12.03 36.47 7.29
N HIS B 156 11.71 36.52 6.00
CA HIS B 156 11.67 37.79 5.29
C HIS B 156 10.58 38.75 5.81
N HIS B 157 9.41 38.18 6.15
CA HIS B 157 8.31 38.99 6.63
C HIS B 157 8.56 39.57 8.02
N ASN B 158 9.26 38.80 8.87
CA ASN B 158 9.46 39.15 10.27
C ASN B 158 10.82 39.75 10.58
N TRP B 159 11.87 39.24 9.96
CA TRP B 159 13.23 39.72 10.22
C TRP B 159 14.05 39.91 8.96
N PRO B 160 13.66 40.88 8.12
CA PRO B 160 14.43 41.14 6.90
C PRO B 160 15.88 41.53 7.19
N SER B 161 16.12 42.17 8.32
CA SER B 161 17.48 42.55 8.70
C SER B 161 18.40 41.34 8.87
N LEU B 162 17.83 40.16 9.09
CA LEU B 162 18.61 38.91 9.23
C LEU B 162 19.21 38.48 7.90
N LEU B 163 18.37 38.43 6.86
CA LEU B 163 18.78 38.06 5.51
C LEU B 163 19.97 38.88 4.98
N LYS B 164 20.11 40.12 5.46
CA LYS B 164 21.26 40.95 5.12
C LYS B 164 22.57 40.34 5.65
N HIS B 165 22.48 39.64 6.78
CA HIS B 165 23.64 38.97 7.36
C HIS B 165 23.91 37.63 6.69
N GLY B 166 22.98 37.18 5.85
CA GLY B 166 23.07 35.87 5.26
C GLY B 166 22.86 34.86 6.35
N PHE B 167 21.60 34.54 6.59
CA PHE B 167 21.26 33.75 7.77
C PHE B 167 20.66 32.42 7.29
N LEU B 168 20.21 32.39 6.03
CA LEU B 168 19.65 31.17 5.45
C LEU B 168 20.61 30.50 4.48
N GLU B 169 20.64 29.17 4.54
CA GLU B 169 21.42 28.32 3.64
C GLU B 169 20.56 27.12 3.20
N GLU B 170 20.94 26.45 2.12
CA GLU B 170 20.36 25.14 1.80
C GLU B 170 21.42 24.04 1.59
N PHE B 171 21.00 22.79 1.81
CA PHE B 171 21.79 21.63 1.49
C PHE B 171 21.14 20.90 0.31
N ILE B 172 21.77 20.94 -0.87
CA ILE B 172 21.20 20.23 -2.03
C ILE B 172 21.76 18.83 -2.27
N THR B 218 20.35 5.35 2.78
CA THR B 218 21.35 4.56 3.50
C THR B 218 22.29 5.41 4.38
N ALA B 219 22.54 4.94 5.60
CA ALA B 219 23.27 5.71 6.61
C ALA B 219 24.76 5.90 6.31
N LYS B 220 25.30 5.03 5.47
CA LYS B 220 26.69 5.17 5.03
C LYS B 220 26.78 6.22 3.93
N GLU B 221 25.73 6.33 3.13
CA GLU B 221 25.65 7.33 2.07
C GLU B 221 25.46 8.72 2.69
N ALA B 222 24.75 8.79 3.82
CA ALA B 222 24.51 10.04 4.52
C ALA B 222 25.75 10.54 5.28
N LYS B 223 26.63 9.62 5.68
CA LYS B 223 27.89 9.95 6.33
C LYS B 223 28.90 10.54 5.34
N GLU B 224 28.98 9.93 4.16
CA GLU B 224 29.87 10.41 3.10
C GLU B 224 29.44 11.79 2.62
N TYR B 225 28.13 12.00 2.51
CA TYR B 225 27.57 13.30 2.12
C TYR B 225 28.01 14.44 3.06
N PHE B 226 27.93 14.18 4.36
CA PHE B 226 28.22 15.18 5.39
C PHE B 226 29.72 15.48 5.60
N ALA B 227 30.60 14.56 5.24
CA ALA B 227 32.04 14.79 5.34
C ALA B 227 32.46 15.80 4.27
N ASP B 228 31.56 16.00 3.31
CA ASP B 228 31.77 16.86 2.17
C ASP B 228 30.69 17.93 2.19
N MET B 229 30.30 18.34 3.40
CA MET B 229 29.17 19.25 3.59
C MET B 229 29.31 20.53 2.77
N GLU B 230 30.51 21.10 2.82
CA GLU B 230 30.75 22.40 2.20
C GLU B 230 30.50 22.40 0.68
N ARG B 231 30.62 21.24 0.05
CA ARG B 231 30.38 21.17 -1.38
C ARG B 231 28.90 21.06 -1.74
N HIS B 232 28.07 20.75 -0.76
CA HIS B 232 26.64 20.64 -0.99
C HIS B 232 25.88 21.81 -0.38
N ARG B 233 26.61 22.82 0.07
CA ARG B 233 26.05 23.92 0.84
C ARG B 233 25.94 25.17 0.00
N ILE B 234 24.70 25.62 -0.23
CA ILE B 234 24.45 26.87 -0.95
C ILE B 234 24.00 27.93 0.04
N LEU B 235 24.48 29.16 -0.15
CA LEU B 235 24.10 30.27 0.70
C LEU B 235 23.27 31.30 -0.05
N PHE B 236 22.02 31.51 0.39
CA PHE B 236 21.16 32.56 -0.15
C PHE B 236 21.73 33.96 0.11
N ARG B 237 21.67 34.82 -0.88
N ARG B 237 21.66 34.82 -0.89
CA ARG B 237 22.06 36.21 -0.64
CA ARG B 237 22.07 36.21 -0.69
C ARG B 237 20.94 37.20 -0.95
C ARG B 237 20.93 37.20 -0.95
N TYR B 238 20.81 38.20 -0.09
CA TYR B 238 19.91 39.31 -0.37
C TYR B 238 20.73 40.27 -1.20
N ALA B 239 20.17 40.71 -2.31
CA ALA B 239 20.91 41.50 -3.28
C ALA B 239 20.20 42.80 -3.70
N GLY B 240 19.16 43.21 -2.98
CA GLY B 240 18.44 44.42 -3.32
C GLY B 240 16.94 44.24 -3.43
N PRO B 241 16.22 45.32 -3.74
CA PRO B 241 14.75 45.27 -3.67
C PRO B 241 14.15 44.22 -4.61
N GLU B 242 14.89 43.81 -5.63
CA GLU B 242 14.35 42.81 -6.53
C GLU B 242 14.07 41.49 -5.79
N ASP B 243 14.84 41.23 -4.73
CA ASP B 243 14.55 40.08 -3.87
C ASP B 243 13.26 40.26 -3.06
N ASP B 244 13.05 41.45 -2.52
CA ASP B 244 11.84 41.74 -1.76
C ASP B 244 10.64 41.50 -2.63
N ALA B 245 10.71 41.96 -3.87
CA ALA B 245 9.58 41.86 -4.79
C ALA B 245 9.32 40.42 -5.21
N ALA B 246 10.40 39.67 -5.45
CA ALA B 246 10.25 38.28 -5.85
C ALA B 246 9.52 37.47 -4.77
N ILE B 247 9.95 37.65 -3.52
CA ILE B 247 9.37 36.95 -2.39
C ILE B 247 7.93 37.36 -2.20
N THR B 248 7.70 38.67 -2.25
CA THR B 248 6.36 39.20 -2.14
C THR B 248 5.45 38.69 -3.26
N LEU B 249 5.95 38.71 -4.48
CA LEU B 249 5.23 38.19 -5.63
C LEU B 249 4.72 36.79 -5.35
N ALA B 250 5.57 35.96 -4.76
CA ALA B 250 5.24 34.55 -4.60
C ALA B 250 4.26 34.26 -3.45
N PHE B 251 4.30 35.07 -2.40
CA PHE B 251 3.57 34.73 -1.19
C PHE B 251 2.56 35.74 -0.65
N SER B 252 2.42 36.90 -1.28
CA SER B 252 1.46 37.87 -0.76
C SER B 252 0.08 37.62 -1.33
N LYS B 253 -0.93 37.69 -0.46
CA LYS B 253 -2.34 37.47 -0.86
C LYS B 253 -2.82 38.62 -1.75
N LYS B 254 -2.07 39.71 -1.73
CA LYS B 254 -2.38 40.85 -2.57
C LYS B 254 -1.84 40.72 -3.98
N LYS B 255 -1.11 39.64 -4.25
CA LYS B 255 -0.36 39.55 -5.50
C LYS B 255 -0.85 38.44 -6.45
N ILE B 256 -2.13 38.09 -6.38
CA ILE B 256 -2.67 37.05 -7.24
C ILE B 256 -2.56 37.40 -8.74
N ASP B 257 -2.92 38.62 -9.09
CA ASP B 257 -2.83 39.04 -10.48
C ASP B 257 -1.39 39.05 -11.01
N ASP B 258 -0.44 39.43 -10.16
CA ASP B 258 0.95 39.42 -10.59
C ASP B 258 1.43 38.00 -10.82
N ARG B 259 0.92 37.05 -10.03
CA ARG B 259 1.26 35.65 -10.22
C ARG B 259 0.68 35.07 -11.52
N LYS B 260 -0.53 35.47 -11.91
CA LYS B 260 -1.06 35.05 -13.22
C LYS B 260 -0.13 35.53 -14.33
N GLU B 261 0.31 36.78 -14.24
CA GLU B 261 1.23 37.30 -15.24
C GLU B 261 2.58 36.56 -15.26
N TRP B 262 3.21 36.48 -14.09
CA TRP B 262 4.41 35.69 -13.82
C TRP B 262 4.37 34.31 -14.46
N LEU B 263 3.31 33.58 -14.17
CA LEU B 263 3.18 32.21 -14.66
C LEU B 263 2.81 32.17 -16.14
N THR B 264 2.08 33.17 -16.61
CA THR B 264 1.77 33.26 -18.03
C THR B 264 3.07 33.44 -18.83
N ASN B 265 3.89 34.39 -18.43
CA ASN B 265 5.21 34.52 -19.04
C ASN B 265 6.00 33.21 -19.00
N PHE B 266 6.01 32.54 -17.85
CA PHE B 266 6.66 31.23 -17.76
C PHE B 266 6.11 30.21 -18.76
N MET B 267 4.78 30.07 -18.82
CA MET B 267 4.16 29.02 -19.62
C MET B 267 4.43 29.22 -21.10
N GLU B 268 4.35 30.47 -21.54
CA GLU B 268 4.53 30.85 -22.93
C GLU B 268 5.98 30.67 -23.34
N ASP B 269 6.87 31.14 -22.48
CA ASP B 269 8.30 31.01 -22.67
C ASP B 269 8.70 29.54 -22.82
N ARG B 270 7.95 28.66 -22.19
CA ARG B 270 8.32 27.25 -22.20
C ARG B 270 7.83 26.54 -23.46
N ARG B 271 6.69 26.95 -24.00
CA ARG B 271 6.21 26.30 -25.22
C ARG B 271 7.05 26.73 -26.42
N GLN B 272 7.64 27.92 -26.32
CA GLN B 272 8.55 28.39 -27.35
C GLN B 272 9.79 27.51 -27.46
N ARG B 273 10.52 27.36 -26.36
CA ARG B 273 11.75 26.57 -26.36
C ARG B 273 11.54 25.14 -26.89
N ARG B 274 10.32 24.66 -26.74
CA ARG B 274 9.92 23.36 -27.28
C ARG B 274 9.92 23.40 -28.81
N LEU B 275 9.83 24.60 -29.37
CA LEU B 275 9.79 24.78 -30.81
C LEU B 275 11.08 25.41 -31.32
N THR B 288 27.02 30.44 -8.04
CA THR B 288 26.49 29.08 -7.91
C THR B 288 26.65 28.59 -6.46
N LYS B 289 27.60 29.17 -5.74
CA LYS B 289 27.74 28.94 -4.31
C LYS B 289 26.74 29.83 -3.53
N HIS B 290 26.32 30.90 -4.19
CA HIS B 290 25.42 31.86 -3.58
C HIS B 290 24.21 31.95 -4.48
N LEU B 291 23.04 32.16 -3.90
CA LEU B 291 21.82 32.15 -4.68
C LEU B 291 20.90 33.25 -4.19
N THR B 292 20.67 34.25 -5.02
CA THR B 292 19.79 35.33 -4.61
C THR B 292 18.36 34.82 -4.49
N TYR B 293 17.56 35.52 -3.71
CA TYR B 293 16.17 35.17 -3.55
C TYR B 293 15.44 35.33 -4.86
N ASN B 294 15.72 36.43 -5.55
CA ASN B 294 15.16 36.68 -6.88
C ASN B 294 15.32 35.47 -7.81
N ASP B 295 16.56 34.99 -7.96
CA ASP B 295 16.82 33.82 -8.79
C ASP B 295 16.06 32.60 -8.28
N PHE B 296 16.09 32.39 -6.96
CA PHE B 296 15.37 31.27 -6.35
C PHE B 296 13.87 31.29 -6.68
N ILE B 297 13.21 32.40 -6.42
CA ILE B 297 11.80 32.55 -6.79
C ILE B 297 11.55 32.28 -8.29
N ASN B 298 12.34 32.89 -9.16
CA ASN B 298 12.06 32.91 -10.61
C ASN B 298 12.62 31.74 -11.38
N LYS B 299 13.58 31.03 -10.79
CA LYS B 299 14.18 29.90 -11.46
C LYS B 299 13.89 28.57 -10.75
N GLU B 300 13.44 28.60 -9.50
CA GLU B 300 13.12 27.37 -8.77
C GLU B 300 11.69 27.28 -8.26
N LEU B 301 11.27 28.24 -7.45
CA LEU B 301 9.93 28.17 -6.88
C LEU B 301 8.88 28.12 -7.98
N ILE B 302 9.09 28.92 -9.03
CA ILE B 302 8.17 28.94 -10.16
C ILE B 302 7.89 27.53 -10.71
N LEU B 303 8.86 26.63 -10.62
CA LEU B 303 8.62 25.24 -11.04
C LEU B 303 7.57 24.57 -10.14
N PHE B 304 7.60 24.87 -8.84
CA PHE B 304 6.53 24.36 -8.00
C PHE B 304 5.17 24.96 -8.40
N SER B 305 5.17 26.25 -8.69
CA SER B 305 3.93 26.94 -8.99
C SER B 305 3.27 26.37 -10.24
N ASN B 306 4.08 26.11 -11.25
CA ASN B 306 3.55 25.51 -12.46
C ASN B 306 3.11 24.05 -12.24
N SER B 307 3.82 23.31 -11.39
CA SER B 307 3.42 21.94 -11.08
C SER B 307 2.12 21.88 -10.29
N ASP B 308 1.96 22.82 -9.37
CA ASP B 308 0.74 22.95 -8.59
C ASP B 308 -0.44 23.08 -9.55
N ASN B 309 -0.32 23.94 -10.54
CA ASN B 309 -1.38 24.09 -11.52
C ASN B 309 -1.63 22.78 -12.29
N GLU B 310 -0.56 22.12 -12.72
CA GLU B 310 -0.70 20.91 -13.51
C GLU B 310 -1.39 19.74 -12.77
N ARG B 311 -1.28 19.70 -11.46
CA ARG B 311 -1.86 18.59 -10.73
C ARG B 311 -3.21 18.98 -10.12
N SER B 312 -3.52 20.28 -10.12
CA SER B 312 -4.68 20.78 -9.40
C SER B 312 -5.78 21.26 -10.34
N ILE B 313 -5.39 21.65 -11.54
CA ILE B 313 -6.37 22.18 -12.47
C ILE B 313 -6.65 21.21 -13.60
N PRO B 314 -7.91 20.79 -13.74
CA PRO B 314 -8.31 19.68 -14.61
C PRO B 314 -8.18 19.98 -16.09
N SER B 315 -8.18 18.93 -16.90
CA SER B 315 -8.16 19.08 -18.34
C SER B 315 -9.58 19.22 -18.81
N LEU B 316 -9.81 20.12 -19.77
CA LEU B 316 -11.12 20.25 -20.39
C LEU B 316 -11.55 18.93 -21.06
N VAL B 317 -10.57 18.17 -21.56
CA VAL B 317 -10.86 17.05 -22.43
C VAL B 317 -11.55 15.92 -21.70
N ASP B 318 -11.02 15.53 -20.55
CA ASP B 318 -11.60 14.41 -19.82
C ASP B 318 -12.06 14.73 -18.41
N GLY B 319 -11.84 15.97 -17.98
CA GLY B 319 -12.22 16.38 -16.64
C GLY B 319 -11.31 15.87 -15.54
N PHE B 320 -10.16 15.31 -15.91
CA PHE B 320 -9.28 14.71 -14.93
C PHE B 320 -8.08 15.58 -14.55
N LYS B 321 -7.60 15.37 -13.32
CA LYS B 321 -6.28 15.82 -12.93
C LYS B 321 -5.37 14.60 -13.09
N PRO B 322 -4.05 14.81 -13.16
CA PRO B 322 -3.12 13.70 -13.41
C PRO B 322 -3.24 12.51 -12.46
N GLY B 323 -3.38 12.74 -11.16
CA GLY B 323 -3.57 11.65 -10.22
C GLY B 323 -4.84 10.87 -10.52
N GLN B 324 -5.91 11.60 -10.83
CA GLN B 324 -7.19 10.97 -11.15
C GLN B 324 -7.05 10.09 -12.39
N ARG B 325 -6.43 10.65 -13.42
CA ARG B 325 -6.18 9.90 -14.65
C ARG B 325 -5.31 8.66 -14.42
N LYS B 326 -4.34 8.77 -13.50
CA LYS B 326 -3.52 7.63 -13.15
C LYS B 326 -4.37 6.52 -12.49
N VAL B 327 -5.35 6.89 -11.68
CA VAL B 327 -6.19 5.88 -11.05
C VAL B 327 -7.02 5.14 -12.09
N LEU B 328 -7.62 5.89 -12.98
CA LEU B 328 -8.49 5.30 -13.98
C LEU B 328 -7.68 4.42 -14.92
N PHE B 329 -6.51 4.91 -15.32
CA PHE B 329 -5.62 4.13 -16.16
C PHE B 329 -5.30 2.78 -15.52
N THR B 330 -5.02 2.78 -14.22
CA THR B 330 -4.66 1.57 -13.49
C THR B 330 -5.85 0.64 -13.48
N CYS B 331 -7.02 1.19 -13.17
CA CYS B 331 -8.25 0.38 -13.10
C CYS B 331 -8.59 -0.29 -14.42
N PHE B 332 -8.32 0.37 -15.54
CA PHE B 332 -8.58 -0.22 -16.84
C PHE B 332 -7.63 -1.37 -17.11
N LYS B 333 -6.37 -1.15 -16.75
CA LYS B 333 -5.33 -2.13 -16.97
C LYS B 333 -5.56 -3.37 -16.11
N ARG B 334 -5.96 -3.15 -14.86
CA ARG B 334 -6.18 -4.25 -13.93
C ARG B 334 -7.41 -5.05 -14.30
N ASN B 335 -8.41 -4.37 -14.84
CA ASN B 335 -9.68 -4.99 -15.17
C ASN B 335 -10.26 -5.87 -14.04
N ASP B 336 -10.46 -5.31 -12.85
CA ASP B 336 -10.94 -6.09 -11.72
C ASP B 336 -12.41 -6.50 -11.84
N LYS B 337 -12.71 -7.76 -11.60
CA LYS B 337 -14.10 -8.21 -11.68
C LYS B 337 -14.68 -8.53 -10.30
N ARG B 338 -13.88 -8.29 -9.25
CA ARG B 338 -14.39 -8.25 -7.87
C ARG B 338 -13.72 -7.08 -7.13
N GLU B 339 -14.25 -6.69 -5.97
CA GLU B 339 -13.80 -5.49 -5.28
C GLU B 339 -12.34 -5.52 -4.76
N VAL B 340 -11.63 -4.41 -4.93
CA VAL B 340 -10.28 -4.25 -4.40
C VAL B 340 -10.34 -3.32 -3.21
N LYS B 341 -9.58 -3.64 -2.15
CA LYS B 341 -9.45 -2.71 -1.03
C LYS B 341 -8.79 -1.40 -1.49
N VAL B 342 -9.27 -0.26 -1.01
CA VAL B 342 -8.85 1.03 -1.53
C VAL B 342 -7.36 1.31 -1.30
N ALA B 343 -6.87 1.01 -0.11
CA ALA B 343 -5.45 1.13 0.17
C ALA B 343 -4.58 0.28 -0.76
N GLN B 344 -4.99 -0.96 -1.01
CA GLN B 344 -4.26 -1.80 -1.95
C GLN B 344 -4.37 -1.26 -3.37
N LEU B 345 -5.53 -0.68 -3.72
CA LEU B 345 -5.67 -0.11 -5.05
C LEU B 345 -4.73 1.08 -5.19
N ALA B 346 -4.66 1.89 -4.14
CA ALA B 346 -3.75 3.03 -4.08
C ALA B 346 -2.32 2.63 -4.45
N GLY B 347 -1.78 1.64 -3.73
CA GLY B 347 -0.41 1.19 -3.92
C GLY B 347 -0.18 0.66 -5.32
N SER B 348 -1.16 -0.08 -5.80
CA SER B 348 -1.14 -0.57 -7.17
C SER B 348 -1.13 0.56 -8.24
N VAL B 349 -1.91 1.62 -8.02
CA VAL B 349 -1.86 2.77 -8.92
C VAL B 349 -0.47 3.36 -8.90
N ALA B 350 0.10 3.50 -7.70
CA ALA B 350 1.44 4.06 -7.54
C ALA B 350 2.50 3.31 -8.36
N GLU B 351 2.47 1.98 -8.30
CA GLU B 351 3.37 1.16 -9.12
C GLU B 351 3.13 1.28 -10.63
N MET B 352 1.90 0.99 -11.05
CA MET B 352 1.64 0.91 -12.48
C MET B 352 1.70 2.26 -13.19
N SER B 353 1.48 3.34 -12.46
CA SER B 353 1.38 4.62 -13.12
C SER B 353 2.54 5.55 -12.78
N ALA B 354 3.50 5.03 -12.03
CA ALA B 354 4.67 5.81 -11.61
C ALA B 354 4.28 7.08 -10.84
N TYR B 355 3.43 6.90 -9.83
CA TYR B 355 2.96 8.00 -9.00
C TYR B 355 3.99 8.35 -7.93
N HIS B 356 4.45 9.60 -7.93
CA HIS B 356 5.60 9.98 -7.14
C HIS B 356 5.30 10.69 -5.83
N HIS B 357 4.07 10.55 -5.32
CA HIS B 357 3.71 11.21 -4.09
C HIS B 357 3.19 10.19 -3.06
N GLY B 358 2.76 10.70 -1.92
CA GLY B 358 2.23 9.85 -0.87
C GLY B 358 0.96 9.15 -1.32
N GLU B 359 0.92 7.84 -1.10
CA GLU B 359 -0.21 7.05 -1.52
C GLU B 359 -1.54 7.42 -0.78
N GLN B 360 -1.46 8.12 0.34
CA GLN B 360 -2.68 8.53 1.06
C GLN B 360 -3.43 9.64 0.30
N ALA B 361 -2.69 10.44 -0.46
CA ALA B 361 -3.33 11.40 -1.34
C ALA B 361 -4.07 10.62 -2.43
N LEU B 362 -3.43 9.57 -2.93
CA LEU B 362 -4.06 8.71 -3.93
C LEU B 362 -5.35 8.10 -3.34
N MET B 363 -5.28 7.69 -2.09
CA MET B 363 -6.42 7.08 -1.43
C MET B 363 -7.61 8.01 -1.34
N MET B 364 -7.36 9.24 -0.90
CA MET B 364 -8.41 10.22 -0.76
C MET B 364 -9.03 10.55 -2.12
N THR B 365 -8.17 10.68 -3.13
CA THR B 365 -8.60 10.81 -4.52
C THR B 365 -9.54 9.68 -4.97
N ILE B 366 -9.13 8.42 -4.74
CA ILE B 366 -10.01 7.29 -5.03
C ILE B 366 -11.36 7.42 -4.32
N VAL B 367 -11.36 7.84 -3.07
CA VAL B 367 -12.61 7.95 -2.33
C VAL B 367 -13.49 8.98 -2.99
N ASN B 368 -12.85 10.04 -3.47
CA ASN B 368 -13.52 11.16 -4.12
C ASN B 368 -14.17 10.71 -5.43
N LEU B 369 -13.47 9.88 -6.21
CA LEU B 369 -14.04 9.37 -7.47
C LEU B 369 -15.20 8.41 -7.27
N ALA B 370 -15.32 7.80 -6.10
CA ALA B 370 -16.35 6.79 -5.90
C ALA B 370 -17.61 7.36 -5.25
N GLN B 371 -17.49 8.54 -4.67
CA GLN B 371 -18.60 9.09 -3.93
C GLN B 371 -19.83 9.35 -4.81
N ASN B 372 -21.01 9.08 -4.26
CA ASN B 372 -22.23 9.17 -5.04
C ASN B 372 -23.39 9.78 -4.27
N PHE B 373 -23.09 10.44 -3.16
CA PHE B 373 -24.14 11.11 -2.39
C PHE B 373 -24.46 12.48 -3.02
N VAL B 374 -25.59 13.08 -2.62
CA VAL B 374 -26.08 14.29 -3.28
C VAL B 374 -25.12 15.48 -3.16
N GLY B 375 -24.57 15.92 -4.29
CA GLY B 375 -23.60 17.00 -4.28
C GLY B 375 -22.19 16.55 -4.62
N SER B 376 -21.99 15.23 -4.73
CA SER B 376 -20.71 14.69 -5.16
C SER B 376 -20.64 14.51 -6.66
N ASN B 377 -20.65 13.25 -7.14
CA ASN B 377 -20.54 12.99 -8.58
C ASN B 377 -21.91 12.68 -9.17
N ASN B 378 -22.18 13.22 -10.35
CA ASN B 378 -23.37 12.81 -11.09
C ASN B 378 -23.17 11.41 -11.67
N ILE B 379 -21.95 11.12 -12.12
CA ILE B 379 -21.59 9.76 -12.47
C ILE B 379 -20.28 9.37 -11.81
N ASN B 380 -20.37 8.56 -10.77
CA ASN B 380 -19.17 8.06 -10.11
C ASN B 380 -18.58 6.90 -10.93
N LEU B 381 -17.32 7.04 -11.32
CA LEU B 381 -16.66 6.07 -12.20
C LEU B 381 -16.17 4.84 -11.46
N LEU B 382 -15.99 4.99 -10.14
CA LEU B 382 -15.66 3.86 -9.27
C LEU B 382 -16.84 3.60 -8.35
N GLN B 383 -17.03 2.36 -7.94
CA GLN B 383 -18.16 2.03 -7.09
C GLN B 383 -17.81 2.20 -5.63
N PRO B 384 -18.69 2.85 -4.87
CA PRO B 384 -18.47 3.01 -3.43
C PRO B 384 -18.93 1.77 -2.69
N ILE B 385 -18.03 0.81 -2.50
CA ILE B 385 -18.38 -0.42 -1.79
C ILE B 385 -17.93 -0.37 -0.33
N GLY B 386 -18.81 0.13 0.54
CA GLY B 386 -18.50 0.34 1.94
C GLY B 386 -18.81 1.78 2.29
N GLN B 387 -18.38 2.23 3.46
CA GLN B 387 -18.72 3.56 3.94
C GLN B 387 -17.83 4.64 3.33
N PHE B 388 -18.29 5.26 2.25
CA PHE B 388 -17.49 6.24 1.53
C PHE B 388 -17.89 7.69 1.84
N GLY B 389 -18.76 7.85 2.82
CA GLY B 389 -19.24 9.16 3.19
C GLY B 389 -20.70 9.35 2.80
N THR B 390 -21.38 10.22 3.53
CA THR B 390 -22.78 10.50 3.29
C THR B 390 -23.00 12.01 3.27
N ARG B 391 -24.18 12.44 2.86
CA ARG B 391 -24.48 13.87 2.80
C ARG B 391 -24.66 14.45 4.20
N LEU B 392 -24.71 13.55 5.18
CA LEU B 392 -24.82 13.96 6.57
C LEU B 392 -23.60 14.79 6.99
N HIS B 393 -22.42 14.38 6.54
CA HIS B 393 -21.18 15.10 6.91
C HIS B 393 -20.35 15.57 5.70
N GLY B 394 -20.94 15.53 4.51
CA GLY B 394 -20.21 15.83 3.31
C GLY B 394 -19.08 14.87 3.01
N GLY B 395 -19.21 13.61 3.41
CA GLY B 395 -18.20 12.62 3.12
C GLY B 395 -17.06 12.51 4.12
N LYS B 396 -17.05 13.42 5.10
CA LYS B 396 -16.02 13.41 6.13
C LYS B 396 -16.17 12.20 7.04
N ASP B 397 -17.25 11.45 6.84
CA ASP B 397 -17.54 10.27 7.65
C ASP B 397 -17.23 8.99 6.90
N ALA B 398 -16.41 9.09 5.87
CA ALA B 398 -15.89 7.90 5.20
C ALA B 398 -15.05 7.12 6.18
N ALA B 399 -15.08 5.81 6.05
CA ALA B 399 -14.22 4.94 6.85
C ALA B 399 -12.82 4.96 6.29
N SER B 400 -11.90 4.32 7.01
CA SER B 400 -10.51 4.25 6.59
C SER B 400 -10.36 3.48 5.30
N PRO B 401 -9.48 3.96 4.41
CA PRO B 401 -9.12 3.31 3.14
C PRO B 401 -8.74 1.83 3.30
N ARG B 402 -8.37 1.42 4.51
CA ARG B 402 -7.97 0.03 4.73
C ARG B 402 -9.21 -0.86 4.91
N TYR B 403 -10.38 -0.24 5.02
CA TYR B 403 -11.59 -0.99 5.28
C TYR B 403 -12.74 -0.78 4.29
N ILE B 404 -12.42 -0.20 3.13
CA ILE B 404 -13.44 0.03 2.10
C ILE B 404 -12.94 -0.38 0.73
N PHE B 405 -13.87 -0.69 -0.17
CA PHE B 405 -13.54 -1.38 -1.41
C PHE B 405 -14.17 -0.67 -2.60
N THR B 406 -13.61 -0.94 -3.78
CA THR B 406 -14.11 -0.32 -4.99
C THR B 406 -13.78 -1.15 -6.23
N MET B 407 -14.48 -0.84 -7.32
CA MET B 407 -14.15 -1.37 -8.64
C MET B 407 -14.74 -0.41 -9.66
N LEU B 408 -14.45 -0.64 -10.93
CA LEU B 408 -15.02 0.20 -11.99
C LEU B 408 -16.53 0.13 -12.03
N SER B 409 -17.14 1.25 -12.37
CA SER B 409 -18.54 1.27 -12.75
C SER B 409 -18.72 0.62 -14.13
N THR B 410 -19.84 -0.06 -14.32
CA THR B 410 -20.14 -0.60 -15.64
C THR B 410 -20.23 0.52 -16.70
N LEU B 411 -20.41 1.76 -16.24
CA LEU B 411 -20.45 2.92 -17.12
C LEU B 411 -19.08 3.43 -17.62
N ALA B 412 -18.00 3.03 -16.95
CA ALA B 412 -16.70 3.62 -17.27
C ALA B 412 -16.19 3.34 -18.69
N ARG B 413 -16.22 2.07 -19.10
CA ARG B 413 -15.74 1.76 -20.44
C ARG B 413 -16.76 2.11 -21.54
N LEU B 414 -17.97 2.44 -21.12
CA LEU B 414 -18.93 2.99 -22.06
C LEU B 414 -18.60 4.46 -22.30
N LEU B 415 -18.18 5.15 -21.24
CA LEU B 415 -17.82 6.57 -21.32
C LEU B 415 -16.45 6.80 -21.97
N PHE B 416 -15.53 5.88 -21.73
CA PHE B 416 -14.17 5.90 -22.29
C PHE B 416 -13.91 4.62 -23.08
N PRO B 417 -14.47 4.52 -24.28
CA PRO B 417 -14.39 3.28 -25.07
C PRO B 417 -12.95 2.78 -25.23
N ALA B 418 -12.75 1.46 -25.05
CA ALA B 418 -11.42 0.87 -25.13
C ALA B 418 -10.70 1.16 -26.44
N VAL B 419 -11.42 1.02 -27.55
CA VAL B 419 -10.84 1.19 -28.87
C VAL B 419 -10.14 2.54 -29.03
N ASP B 420 -10.65 3.53 -28.31
CA ASP B 420 -10.10 4.87 -28.40
C ASP B 420 -8.69 5.00 -27.80
N ASP B 421 -8.31 4.08 -26.92
CA ASP B 421 -6.97 4.05 -26.35
C ASP B 421 -5.91 4.05 -27.45
N ASN B 422 -6.23 3.45 -28.59
CA ASN B 422 -5.35 3.48 -29.76
C ASN B 422 -5.04 4.86 -30.34
N LEU B 423 -5.69 5.91 -29.83
CA LEU B 423 -5.54 7.24 -30.41
C LEU B 423 -4.88 8.19 -29.43
N LEU B 424 -4.61 7.66 -28.25
CA LEU B 424 -4.12 8.48 -27.16
C LEU B 424 -2.61 8.54 -27.18
N LYS B 425 -2.06 9.64 -26.69
CA LYS B 425 -0.63 9.75 -26.52
C LYS B 425 -0.29 9.27 -25.09
N PHE B 426 0.21 8.04 -24.95
CA PHE B 426 0.58 7.55 -23.62
C PHE B 426 1.93 8.10 -23.16
N LEU B 427 2.04 8.42 -21.88
CA LEU B 427 3.24 9.04 -21.35
C LEU B 427 4.23 8.03 -20.81
N TYR B 428 5.49 8.45 -20.70
CA TYR B 428 6.54 7.58 -20.19
C TYR B 428 7.17 8.17 -18.97
N ASP B 429 7.38 7.34 -17.96
CA ASP B 429 8.11 7.75 -16.78
C ASP B 429 9.09 6.67 -16.43
N ASP B 430 10.38 7.01 -16.50
CA ASP B 430 11.48 6.04 -16.31
C ASP B 430 11.40 4.92 -17.35
N ASN B 431 11.10 5.30 -18.59
CA ASN B 431 10.86 4.32 -19.66
C ASN B 431 9.84 3.21 -19.31
N GLN B 432 8.99 3.48 -18.31
CA GLN B 432 7.78 2.70 -18.07
C GLN B 432 6.64 3.44 -18.77
N ARG B 433 5.73 2.70 -19.43
CA ARG B 433 4.60 3.36 -20.06
C ARG B 433 3.50 3.59 -19.04
N VAL B 434 3.06 4.83 -18.88
CA VAL B 434 2.04 5.15 -17.89
C VAL B 434 0.73 5.68 -18.49
N GLU B 435 0.02 6.53 -17.76
CA GLU B 435 -1.25 7.07 -18.21
C GLU B 435 -1.12 8.02 -19.41
N PRO B 436 -2.20 8.17 -20.19
CA PRO B 436 -2.16 9.08 -21.35
C PRO B 436 -2.14 10.57 -20.96
N GLU B 437 -1.89 11.44 -21.94
CA GLU B 437 -1.93 12.89 -21.76
C GLU B 437 -3.33 13.28 -21.28
N TRP B 438 -4.33 12.72 -21.96
CA TRP B 438 -5.71 12.76 -21.53
C TRP B 438 -6.50 11.65 -22.19
N TYR B 439 -7.57 11.23 -21.54
CA TYR B 439 -8.53 10.33 -22.14
C TYR B 439 -9.40 11.18 -23.05
N ILE B 440 -10.26 10.53 -23.84
CA ILE B 440 -11.21 11.23 -24.70
C ILE B 440 -12.59 10.59 -24.55
N PRO B 441 -13.36 11.03 -23.55
CA PRO B 441 -14.65 10.43 -23.21
C PRO B 441 -15.70 10.83 -24.25
N ILE B 442 -16.84 10.15 -24.28
CA ILE B 442 -17.78 10.42 -25.35
C ILE B 442 -18.68 11.62 -25.06
N ILE B 443 -18.66 12.07 -23.81
CA ILE B 443 -19.32 13.31 -23.41
C ILE B 443 -18.35 14.08 -22.51
N PRO B 444 -18.51 15.41 -22.43
CA PRO B 444 -17.62 16.19 -21.55
C PRO B 444 -17.79 15.89 -20.06
N MET B 445 -17.13 14.85 -19.57
CA MET B 445 -17.03 14.55 -18.14
C MET B 445 -16.61 15.75 -17.27
N VAL B 446 -15.83 16.67 -17.81
CA VAL B 446 -15.49 17.88 -17.07
C VAL B 446 -16.73 18.62 -16.57
N LEU B 447 -17.85 18.48 -17.29
CA LEU B 447 -19.09 19.13 -16.90
C LEU B 447 -19.99 18.25 -16.03
N ILE B 448 -19.88 16.93 -16.19
CA ILE B 448 -20.76 16.02 -15.49
C ILE B 448 -20.50 16.04 -14.01
N ASN B 449 -19.24 15.97 -13.64
CA ASN B 449 -18.89 15.80 -12.24
C ASN B 449 -18.35 17.05 -11.62
N GLY B 450 -18.26 18.09 -12.43
CA GLY B 450 -17.95 19.42 -11.91
C GLY B 450 -16.55 19.57 -11.37
N ALA B 451 -15.60 19.62 -12.29
CA ALA B 451 -14.20 19.85 -11.96
C ALA B 451 -13.99 21.01 -10.99
N GLU B 452 -13.03 20.83 -10.09
CA GLU B 452 -12.57 21.94 -9.25
C GLU B 452 -11.22 21.67 -8.60
N GLY B 453 -10.35 22.66 -8.68
CA GLY B 453 -9.03 22.59 -8.08
C GLY B 453 -8.52 23.96 -7.73
N ILE B 454 -7.53 24.02 -6.84
CA ILE B 454 -6.93 25.29 -6.49
C ILE B 454 -5.46 25.19 -6.80
N GLY B 455 -4.94 26.14 -7.58
CA GLY B 455 -3.54 26.13 -7.94
C GLY B 455 -2.78 27.34 -7.40
N THR B 456 -1.93 27.89 -8.24
CA THR B 456 -1.17 29.09 -7.92
C THR B 456 -1.44 30.01 -9.08
N GLY B 457 -1.91 31.21 -8.78
CA GLY B 457 -2.35 32.11 -9.82
C GLY B 457 -3.81 31.91 -10.21
N TRP B 458 -4.21 30.66 -10.45
CA TRP B 458 -5.59 30.34 -10.81
C TRP B 458 -6.19 29.28 -9.90
N ALA B 459 -7.51 29.15 -9.99
CA ALA B 459 -8.27 28.07 -9.37
C ALA B 459 -9.43 27.77 -10.30
N CYS B 460 -10.03 26.60 -10.17
CA CYS B 460 -11.09 26.20 -11.07
C CYS B 460 -12.30 25.74 -10.30
N LYS B 461 -13.50 26.16 -10.72
CA LYS B 461 -14.73 25.60 -10.19
C LYS B 461 -15.83 25.52 -11.27
N LEU B 462 -16.48 24.36 -11.36
CA LEU B 462 -17.56 24.10 -12.30
C LEU B 462 -18.59 23.28 -11.57
N PRO B 463 -19.87 23.62 -11.68
CA PRO B 463 -20.89 22.78 -11.02
C PRO B 463 -21.21 21.52 -11.84
N ASN B 464 -21.99 20.61 -11.28
CA ASN B 464 -22.42 19.43 -12.03
C ASN B 464 -23.43 19.79 -13.12
N TYR B 465 -23.37 19.09 -14.25
CA TYR B 465 -24.40 19.21 -15.28
C TYR B 465 -25.06 17.85 -15.52
N ASP B 466 -26.29 17.86 -16.03
CA ASP B 466 -27.00 16.60 -16.21
C ASP B 466 -26.54 15.84 -17.46
N ALA B 467 -26.27 14.54 -17.28
CA ALA B 467 -25.72 13.71 -18.36
C ALA B 467 -26.64 13.55 -19.58
N ARG B 468 -27.90 13.23 -19.35
CA ARG B 468 -28.83 13.06 -20.46
C ARG B 468 -29.02 14.37 -21.22
N GLU B 469 -28.97 15.47 -20.49
CA GLU B 469 -29.10 16.79 -21.09
C GLU B 469 -27.89 17.07 -21.99
N ILE B 470 -26.71 16.63 -21.54
CA ILE B 470 -25.49 16.77 -22.34
C ILE B 470 -25.46 15.82 -23.55
N VAL B 471 -25.87 14.56 -23.35
CA VAL B 471 -26.04 13.65 -24.47
C VAL B 471 -26.97 14.29 -25.50
N ASN B 472 -28.08 14.84 -25.03
CA ASN B 472 -29.02 15.45 -25.95
C ASN B 472 -28.46 16.68 -26.72
N ASN B 473 -27.62 17.49 -26.09
CA ASN B 473 -26.96 18.60 -26.80
C ASN B 473 -25.87 18.18 -27.79
N VAL B 474 -25.22 17.05 -27.51
CA VAL B 474 -24.23 16.53 -28.43
C VAL B 474 -24.98 16.07 -29.66
N ARG B 475 -26.10 15.37 -29.45
CA ARG B 475 -26.97 14.94 -30.56
C ARG B 475 -27.46 16.11 -31.39
N ARG B 476 -27.89 17.18 -30.74
CA ARG B 476 -28.31 18.38 -31.46
C ARG B 476 -27.16 18.96 -32.30
N MET B 477 -25.98 19.06 -31.72
CA MET B 477 -24.86 19.59 -32.46
C MET B 477 -24.47 18.67 -33.64
N LEU B 478 -24.67 17.37 -33.47
CA LEU B 478 -24.33 16.41 -34.52
C LEU B 478 -25.25 16.56 -35.73
N ASP B 479 -26.37 17.25 -35.51
CA ASP B 479 -27.36 17.45 -36.54
C ASP B 479 -27.41 18.89 -37.00
N GLY B 480 -26.40 19.68 -36.63
CA GLY B 480 -26.30 21.05 -37.10
C GLY B 480 -27.29 21.99 -36.44
N LEU B 481 -27.95 21.54 -35.39
CA LEU B 481 -28.83 22.40 -34.61
C LEU B 481 -28.02 23.06 -33.49
N ASP B 482 -28.56 24.12 -32.91
CA ASP B 482 -27.91 24.80 -31.79
C ASP B 482 -28.13 24.03 -30.50
N PRO B 483 -27.15 24.07 -29.60
CA PRO B 483 -27.31 23.49 -28.26
C PRO B 483 -28.22 24.35 -27.37
N HIS B 484 -29.08 23.71 -26.60
CA HIS B 484 -29.89 24.42 -25.62
C HIS B 484 -28.96 24.97 -24.54
N PRO B 485 -29.34 26.09 -23.89
CA PRO B 485 -28.51 26.55 -22.77
C PRO B 485 -28.68 25.57 -21.62
N MET B 486 -27.76 25.55 -20.68
CA MET B 486 -27.79 24.50 -19.66
C MET B 486 -27.65 25.03 -18.24
N LEU B 487 -28.48 24.49 -17.36
CA LEU B 487 -28.40 24.80 -15.95
C LEU B 487 -27.64 23.70 -15.22
N PRO B 488 -26.91 24.08 -14.18
CA PRO B 488 -26.33 23.07 -13.29
C PRO B 488 -27.42 22.11 -12.86
N ASN B 489 -27.06 20.86 -12.63
CA ASN B 489 -28.01 19.86 -12.25
C ASN B 489 -27.29 18.79 -11.48
N TYR B 490 -27.78 18.50 -10.27
CA TYR B 490 -27.14 17.55 -9.38
C TYR B 490 -28.03 16.33 -9.17
N LYS B 491 -27.50 15.16 -9.48
CA LYS B 491 -28.25 13.93 -9.39
C LYS B 491 -28.92 13.80 -8.00
N ASN B 492 -30.23 13.48 -8.01
CA ASN B 492 -31.04 13.21 -6.81
C ASN B 492 -31.36 14.41 -5.93
N PHE B 493 -31.03 15.59 -6.42
CA PHE B 493 -31.31 16.82 -5.68
C PHE B 493 -32.75 17.19 -5.95
N LYS B 494 -33.55 17.32 -4.88
CA LYS B 494 -35.00 17.53 -5.00
C LYS B 494 -35.36 19.00 -5.19
N GLY B 495 -34.37 19.88 -5.12
CA GLY B 495 -34.61 21.29 -4.98
C GLY B 495 -34.54 22.06 -6.27
N THR B 496 -34.12 23.32 -6.20
CA THR B 496 -34.27 24.25 -7.31
C THR B 496 -32.96 24.95 -7.65
N ILE B 497 -32.62 24.99 -8.93
CA ILE B 497 -31.51 25.81 -9.34
C ILE B 497 -31.98 26.81 -10.37
N GLN B 498 -31.92 28.08 -10.01
CA GLN B 498 -32.39 29.17 -10.87
C GLN B 498 -31.27 30.07 -11.35
N GLU B 499 -31.28 30.39 -12.63
CA GLU B 499 -30.28 31.28 -13.20
C GLU B 499 -30.59 32.76 -12.93
N LEU B 500 -29.75 33.40 -12.12
CA LEU B 500 -29.88 34.82 -11.81
C LEU B 500 -29.29 35.66 -12.93
N GLY B 501 -28.30 35.11 -13.60
CA GLY B 501 -27.57 35.83 -14.63
C GLY B 501 -26.50 34.90 -15.11
N GLN B 502 -25.62 35.39 -15.98
CA GLN B 502 -24.53 34.59 -16.49
C GLN B 502 -23.63 34.05 -15.38
N ASN B 503 -23.52 32.72 -15.33
CA ASN B 503 -22.70 32.04 -14.32
C ASN B 503 -23.13 32.35 -12.90
N GLN B 504 -24.39 32.73 -12.71
CA GLN B 504 -24.89 33.11 -11.41
C GLN B 504 -26.19 32.37 -11.09
N TYR B 505 -26.20 31.58 -10.02
CA TYR B 505 -27.37 30.77 -9.71
C TYR B 505 -27.79 30.91 -8.26
N ALA B 506 -29.08 30.72 -8.03
CA ALA B 506 -29.61 30.61 -6.69
C ALA B 506 -30.02 29.16 -6.56
N VAL B 507 -29.68 28.58 -5.42
CA VAL B 507 -29.89 27.17 -5.17
C VAL B 507 -30.75 27.02 -3.92
N SER B 508 -31.90 26.39 -4.06
CA SER B 508 -32.85 26.34 -2.95
C SER B 508 -33.22 24.92 -2.55
N GLY B 509 -33.27 24.71 -1.23
CA GLY B 509 -33.83 23.51 -0.67
C GLY B 509 -35.35 23.59 -0.71
N GLU B 510 -36.01 22.71 0.03
CA GLU B 510 -37.46 22.63 0.03
C GLU B 510 -38.02 22.67 1.44
N ILE B 511 -38.87 23.66 1.69
CA ILE B 511 -39.59 23.77 2.95
C ILE B 511 -41.07 23.98 2.64
N PHE B 512 -41.94 23.24 3.32
CA PHE B 512 -43.36 23.47 3.14
CA PHE B 512 -43.38 23.36 3.11
C PHE B 512 -44.12 23.51 4.45
N VAL B 513 -45.22 24.26 4.45
CA VAL B 513 -46.03 24.39 5.65
C VAL B 513 -47.00 23.23 5.74
N VAL B 514 -46.87 22.44 6.79
CA VAL B 514 -47.83 21.38 7.06
C VAL B 514 -49.11 21.95 7.72
N ASP B 515 -49.06 22.28 9.01
CA ASP B 515 -50.16 22.99 9.67
C ASP B 515 -49.70 24.35 10.16
N ARG B 516 -50.41 24.94 11.11
CA ARG B 516 -50.02 26.29 11.55
C ARG B 516 -49.02 26.28 12.70
N ASN B 517 -48.58 25.09 13.10
CA ASN B 517 -47.52 24.93 14.07
C ASN B 517 -46.34 24.16 13.50
N THR B 518 -46.39 23.81 12.22
CA THR B 518 -45.45 22.82 11.70
C THR B 518 -44.94 23.07 10.28
N VAL B 519 -43.62 23.14 10.13
CA VAL B 519 -43.03 23.09 8.78
C VAL B 519 -42.19 21.85 8.58
N GLU B 520 -42.07 21.43 7.33
CA GLU B 520 -41.31 20.25 6.96
C GLU B 520 -40.19 20.70 6.03
N ILE B 521 -38.95 20.36 6.35
CA ILE B 521 -37.83 20.68 5.47
C ILE B 521 -37.37 19.39 4.80
N THR B 522 -37.51 19.30 3.48
CA THR B 522 -37.25 18.03 2.79
C THR B 522 -36.09 18.08 1.81
N GLU B 523 -35.45 19.23 1.73
CA GLU B 523 -34.24 19.36 0.93
C GLU B 523 -33.36 20.49 1.44
N LEU B 524 -32.06 20.25 1.53
CA LEU B 524 -31.14 21.32 1.80
C LEU B 524 -30.54 21.67 0.46
N PRO B 525 -30.10 22.93 0.29
CA PRO B 525 -29.41 23.27 -0.97
C PRO B 525 -28.13 22.45 -1.16
N VAL B 526 -27.83 22.11 -2.42
CA VAL B 526 -26.63 21.37 -2.81
C VAL B 526 -25.40 21.85 -2.08
N ARG B 527 -24.67 20.91 -1.47
CA ARG B 527 -23.43 21.16 -0.72
C ARG B 527 -23.66 21.66 0.71
N THR B 528 -24.90 21.78 1.12
CA THR B 528 -25.17 22.01 2.53
C THR B 528 -25.42 20.66 3.18
N TRP B 529 -24.51 20.26 4.08
CA TRP B 529 -24.55 18.93 4.68
C TRP B 529 -25.45 18.91 5.90
N THR B 530 -26.07 17.76 6.18
CA THR B 530 -27.17 17.71 7.14
C THR B 530 -26.77 18.09 8.56
N GLN B 531 -25.68 17.54 9.05
CA GLN B 531 -25.24 17.85 10.40
C GLN B 531 -24.93 19.34 10.50
N VAL B 532 -24.29 19.91 9.49
CA VAL B 532 -23.91 21.31 9.54
C VAL B 532 -25.14 22.19 9.66
N TYR B 533 -26.11 21.99 8.78
CA TYR B 533 -27.37 22.73 8.84
C TYR B 533 -28.03 22.63 10.23
N LYS B 534 -28.12 21.42 10.76
CA LYS B 534 -28.68 21.20 12.09
C LYS B 534 -27.99 22.04 13.17
N GLU B 535 -26.67 22.01 13.22
CA GLU B 535 -25.99 22.71 14.30
C GLU B 535 -25.71 24.19 14.04
N GLN B 536 -25.65 24.60 12.77
CA GLN B 536 -25.44 26.02 12.48
C GLN B 536 -26.75 26.79 12.23
N VAL B 537 -27.87 26.10 12.07
CA VAL B 537 -29.15 26.78 11.81
C VAL B 537 -30.29 26.41 12.77
N LEU B 538 -30.58 25.13 12.90
CA LEU B 538 -31.72 24.70 13.68
C LEU B 538 -31.49 24.87 15.18
N GLU B 539 -30.31 24.51 15.66
CA GLU B 539 -30.00 24.71 17.08
C GLU B 539 -30.07 26.18 17.51
N PRO B 540 -29.40 27.07 16.77
CA PRO B 540 -29.54 28.48 17.17
C PRO B 540 -30.99 28.98 17.10
N MET B 541 -31.80 28.37 16.25
CA MET B 541 -33.22 28.74 16.18
C MET B 541 -33.98 28.22 17.39
N LEU B 542 -33.59 27.04 17.88
CA LEU B 542 -34.22 26.44 19.05
C LEU B 542 -33.83 27.16 20.34
N ASN B 543 -32.53 27.35 20.54
CA ASN B 543 -32.03 27.91 21.79
C ASN B 543 -31.95 29.43 21.80
N GLY B 544 -32.03 30.04 20.63
CA GLY B 544 -31.74 31.46 20.52
C GLY B 544 -30.28 31.71 20.77
N THR B 545 -29.83 32.93 20.53
CA THR B 545 -28.47 33.33 20.85
C THR B 545 -28.50 34.57 21.73
N ASP B 546 -27.35 35.21 21.91
CA ASP B 546 -27.30 36.48 22.63
C ASP B 546 -27.91 37.59 21.76
N LYS B 547 -27.75 37.46 20.45
CA LYS B 547 -28.30 38.43 19.49
C LYS B 547 -29.83 38.33 19.32
N THR B 548 -30.36 37.10 19.32
CA THR B 548 -31.75 36.85 18.98
C THR B 548 -32.46 35.90 19.95
N PRO B 549 -33.80 35.97 19.99
CA PRO B 549 -34.57 34.97 20.76
C PRO B 549 -34.93 33.75 19.91
N ALA B 550 -35.26 32.65 20.58
CA ALA B 550 -35.63 31.41 19.91
C ALA B 550 -36.84 31.55 19.00
N LEU B 551 -36.66 31.18 17.74
CA LEU B 551 -37.72 31.27 16.73
C LEU B 551 -38.58 30.00 16.71
N ILE B 552 -37.95 28.85 16.89
CA ILE B 552 -38.71 27.62 16.81
C ILE B 552 -38.87 27.00 18.17
N SER B 553 -39.76 26.01 18.25
CA SER B 553 -40.12 25.42 19.52
C SER B 553 -39.55 24.02 19.69
N ASP B 554 -39.56 23.25 18.61
CA ASP B 554 -38.93 21.92 18.59
C ASP B 554 -38.60 21.54 17.15
N TYR B 555 -37.73 20.55 17.01
CA TYR B 555 -37.51 19.93 15.70
C TYR B 555 -37.18 18.45 15.88
N LYS B 556 -37.75 17.61 15.02
CA LYS B 556 -37.40 16.18 14.99
C LYS B 556 -36.79 15.83 13.63
N GLU B 557 -35.96 14.79 13.58
CA GLU B 557 -35.28 14.37 12.36
C GLU B 557 -35.73 12.98 11.90
N TYR B 558 -36.08 12.88 10.62
CA TYR B 558 -36.50 11.62 10.05
C TYR B 558 -35.74 11.37 8.77
N HIS B 559 -34.41 11.51 8.84
CA HIS B 559 -33.56 11.35 7.66
C HIS B 559 -33.31 9.90 7.35
N THR B 560 -32.83 9.66 6.15
CA THR B 560 -32.18 8.39 5.83
C THR B 560 -30.73 8.71 5.49
N ASP B 561 -30.03 7.73 4.94
CA ASP B 561 -28.62 7.93 4.59
C ASP B 561 -28.49 8.95 3.47
N THR B 562 -29.50 9.00 2.61
CA THR B 562 -29.46 9.78 1.38
C THR B 562 -30.53 10.88 1.24
N THR B 563 -31.37 11.07 2.26
CA THR B 563 -32.45 12.06 2.18
C THR B 563 -32.56 12.89 3.46
N VAL B 564 -33.18 14.06 3.35
CA VAL B 564 -33.31 14.96 4.48
C VAL B 564 -34.76 15.13 4.89
N LYS B 565 -35.06 14.93 6.17
CA LYS B 565 -36.39 15.27 6.71
C LYS B 565 -36.31 15.90 8.09
N PHE B 566 -36.59 17.20 8.18
CA PHE B 566 -36.74 17.86 9.46
C PHE B 566 -38.20 18.25 9.65
N VAL B 567 -38.76 17.91 10.81
CA VAL B 567 -40.07 18.47 11.15
C VAL B 567 -39.93 19.50 12.26
N VAL B 568 -40.40 20.70 12.01
CA VAL B 568 -40.20 21.80 12.92
C VAL B 568 -41.51 22.32 13.52
N LYS B 569 -41.56 22.40 14.85
CA LYS B 569 -42.71 23.01 15.52
C LYS B 569 -42.44 24.46 15.91
N MET B 570 -43.44 25.28 15.66
CA MET B 570 -43.36 26.71 15.84
C MET B 570 -44.71 27.22 16.35
N THR B 571 -44.71 28.25 17.20
CA THR B 571 -45.97 28.90 17.54
C THR B 571 -46.50 29.55 16.26
N GLU B 572 -47.82 29.63 16.12
CA GLU B 572 -48.38 30.11 14.86
C GLU B 572 -48.16 31.59 14.64
N GLU B 573 -47.96 32.34 15.71
CA GLU B 573 -47.52 33.72 15.57
C GLU B 573 -46.12 33.73 14.96
N LYS B 574 -45.23 32.91 15.50
CA LYS B 574 -43.87 32.79 14.96
C LYS B 574 -43.86 32.28 13.51
N LEU B 575 -44.62 31.22 13.23
CA LEU B 575 -44.76 30.72 11.87
C LEU B 575 -45.26 31.81 10.94
N ALA B 576 -46.19 32.62 11.44
CA ALA B 576 -46.74 33.72 10.67
C ALA B 576 -45.64 34.67 10.17
N GLN B 577 -44.72 35.01 11.05
CA GLN B 577 -43.66 35.98 10.72
C GLN B 577 -42.65 35.40 9.74
N ALA B 578 -42.16 34.20 10.06
CA ALA B 578 -41.19 33.51 9.21
C ALA B 578 -41.79 33.41 7.82
N GLU B 579 -43.08 33.10 7.75
CA GLU B 579 -43.77 32.95 6.49
C GLU B 579 -43.94 34.29 5.77
N ALA B 580 -44.02 35.37 6.55
CA ALA B 580 -44.19 36.71 6.01
C ALA B 580 -42.87 37.19 5.45
N ALA B 581 -41.80 37.00 6.22
CA ALA B 581 -40.46 37.01 5.66
C ALA B 581 -40.36 35.79 4.71
N GLY B 582 -39.20 35.52 4.13
CA GLY B 582 -39.12 34.31 3.30
C GLY B 582 -38.82 33.04 4.11
N LEU B 583 -39.69 32.04 4.02
CA LEU B 583 -39.40 30.72 4.60
C LEU B 583 -38.03 30.16 4.17
N HIS B 584 -37.80 30.15 2.86
CA HIS B 584 -36.51 29.74 2.34
C HIS B 584 -35.44 30.66 2.85
N LYS B 585 -35.81 31.91 3.10
CA LYS B 585 -34.86 32.91 3.57
C LYS B 585 -34.56 32.78 5.07
N VAL B 586 -35.60 32.65 5.87
CA VAL B 586 -35.48 32.61 7.32
C VAL B 586 -34.78 31.33 7.74
N PHE B 587 -34.98 30.26 7.00
CA PHE B 587 -34.40 28.98 7.34
C PHE B 587 -33.10 28.68 6.60
N LYS B 588 -32.55 29.69 5.91
CA LYS B 588 -31.26 29.59 5.21
C LYS B 588 -31.23 28.42 4.24
N LEU B 589 -32.19 28.35 3.33
CA LEU B 589 -32.23 27.24 2.40
C LEU B 589 -31.99 27.78 1.02
N GLN B 590 -31.39 28.96 0.94
CA GLN B 590 -30.97 29.54 -0.33
C GLN B 590 -29.48 29.89 -0.29
N THR B 591 -28.71 29.33 -1.21
CA THR B 591 -27.33 29.72 -1.35
C THR B 591 -27.09 30.12 -2.81
N THR B 592 -26.22 31.08 -3.03
CA THR B 592 -25.86 31.38 -4.40
C THR B 592 -24.74 30.43 -4.84
N LEU B 593 -24.59 30.32 -6.16
CA LEU B 593 -23.52 29.56 -6.76
C LEU B 593 -22.98 30.39 -7.89
N THR B 594 -21.67 30.63 -7.91
CA THR B 594 -21.07 31.58 -8.84
C THR B 594 -19.82 31.05 -9.53
N CYS B 595 -19.87 31.02 -10.86
CA CYS B 595 -18.85 30.35 -11.65
C CYS B 595 -18.07 31.25 -12.60
N ASN B 596 -17.32 32.18 -12.04
CA ASN B 596 -16.47 33.06 -12.84
C ASN B 596 -15.03 32.64 -12.94
N SER B 597 -14.73 31.41 -12.54
CA SER B 597 -13.37 30.90 -12.66
C SER B 597 -13.34 29.53 -13.30
N MET B 598 -13.90 29.42 -14.50
CA MET B 598 -13.87 28.15 -15.22
C MET B 598 -12.57 28.10 -15.99
N VAL B 599 -11.51 27.75 -15.27
CA VAL B 599 -10.16 27.69 -15.82
C VAL B 599 -9.78 26.23 -16.00
N LEU B 600 -9.30 25.90 -17.19
CA LEU B 600 -8.97 24.52 -17.55
C LEU B 600 -7.77 24.47 -18.51
N PHE B 601 -7.10 23.32 -18.59
CA PHE B 601 -6.10 23.08 -19.61
C PHE B 601 -6.80 22.64 -20.88
N ASP B 602 -6.53 23.30 -22.01
CA ASP B 602 -7.08 22.88 -23.28
C ASP B 602 -6.37 21.62 -23.79
N HIS B 603 -6.84 21.07 -24.90
CA HIS B 603 -6.28 19.81 -25.38
C HIS B 603 -4.79 19.94 -25.67
N MET B 604 -4.35 21.15 -26.00
CA MET B 604 -2.94 21.43 -26.29
C MET B 604 -2.14 21.61 -25.03
N GLY B 605 -2.78 21.51 -23.88
CA GLY B 605 -2.08 21.64 -22.61
C GLY B 605 -1.88 23.08 -22.17
N CYS B 606 -2.58 24.01 -22.83
CA CYS B 606 -2.52 25.41 -22.47
C CYS B 606 -3.61 25.82 -21.49
N LEU B 607 -3.22 26.56 -20.47
CA LEU B 607 -4.15 27.01 -19.47
C LEU B 607 -5.07 28.07 -20.05
N LYS B 608 -6.38 27.87 -19.90
CA LYS B 608 -7.34 28.71 -20.60
C LYS B 608 -8.55 29.03 -19.75
N LYS B 609 -9.05 30.26 -19.89
CA LYS B 609 -10.24 30.67 -19.13
C LYS B 609 -11.49 30.66 -19.98
N TYR B 610 -12.50 29.91 -19.54
CA TYR B 610 -13.75 29.80 -20.29
C TYR B 610 -14.88 30.64 -19.66
N GLU B 611 -15.51 31.48 -20.46
CA GLU B 611 -16.57 32.35 -19.97
C GLU B 611 -17.91 31.67 -19.72
N THR B 612 -18.27 30.68 -20.56
CA THR B 612 -19.54 29.98 -20.44
C THR B 612 -19.32 28.49 -20.65
N VAL B 613 -20.17 27.65 -20.06
CA VAL B 613 -20.05 26.22 -20.30
C VAL B 613 -20.29 25.87 -21.77
N GLN B 614 -20.99 26.77 -22.48
CA GLN B 614 -21.21 26.64 -23.91
C GLN B 614 -19.89 26.59 -24.66
N ASP B 615 -18.99 27.52 -24.32
CA ASP B 615 -17.65 27.50 -24.87
C ASP B 615 -16.96 26.16 -24.60
N ILE B 616 -17.08 25.67 -23.38
CA ILE B 616 -16.46 24.40 -23.01
C ILE B 616 -17.03 23.25 -23.82
N LEU B 617 -18.34 23.20 -23.94
CA LEU B 617 -19.02 22.16 -24.71
C LEU B 617 -18.65 22.22 -26.19
N LYS B 618 -18.54 23.43 -26.73
CA LYS B 618 -18.21 23.54 -28.14
C LYS B 618 -16.77 23.10 -28.39
N GLU B 619 -15.83 23.57 -27.58
CA GLU B 619 -14.42 23.20 -27.72
C GLU B 619 -14.22 21.68 -27.55
N PHE B 620 -14.93 21.07 -26.60
CA PHE B 620 -14.85 19.62 -26.41
C PHE B 620 -15.38 18.88 -27.62
N PHE B 621 -16.50 19.40 -28.14
CA PHE B 621 -17.23 18.81 -29.24
C PHE B 621 -16.41 18.72 -30.54
N ASP B 622 -15.82 19.84 -30.95
CA ASP B 622 -15.00 19.84 -32.16
C ASP B 622 -13.89 18.79 -32.06
N LEU B 623 -13.27 18.71 -30.89
CA LEU B 623 -12.19 17.78 -30.64
C LEU B 623 -12.70 16.34 -30.68
N ARG B 624 -13.82 16.08 -30.00
CA ARG B 624 -14.30 14.72 -29.92
C ARG B 624 -14.83 14.24 -31.26
N LEU B 625 -15.45 15.12 -32.03
CA LEU B 625 -15.83 14.81 -33.39
C LEU B 625 -14.59 14.45 -34.20
N SER B 626 -13.56 15.27 -34.09
CA SER B 626 -12.34 15.04 -34.83
C SER B 626 -11.75 13.67 -34.48
N TYR B 627 -11.83 13.30 -33.20
CA TYR B 627 -11.31 12.03 -32.77
C TYR B 627 -12.16 10.85 -33.22
N TYR B 628 -13.44 11.10 -33.50
CA TYR B 628 -14.25 10.06 -34.14
C TYR B 628 -13.84 9.87 -35.61
N GLY B 629 -13.35 10.93 -36.23
CA GLY B 629 -12.77 10.82 -37.55
C GLY B 629 -11.56 9.90 -37.48
N LEU B 630 -10.72 10.13 -36.48
CA LEU B 630 -9.54 9.35 -36.27
C LEU B 630 -9.86 7.88 -35.95
N ARG B 631 -10.82 7.65 -35.07
CA ARG B 631 -11.17 6.28 -34.76
C ARG B 631 -11.56 5.57 -36.05
N LYS B 632 -12.28 6.26 -36.92
CA LYS B 632 -12.69 5.66 -38.18
C LYS B 632 -11.48 5.36 -39.06
N GLU B 633 -10.61 6.36 -39.27
CA GLU B 633 -9.41 6.15 -40.06
C GLU B 633 -8.63 4.95 -39.55
N TRP B 634 -8.49 4.88 -38.23
CA TRP B 634 -7.70 3.84 -37.59
C TRP B 634 -8.35 2.48 -37.86
N LEU B 635 -9.62 2.37 -37.56
CA LEU B 635 -10.35 1.13 -37.79
C LEU B 635 -10.35 0.68 -39.24
N VAL B 636 -10.56 1.61 -40.17
CA VAL B 636 -10.59 1.25 -41.59
C VAL B 636 -9.24 0.67 -42.02
N GLY B 637 -8.16 1.39 -41.70
CA GLY B 637 -6.80 0.89 -41.89
C GLY B 637 -6.55 -0.49 -41.31
N MET B 638 -6.78 -0.63 -40.01
CA MET B 638 -6.62 -1.90 -39.31
C MET B 638 -7.45 -3.02 -39.92
N LEU B 639 -8.76 -2.83 -40.00
CA LEU B 639 -9.64 -3.88 -40.53
C LEU B 639 -9.34 -4.18 -41.99
N GLY B 640 -8.89 -3.18 -42.74
CA GLY B 640 -8.41 -3.40 -44.08
C GLY B 640 -7.22 -4.33 -44.13
N ALA B 641 -6.23 -4.06 -43.27
CA ALA B 641 -5.08 -4.92 -43.17
C ALA B 641 -5.48 -6.34 -42.78
N GLU B 642 -6.41 -6.45 -41.82
CA GLU B 642 -6.88 -7.76 -41.37
C GLU B 642 -7.56 -8.52 -42.50
N SER B 643 -8.23 -7.78 -43.37
CA SER B 643 -8.90 -8.37 -44.53
C SER B 643 -7.87 -8.90 -45.54
N THR B 644 -6.88 -8.07 -45.84
CA THR B 644 -5.81 -8.47 -46.73
C THR B 644 -5.11 -9.72 -46.18
N LYS B 645 -4.74 -9.64 -44.90
CA LYS B 645 -4.15 -10.77 -44.18
C LYS B 645 -4.98 -12.05 -44.40
N LEU B 646 -6.28 -11.96 -44.15
CA LEU B 646 -7.16 -13.11 -44.32
C LEU B 646 -7.32 -13.55 -45.77
N ASN B 647 -7.23 -12.62 -46.71
CA ASN B 647 -7.33 -12.98 -48.13
C ASN B 647 -6.13 -13.84 -48.51
N ASN B 648 -4.94 -13.39 -48.12
CA ASN B 648 -3.72 -14.15 -48.37
C ASN B 648 -3.73 -15.51 -47.70
N GLN B 649 -4.12 -15.54 -46.43
CA GLN B 649 -4.15 -16.77 -45.68
C GLN B 649 -5.09 -17.79 -46.32
N ALA B 650 -6.28 -17.32 -46.70
CA ALA B 650 -7.25 -18.19 -47.35
C ALA B 650 -6.73 -18.66 -48.71
N ARG B 651 -6.07 -17.77 -49.43
CA ARG B 651 -5.52 -18.14 -50.72
C ARG B 651 -4.47 -19.21 -50.53
N PHE B 652 -3.65 -19.06 -49.50
CA PHE B 652 -2.58 -20.04 -49.24
C PHE B 652 -3.15 -21.43 -48.96
N ILE B 653 -4.02 -21.51 -47.95
CA ILE B 653 -4.69 -22.75 -47.60
C ILE B 653 -5.29 -23.42 -48.82
N LEU B 654 -6.11 -22.67 -49.58
CA LEU B 654 -6.80 -23.21 -50.73
C LEU B 654 -5.82 -23.79 -51.76
N GLU B 655 -4.75 -23.06 -52.04
CA GLU B 655 -3.77 -23.54 -52.99
C GLU B 655 -3.03 -24.76 -52.45
N LYS B 656 -2.76 -24.77 -51.15
CA LYS B 656 -2.12 -25.91 -50.50
C LYS B 656 -2.96 -27.17 -50.72
N ILE B 657 -4.22 -27.14 -50.32
CA ILE B 657 -5.04 -28.34 -50.43
C ILE B 657 -5.30 -28.74 -51.87
N GLN B 658 -5.11 -27.80 -52.80
CA GLN B 658 -5.34 -28.08 -54.22
C GLN B 658 -4.10 -28.60 -54.90
N GLY B 659 -2.97 -28.58 -54.19
CA GLY B 659 -1.74 -29.12 -54.70
C GLY B 659 -0.85 -28.10 -55.39
N LYS B 660 -1.34 -26.87 -55.46
CA LYS B 660 -0.67 -25.82 -56.23
C LYS B 660 0.61 -25.31 -55.54
N ILE B 661 0.66 -25.46 -54.23
CA ILE B 661 1.90 -25.22 -53.46
C ILE B 661 2.22 -26.44 -52.64
N THR B 662 3.49 -26.69 -52.46
CA THR B 662 3.93 -27.63 -51.45
C THR B 662 5.00 -26.95 -50.64
N ILE B 663 5.00 -27.17 -49.32
CA ILE B 663 6.03 -26.59 -48.47
C ILE B 663 6.88 -27.67 -47.85
N GLU B 664 6.38 -28.90 -47.95
CA GLU B 664 7.03 -30.09 -47.40
C GLU B 664 8.51 -30.20 -47.76
N ASN B 665 9.36 -30.16 -46.73
CA ASN B 665 10.82 -30.31 -46.84
C ASN B 665 11.51 -29.32 -47.78
N ARG B 666 11.20 -28.05 -47.62
CA ARG B 666 11.77 -27.01 -48.47
C ARG B 666 12.37 -25.91 -47.63
N SER B 667 13.50 -25.38 -48.07
CA SER B 667 14.23 -24.41 -47.24
C SER B 667 13.48 -23.08 -47.09
N LYS B 668 13.72 -22.40 -45.98
CA LYS B 668 13.09 -21.11 -45.71
C LYS B 668 13.35 -20.17 -46.87
N LYS B 669 14.59 -20.22 -47.37
CA LYS B 669 15.00 -19.44 -48.53
C LYS B 669 14.09 -19.73 -49.72
N ASP B 670 13.97 -21.00 -50.09
CA ASP B 670 13.17 -21.37 -51.26
C ASP B 670 11.69 -21.05 -51.05
N LEU B 671 11.23 -21.14 -49.82
CA LEU B 671 9.82 -20.92 -49.58
C LEU B 671 9.52 -19.43 -49.65
N ILE B 672 10.37 -18.61 -49.04
CA ILE B 672 10.15 -17.17 -49.04
C ILE B 672 10.04 -16.66 -50.47
N GLN B 673 11.05 -16.97 -51.27
CA GLN B 673 11.06 -16.50 -52.65
C GLN B 673 9.89 -17.09 -53.44
N MET B 674 9.54 -18.34 -53.17
CA MET B 674 8.38 -18.93 -53.83
C MET B 674 7.09 -18.15 -53.55
N LEU B 675 6.92 -17.70 -52.32
CA LEU B 675 5.72 -16.95 -51.95
C LEU B 675 5.67 -15.59 -52.63
N VAL B 676 6.82 -14.91 -52.62
CA VAL B 676 6.95 -13.60 -53.28
C VAL B 676 6.57 -13.67 -54.76
N GLN B 677 7.13 -14.64 -55.46
CA GLN B 677 6.85 -14.83 -56.89
C GLN B 677 5.39 -15.19 -57.15
N ARG B 678 4.73 -15.85 -56.20
CA ARG B 678 3.32 -16.16 -56.35
CA ARG B 678 3.32 -16.17 -56.33
C ARG B 678 2.46 -14.97 -55.89
N GLY B 679 3.12 -13.86 -55.58
CA GLY B 679 2.44 -12.62 -55.27
C GLY B 679 1.74 -12.55 -53.93
N TYR B 680 2.29 -13.23 -52.93
CA TYR B 680 1.76 -13.11 -51.58
C TYR B 680 2.26 -11.83 -50.96
N GLU B 681 1.40 -11.17 -50.20
CA GLU B 681 1.75 -9.89 -49.60
C GLU B 681 2.50 -10.12 -48.30
N SER B 682 3.59 -9.40 -48.09
CA SER B 682 4.20 -9.40 -46.77
C SER B 682 3.13 -9.02 -45.74
N ASP B 683 3.34 -9.43 -44.48
CA ASP B 683 2.40 -9.16 -43.39
C ASP B 683 1.74 -7.79 -43.45
N PRO B 684 0.46 -7.74 -43.85
CA PRO B 684 -0.35 -6.52 -44.01
C PRO B 684 -0.51 -5.72 -42.72
N VAL B 685 -0.74 -6.40 -41.60
CA VAL B 685 -0.97 -5.70 -40.35
C VAL B 685 0.33 -5.09 -39.84
N LYS B 686 1.43 -5.81 -39.99
CA LYS B 686 2.74 -5.25 -39.62
C LYS B 686 3.12 -4.05 -40.47
N ALA B 687 2.90 -4.14 -41.78
CA ALA B 687 3.20 -3.03 -42.67
C ALA B 687 2.34 -1.79 -42.39
N TRP B 688 1.09 -2.02 -41.98
CA TRP B 688 0.22 -0.91 -41.63
C TRP B 688 0.69 -0.27 -40.32
N LYS B 689 1.00 -1.09 -39.34
CA LYS B 689 1.48 -0.60 -38.06
C LYS B 689 2.77 0.21 -38.19
N GLU B 690 3.64 -0.22 -39.09
CA GLU B 690 4.87 0.51 -39.37
C GLU B 690 4.58 1.88 -39.96
N ALA B 691 3.80 1.90 -41.04
CA ALA B 691 3.44 3.14 -41.73
C ALA B 691 2.92 4.22 -40.77
N GLN B 692 2.21 3.78 -39.73
CA GLN B 692 1.76 4.65 -38.64
C GLN B 692 2.96 5.35 -37.98
N GLY B 717 13.24 -7.74 -44.98
CA GLY B 717 12.67 -8.55 -46.05
C GLY B 717 11.20 -8.85 -45.83
N PRO B 718 10.59 -9.61 -46.75
CA PRO B 718 9.16 -9.90 -46.64
C PRO B 718 8.84 -10.85 -45.51
N ASP B 719 7.71 -10.61 -44.84
CA ASP B 719 7.32 -11.36 -43.65
C ASP B 719 6.09 -12.23 -43.92
N PHE B 720 6.27 -13.54 -43.99
CA PHE B 720 5.13 -14.43 -44.22
C PHE B 720 4.83 -15.31 -43.01
N ASN B 721 5.33 -14.90 -41.85
CA ASN B 721 5.05 -15.66 -40.64
C ASN B 721 3.55 -15.75 -40.37
N TYR B 722 2.81 -14.71 -40.68
CA TYR B 722 1.36 -14.72 -40.50
C TYR B 722 0.70 -15.91 -41.22
N ILE B 723 1.26 -16.32 -42.35
CA ILE B 723 0.80 -17.50 -43.06
C ILE B 723 1.38 -18.79 -42.47
N LEU B 724 2.70 -18.87 -42.42
CA LEU B 724 3.35 -20.10 -41.99
C LEU B 724 3.16 -20.46 -40.52
N ASN B 725 2.86 -19.47 -39.67
CA ASN B 725 2.59 -19.74 -38.26
C ASN B 725 1.24 -20.40 -38.00
N MET B 726 0.39 -20.47 -39.02
CA MET B 726 -0.90 -21.14 -38.89
C MET B 726 -0.71 -22.59 -38.45
N SER B 727 -1.69 -23.11 -37.72
CA SER B 727 -1.59 -24.50 -37.26
C SER B 727 -1.89 -25.48 -38.38
N LEU B 728 -1.44 -26.72 -38.23
CA LEU B 728 -1.79 -27.76 -39.19
C LEU B 728 -3.31 -27.98 -39.26
N TRP B 729 -4.03 -27.62 -38.21
CA TRP B 729 -5.48 -27.76 -38.25
C TRP B 729 -6.05 -27.01 -39.43
N SER B 730 -5.39 -25.92 -39.81
CA SER B 730 -5.87 -25.02 -40.87
C SER B 730 -6.25 -25.73 -42.17
N LEU B 731 -5.53 -26.80 -42.51
CA LEU B 731 -5.74 -27.55 -43.76
C LEU B 731 -6.93 -28.49 -43.70
N THR B 732 -7.50 -28.69 -42.52
CA THR B 732 -8.61 -29.61 -42.37
C THR B 732 -9.97 -29.02 -42.82
N LYS B 733 -10.92 -29.91 -43.10
CA LYS B 733 -12.18 -29.51 -43.74
C LYS B 733 -12.91 -28.36 -43.04
N GLU B 734 -13.24 -28.53 -41.76
CA GLU B 734 -13.95 -27.50 -41.01
C GLU B 734 -13.17 -26.18 -40.95
N LYS B 735 -11.86 -26.28 -40.76
CA LYS B 735 -11.02 -25.10 -40.62
C LYS B 735 -10.88 -24.33 -41.95
N VAL B 736 -11.07 -25.01 -43.06
CA VAL B 736 -11.05 -24.33 -44.34
C VAL B 736 -12.34 -23.54 -44.53
N GLU B 737 -13.48 -24.21 -44.37
CA GLU B 737 -14.79 -23.57 -44.41
C GLU B 737 -14.87 -22.36 -43.49
N GLU B 738 -14.32 -22.50 -42.29
CA GLU B 738 -14.35 -21.46 -41.27
C GLU B 738 -13.50 -20.24 -41.64
N LEU B 739 -12.36 -20.49 -42.26
CA LEU B 739 -11.50 -19.39 -42.67
C LEU B 739 -12.13 -18.62 -43.83
N ILE B 740 -12.76 -19.32 -44.77
CA ILE B 740 -13.52 -18.65 -45.83
C ILE B 740 -14.60 -17.74 -45.24
N LYS B 741 -15.36 -18.26 -44.28
CA LYS B 741 -16.36 -17.43 -43.63
C LYS B 741 -15.75 -16.21 -42.93
N GLN B 742 -14.62 -16.40 -42.25
CA GLN B 742 -13.96 -15.28 -41.59
C GLN B 742 -13.49 -14.23 -42.60
N ARG B 743 -12.90 -14.68 -43.70
CA ARG B 743 -12.42 -13.77 -44.76
C ARG B 743 -13.54 -12.90 -45.31
N ASP B 744 -14.71 -13.51 -45.51
CA ASP B 744 -15.83 -12.78 -46.09
C ASP B 744 -16.44 -11.85 -45.06
N ALA B 745 -16.64 -12.37 -43.85
CA ALA B 745 -17.16 -11.57 -42.74
C ALA B 745 -16.35 -10.30 -42.55
N LYS B 746 -15.02 -10.44 -42.63
CA LYS B 746 -14.11 -9.31 -42.41
C LYS B 746 -14.18 -8.31 -43.56
N GLY B 747 -14.29 -8.80 -44.79
CA GLY B 747 -14.53 -7.96 -45.94
C GLY B 747 -15.79 -7.12 -45.77
N ARG B 748 -16.87 -7.76 -45.36
CA ARG B 748 -18.12 -7.04 -45.12
C ARG B 748 -17.98 -6.01 -43.98
N GLU B 749 -17.25 -6.37 -42.93
CA GLU B 749 -16.97 -5.47 -41.83
C GLU B 749 -16.30 -4.16 -42.27
N VAL B 750 -15.19 -4.25 -43.00
CA VAL B 750 -14.50 -3.09 -43.54
C VAL B 750 -15.43 -2.16 -44.35
N ASN B 751 -16.28 -2.76 -45.19
CA ASN B 751 -17.13 -1.96 -46.06
C ASN B 751 -18.26 -1.26 -45.30
N ASP B 752 -18.99 -1.99 -44.46
CA ASP B 752 -20.03 -1.40 -43.62
C ASP B 752 -19.51 -0.21 -42.84
N LEU B 753 -18.24 -0.27 -42.47
CA LEU B 753 -17.64 0.76 -41.65
C LEU B 753 -17.21 1.95 -42.50
N LYS B 754 -16.75 1.68 -43.73
CA LYS B 754 -16.43 2.77 -44.63
C LYS B 754 -17.64 3.67 -44.94
N ARG B 755 -18.84 3.08 -44.90
CA ARG B 755 -20.04 3.82 -45.24
CA ARG B 755 -20.05 3.79 -45.23
C ARG B 755 -20.54 4.72 -44.10
N LYS B 756 -20.31 4.31 -42.85
CA LYS B 756 -20.79 5.09 -41.69
C LYS B 756 -20.00 6.37 -41.56
N SER B 757 -20.61 7.40 -40.98
CA SER B 757 -19.87 8.63 -40.70
C SER B 757 -19.30 8.56 -39.29
N PRO B 758 -18.35 9.46 -38.96
CA PRO B 758 -17.94 9.58 -37.56
C PRO B 758 -19.12 9.90 -36.62
N SER B 759 -20.05 10.74 -37.06
CA SER B 759 -21.23 11.04 -36.26
C SER B 759 -21.97 9.78 -35.86
N ASP B 760 -22.11 8.87 -36.81
CA ASP B 760 -22.87 7.64 -36.57
C ASP B 760 -22.20 6.80 -35.49
N LEU B 761 -20.88 6.80 -35.50
CA LEU B 761 -20.11 6.04 -34.51
C LEU B 761 -20.38 6.66 -33.15
N TRP B 762 -20.26 7.98 -33.09
CA TRP B 762 -20.54 8.72 -31.87
C TRP B 762 -21.93 8.35 -31.37
N LYS B 763 -22.95 8.43 -32.24
CA LYS B 763 -24.31 8.11 -31.83
C LYS B 763 -24.48 6.71 -31.28
N GLU B 764 -23.81 5.73 -31.90
CA GLU B 764 -23.86 4.36 -31.39
C GLU B 764 -23.36 4.33 -29.94
N ASP B 765 -22.22 5.00 -29.69
CA ASP B 765 -21.68 5.10 -28.33
C ASP B 765 -22.70 5.74 -27.37
N LEU B 766 -23.31 6.85 -27.79
CA LEU B 766 -24.26 7.56 -26.95
C LEU B 766 -25.40 6.66 -26.56
N ALA B 767 -25.91 5.91 -27.52
CA ALA B 767 -27.03 5.04 -27.30
C ALA B 767 -26.65 3.93 -26.33
N ALA B 768 -25.43 3.44 -26.45
CA ALA B 768 -25.01 2.33 -25.61
C ALA B 768 -24.79 2.82 -24.17
N PHE B 769 -24.22 4.01 -24.03
CA PHE B 769 -24.05 4.62 -22.73
C PHE B 769 -25.38 4.87 -22.04
N VAL B 770 -26.28 5.57 -22.72
CA VAL B 770 -27.59 5.90 -22.15
C VAL B 770 -28.37 4.66 -21.71
N GLU B 771 -28.37 3.63 -22.54
CA GLU B 771 -29.04 2.40 -22.20
C GLU B 771 -28.59 1.87 -20.85
N GLU B 772 -27.28 1.84 -20.61
CA GLU B 772 -26.74 1.34 -19.35
C GLU B 772 -26.90 2.34 -18.19
N LEU B 773 -26.98 3.61 -18.52
CA LEU B 773 -27.18 4.64 -17.51
C LEU B 773 -28.58 4.47 -16.95
N ASP B 774 -29.52 4.12 -17.82
CA ASP B 774 -30.88 3.77 -17.38
C ASP B 774 -30.87 2.55 -16.44
N LYS B 775 -30.15 1.48 -16.80
CA LYS B 775 -30.13 0.29 -15.94
C LYS B 775 -29.53 0.59 -14.58
N VAL B 776 -28.33 1.18 -14.58
CA VAL B 776 -27.62 1.50 -13.34
C VAL B 776 -28.44 2.42 -12.44
N GLU B 777 -28.97 3.49 -13.00
CA GLU B 777 -29.67 4.46 -12.17
C GLU B 777 -30.99 3.90 -11.67
N SER B 778 -31.62 3.06 -12.47
CA SER B 778 -32.84 2.39 -12.05
C SER B 778 -32.51 1.41 -10.91
N GLN B 779 -31.41 0.70 -11.06
CA GLN B 779 -30.88 -0.17 -10.03
C GLN B 779 -30.57 0.59 -8.73
N GLU B 780 -29.98 1.77 -8.84
CA GLU B 780 -29.64 2.57 -7.66
C GLU B 780 -30.87 2.98 -6.86
N ARG B 781 -31.97 3.29 -7.55
CA ARG B 781 -33.22 3.73 -6.90
C ARG B 781 -33.96 2.60 -6.17
N GLU B 782 -33.49 1.38 -6.34
CA GLU B 782 -34.09 0.24 -5.66
C GLU B 782 -33.15 -0.40 -4.64
N ASP B 783 -31.85 -0.38 -4.92
CA ASP B 783 -30.85 -0.91 -3.99
C ASP B 783 -30.86 -0.14 -2.66
#